data_5DCE
#
_entry.id   5DCE
#
_cell.length_a   73.432
_cell.length_b   138.042
_cell.length_c   75.868
_cell.angle_alpha   90.00
_cell.angle_beta   96.58
_cell.angle_gamma   90.00
#
_symmetry.space_group_name_H-M   'P 1 21 1'
#
loop_
_entity.id
_entity.type
_entity.pdbx_description
1 polymer 'Phospho-2-dehydro-3-deoxyheptonate aldolase'
2 non-polymer 'MANGANESE (II) ION'
3 non-polymer TRYPTOPHAN
4 water water
#
_entity_poly.entity_id   1
_entity_poly.type   'polypeptide(L)'
_entity_poly.pdbx_seq_one_letter_code
;MTHHYPTDDIKIKEVKELLPPIAHLYELPISKEASGLVHRTRQEISDLVHGRDKRLLVIIGPCSIHDPKAALEYAERLLK
LRKQYENELLIVMRVYFEKPRTTVGWKGLINDPHLDGTFDINFGLRQARSLLLSLNNMGMPASTEFLDMITPQYYADLIS
WGAIGARTTESQVHRELASGLSCPVGFKNGTDGNLKIAIDAIGAASHSHHFLSVTKAGHSAIVHTGGNPDCHVILRGGKE
PNYDAEHVSEAAEQLRAAGVTDKLMIDCSHANSRKDYTRQMEVAQDIAAQLEQDGGNIMGVMVESHLVEGRQDKPEVYGK
SITDACIGWGATEELLALLAGANKKRMARAS
;
_entity_poly.pdbx_strand_id   A,B,C,D
#
loop_
_chem_comp.id
_chem_comp.type
_chem_comp.name
_chem_comp.formula
MN non-polymer 'MANGANESE (II) ION' 'Mn 2'
#
# COMPACT_ATOMS: atom_id res chain seq x y z
N PRO A 6 -0.19 -2.65 -27.45
CA PRO A 6 0.20 -3.11 -26.10
C PRO A 6 1.71 -3.01 -25.87
N THR A 7 2.10 -2.46 -24.72
CA THR A 7 3.53 -2.33 -24.37
C THR A 7 3.86 -2.64 -22.92
N ASP A 8 2.86 -3.03 -22.12
CA ASP A 8 3.03 -3.20 -20.68
C ASP A 8 2.82 -4.66 -20.23
N ASP A 9 3.81 -5.21 -19.53
CA ASP A 9 3.74 -6.57 -18.95
C ASP A 9 3.50 -7.70 -19.97
N ILE A 10 3.99 -7.54 -21.20
CA ILE A 10 3.81 -8.56 -22.24
C ILE A 10 4.39 -9.91 -21.81
N LYS A 11 5.56 -9.90 -21.18
CA LYS A 11 6.23 -11.13 -20.75
C LYS A 11 6.08 -11.43 -19.25
N ILE A 12 4.94 -11.02 -18.67
CA ILE A 12 4.62 -11.33 -17.26
C ILE A 12 3.43 -12.30 -17.28
N LYS A 13 3.59 -13.46 -16.64
CA LYS A 13 2.50 -14.45 -16.55
C LYS A 13 1.55 -14.08 -15.44
N GLU A 14 2.09 -13.61 -14.32
CA GLU A 14 1.24 -13.28 -13.18
C GLU A 14 1.94 -12.40 -12.15
N VAL A 15 1.12 -11.59 -11.47
CA VAL A 15 1.54 -10.82 -10.34
C VAL A 15 0.74 -11.34 -9.15
N LYS A 16 1.45 -11.81 -8.12
CA LYS A 16 0.78 -12.46 -7.00
C LYS A 16 0.90 -11.69 -5.67
N GLU A 17 -0.01 -12.02 -4.78
CA GLU A 17 -0.12 -11.38 -3.47
C GLU A 17 1.13 -11.67 -2.63
N LEU A 18 1.70 -10.65 -2.02
CA LEU A 18 2.84 -10.80 -1.15
C LEU A 18 2.51 -10.19 0.17
N LEU A 19 2.49 -11.00 1.24
CA LEU A 19 2.32 -10.45 2.58
C LEU A 19 3.46 -9.48 2.84
N PRO A 20 3.15 -8.33 3.47
CA PRO A 20 4.23 -7.39 3.79
C PRO A 20 5.02 -7.83 5.01
N PRO A 21 6.21 -7.24 5.21
CA PRO A 21 7.02 -7.62 6.33
C PRO A 21 6.29 -7.52 7.65
N ILE A 22 5.49 -6.49 7.85
CA ILE A 22 4.77 -6.40 9.14
C ILE A 22 3.89 -7.57 9.52
N ALA A 23 3.38 -8.30 8.54
CA ALA A 23 2.61 -9.49 8.83
C ALA A 23 3.49 -10.52 9.55
N HIS A 24 4.69 -10.70 9.05
CA HIS A 24 5.58 -11.68 9.63
C HIS A 24 6.11 -11.17 10.95
N LEU A 25 6.45 -9.88 11.00
CA LEU A 25 6.94 -9.29 12.27
C LEU A 25 5.92 -9.33 13.40
N TYR A 26 4.63 -9.24 13.06
CA TYR A 26 3.56 -9.36 14.06
C TYR A 26 3.42 -10.78 14.60
N GLU A 27 3.55 -11.76 13.73
CA GLU A 27 3.46 -13.14 14.15
C GLU A 27 4.71 -13.58 14.89
N LEU A 28 5.86 -13.07 14.44
CA LEU A 28 7.15 -13.53 14.96
C LEU A 28 7.99 -12.34 15.34
N PRO A 29 7.55 -11.59 16.39
CA PRO A 29 8.32 -10.46 16.85
C PRO A 29 9.64 -10.91 17.41
N ILE A 30 10.66 -10.09 17.25
CA ILE A 30 11.94 -10.40 17.82
C ILE A 30 11.83 -10.35 19.33
N SER A 31 12.46 -11.30 20.01
CA SER A 31 12.43 -11.35 21.47
C SER A 31 13.55 -10.51 22.08
N LYS A 32 13.41 -10.15 23.35
CA LYS A 32 14.46 -9.45 24.09
C LYS A 32 15.83 -10.12 23.87
N GLU A 33 15.87 -11.43 24.08
CA GLU A 33 17.12 -12.21 23.99
C GLU A 33 17.71 -12.15 22.56
N ALA A 34 16.87 -12.39 21.56
CA ALA A 34 17.33 -12.32 20.18
C ALA A 34 17.90 -10.93 19.88
N SER A 35 17.24 -9.87 20.34
CA SER A 35 17.76 -8.51 20.08
C SER A 35 19.13 -8.34 20.67
N GLY A 36 19.26 -8.74 21.94
CA GLY A 36 20.51 -8.59 22.67
C GLY A 36 21.59 -9.31 21.91
N LEU A 37 21.31 -10.54 21.50
CA LEU A 37 22.29 -11.37 20.82
C LEU A 37 22.71 -10.76 19.47
N VAL A 38 21.71 -10.36 18.68
CA VAL A 38 21.99 -9.71 17.42
C VAL A 38 22.82 -8.45 17.64
N HIS A 39 22.40 -7.64 18.59
CA HIS A 39 23.07 -6.37 18.84
C HIS A 39 24.56 -6.57 19.15
N ARG A 40 24.86 -7.44 20.09
CA ARG A 40 26.25 -7.58 20.53
C ARG A 40 27.10 -8.40 19.56
N THR A 41 26.50 -9.38 18.89
CA THR A 41 27.24 -10.10 17.85
C THR A 41 27.64 -9.13 16.74
N ARG A 42 26.78 -8.16 16.44
CA ARG A 42 27.12 -7.19 15.42
C ARG A 42 28.27 -6.30 15.87
N GLN A 43 28.19 -5.82 17.12
CA GLN A 43 29.32 -5.11 17.73
C GLN A 43 30.59 -5.94 17.74
N GLU A 44 30.50 -7.17 18.24
CA GLU A 44 31.67 -8.04 18.31
C GLU A 44 32.36 -8.24 16.96
N ILE A 45 31.56 -8.36 15.91
CA ILE A 45 32.10 -8.54 14.54
C ILE A 45 32.70 -7.23 14.07
N SER A 46 32.04 -6.13 14.40
CA SER A 46 32.57 -4.81 14.11
C SER A 46 33.99 -4.69 14.68
N ASP A 47 34.17 -5.10 15.95
CA ASP A 47 35.47 -5.05 16.59
C ASP A 47 36.49 -5.90 15.85
N LEU A 48 36.08 -7.06 15.34
CA LEU A 48 36.97 -7.88 14.51
C LEU A 48 37.33 -7.19 13.20
N VAL A 49 36.35 -6.56 12.57
CA VAL A 49 36.58 -5.88 11.28
C VAL A 49 37.59 -4.73 11.39
N HIS A 50 37.58 -4.01 12.52
CA HIS A 50 38.43 -2.84 12.70
C HIS A 50 39.70 -3.09 13.52
N GLY A 51 39.96 -4.35 13.86
CA GLY A 51 41.23 -4.73 14.50
C GLY A 51 41.26 -4.54 16.01
N ARG A 52 40.08 -4.34 16.61
CA ARG A 52 40.00 -4.08 18.04
C ARG A 52 39.94 -5.38 18.85
N ASP A 53 39.64 -6.49 18.18
CA ASP A 53 39.64 -7.81 18.82
C ASP A 53 40.26 -8.78 17.84
N LYS A 54 40.94 -9.80 18.36
CA LYS A 54 41.72 -10.72 17.54
C LYS A 54 41.12 -12.13 17.45
N ARG A 55 39.90 -12.28 17.91
CA ARG A 55 39.17 -13.52 17.70
C ARG A 55 38.88 -13.73 16.22
N LEU A 56 38.56 -14.95 15.85
CA LEU A 56 38.35 -15.30 14.46
C LEU A 56 36.86 -15.49 14.28
N LEU A 57 36.28 -14.68 13.39
CA LEU A 57 34.88 -14.83 13.06
C LEU A 57 34.78 -16.06 12.20
N VAL A 58 33.99 -17.05 12.61
CA VAL A 58 33.79 -18.26 11.81
C VAL A 58 32.31 -18.33 11.35
N ILE A 59 32.10 -18.14 10.05
CA ILE A 59 30.80 -18.22 9.47
C ILE A 59 30.74 -19.64 8.94
N ILE A 60 29.95 -20.49 9.59
CA ILE A 60 29.97 -21.92 9.31
C ILE A 60 28.58 -22.51 9.36
N GLY A 61 28.32 -23.43 8.44
CA GLY A 61 27.04 -24.08 8.30
C GLY A 61 26.70 -24.50 6.88
N PRO A 62 25.46 -24.89 6.63
CA PRO A 62 25.13 -25.39 5.32
C PRO A 62 25.37 -24.39 4.19
N CYS A 63 25.63 -24.91 3.01
CA CYS A 63 25.65 -24.09 1.82
C CYS A 63 24.30 -23.38 1.73
N SER A 64 23.22 -24.16 1.78
CA SER A 64 21.86 -23.62 1.87
C SER A 64 21.09 -24.42 2.88
N ILE A 65 20.07 -23.78 3.42
CA ILE A 65 19.10 -24.39 4.30
C ILE A 65 17.93 -24.89 3.46
N HIS A 66 17.73 -26.19 3.39
CA HIS A 66 16.52 -26.71 2.79
C HIS A 66 15.57 -27.38 3.77
N ASP A 67 16.02 -27.55 5.01
CA ASP A 67 15.22 -28.20 6.04
C ASP A 67 15.48 -27.62 7.44
N PRO A 68 14.53 -26.84 7.95
CA PRO A 68 14.76 -26.17 9.22
C PRO A 68 14.98 -27.10 10.41
N LYS A 69 14.43 -28.31 10.38
CA LYS A 69 14.60 -29.25 11.51
C LYS A 69 16.06 -29.63 11.64
N ALA A 70 16.64 -30.08 10.54
CA ALA A 70 18.07 -30.33 10.46
C ALA A 70 18.88 -29.09 10.80
N ALA A 71 18.43 -27.93 10.34
CA ALA A 71 19.16 -26.71 10.66
C ALA A 71 19.21 -26.49 12.17
N LEU A 72 18.09 -26.72 12.86
CA LEU A 72 18.05 -26.55 14.32
C LEU A 72 18.88 -27.60 15.07
N GLU A 73 18.84 -28.85 14.64
CA GLU A 73 19.71 -29.86 15.20
C GLU A 73 21.21 -29.56 14.99
N TYR A 74 21.57 -29.08 13.79
CA TYR A 74 22.92 -28.63 13.51
C TYR A 74 23.28 -27.48 14.45
N ALA A 75 22.39 -26.50 14.58
CA ALA A 75 22.64 -25.37 15.47
C ALA A 75 22.93 -25.78 16.93
N GLU A 76 22.15 -26.75 17.44
N GLU A 76 22.15 -26.72 17.45
CA GLU A 76 22.32 -27.27 18.81
CA GLU A 76 22.34 -27.15 18.85
C GLU A 76 23.74 -27.77 19.02
C GLU A 76 23.71 -27.81 19.06
N ARG A 77 24.24 -28.48 18.03
CA ARG A 77 25.60 -29.00 18.09
C ARG A 77 26.64 -27.90 17.99
N LEU A 78 26.43 -26.99 17.05
CA LEU A 78 27.37 -25.89 16.83
C LEU A 78 27.41 -25.03 18.06
N LEU A 79 26.28 -24.81 18.69
CA LEU A 79 26.24 -24.01 19.90
C LEU A 79 27.24 -24.46 20.98
N LYS A 80 27.46 -25.76 21.13
CA LYS A 80 28.38 -26.25 22.18
C LYS A 80 29.81 -25.83 21.86
N LEU A 81 30.15 -25.83 20.57
CA LEU A 81 31.48 -25.42 20.12
C LEU A 81 31.63 -23.91 20.15
N ARG A 82 30.53 -23.20 19.88
CA ARG A 82 30.50 -21.74 20.02
C ARG A 82 30.91 -21.33 21.43
N LYS A 83 30.26 -21.93 22.42
CA LYS A 83 30.57 -21.62 23.81
C LYS A 83 31.99 -22.04 24.12
N GLN A 84 32.31 -23.29 23.82
CA GLN A 84 33.63 -23.83 24.11
C GLN A 84 34.75 -22.95 23.56
N TYR A 85 34.60 -22.42 22.35
CA TYR A 85 35.70 -21.70 21.71
C TYR A 85 35.54 -20.17 21.75
N GLU A 86 34.62 -19.70 22.57
CA GLU A 86 34.25 -18.27 22.58
C GLU A 86 35.41 -17.30 22.82
N ASN A 87 36.49 -17.76 23.47
CA ASN A 87 37.65 -16.89 23.73
C ASN A 87 38.61 -16.73 22.54
N GLU A 88 38.53 -17.69 21.61
CA GLU A 88 39.34 -17.75 20.40
C GLU A 88 38.55 -17.46 19.12
N LEU A 89 37.35 -18.03 19.02
CA LEU A 89 36.53 -17.96 17.84
C LEU A 89 35.17 -17.37 18.16
N LEU A 90 34.65 -16.56 17.24
CA LEU A 90 33.27 -16.09 17.30
C LEU A 90 32.53 -16.84 16.23
N ILE A 91 31.73 -17.82 16.66
CA ILE A 91 31.06 -18.73 15.73
C ILE A 91 29.63 -18.28 15.46
N VAL A 92 29.33 -18.14 14.19
CA VAL A 92 28.05 -17.62 13.72
C VAL A 92 27.62 -18.58 12.64
N MET A 93 26.40 -19.07 12.70
CA MET A 93 25.93 -20.06 11.75
C MET A 93 25.52 -19.46 10.39
N ARG A 94 25.85 -20.19 9.36
CA ARG A 94 25.39 -19.91 8.02
C ARG A 94 23.96 -20.33 7.91
N VAL A 95 23.10 -19.37 7.58
CA VAL A 95 21.71 -19.63 7.37
C VAL A 95 21.34 -18.97 6.02
N TYR A 96 21.81 -19.59 4.93
CA TYR A 96 21.60 -19.05 3.59
C TYR A 96 20.43 -19.77 2.98
N PHE A 97 19.49 -19.04 2.40
CA PHE A 97 18.28 -19.68 1.92
C PHE A 97 18.32 -20.11 0.47
N GLU A 98 19.20 -19.48 -0.31
CA GLU A 98 19.33 -19.77 -1.75
C GLU A 98 20.76 -19.63 -2.25
N LYS A 99 21.26 -20.68 -2.90
CA LYS A 99 22.42 -20.61 -3.78
C LYS A 99 22.01 -20.02 -5.15
N PRO A 100 22.49 -18.79 -5.48
CA PRO A 100 22.25 -18.28 -6.84
C PRO A 100 22.79 -19.25 -7.91
N ARG A 101 22.00 -19.50 -8.95
CA ARG A 101 22.28 -20.59 -9.89
C ARG A 101 21.98 -20.13 -11.30
N THR A 102 22.92 -20.31 -12.23
CA THR A 102 22.71 -19.88 -13.64
C THR A 102 21.70 -20.78 -14.36
N THR A 103 21.74 -22.08 -14.06
CA THR A 103 20.75 -23.06 -14.58
C THR A 103 19.51 -23.24 -13.70
N VAL A 104 18.55 -23.96 -14.27
CA VAL A 104 17.38 -24.49 -13.55
C VAL A 104 17.80 -25.43 -12.42
N GLY A 105 16.84 -25.72 -11.54
CA GLY A 105 17.07 -26.45 -10.30
C GLY A 105 16.41 -25.74 -9.13
N TRP A 106 16.66 -26.22 -7.92
CA TRP A 106 16.00 -25.66 -6.73
C TRP A 106 16.38 -24.20 -6.48
N LYS A 107 15.37 -23.39 -6.22
CA LYS A 107 15.51 -21.95 -6.14
C LYS A 107 15.58 -21.41 -4.70
N GLY A 108 15.89 -22.25 -3.72
CA GLY A 108 16.08 -21.79 -2.32
C GLY A 108 14.83 -21.91 -1.45
N LEU A 109 14.98 -21.71 -0.15
CA LEU A 109 13.91 -22.02 0.81
C LEU A 109 12.80 -20.99 0.76
N ILE A 110 13.19 -19.74 0.57
CA ILE A 110 12.26 -18.66 0.46
C ILE A 110 11.37 -18.84 -0.78
N ASN A 111 11.98 -19.09 -1.93
CA ASN A 111 11.27 -19.33 -3.19
C ASN A 111 10.44 -20.58 -3.26
N ASP A 112 11.02 -21.65 -2.78
CA ASP A 112 10.49 -22.97 -3.01
C ASP A 112 10.61 -23.75 -1.72
N PRO A 113 9.91 -23.29 -0.66
CA PRO A 113 10.04 -23.94 0.66
C PRO A 113 9.62 -25.39 0.63
N HIS A 114 8.71 -25.74 -0.28
CA HIS A 114 8.19 -27.10 -0.36
C HIS A 114 9.08 -28.04 -1.19
N LEU A 115 10.16 -27.53 -1.79
CA LEU A 115 11.11 -28.39 -2.50
C LEU A 115 10.41 -29.22 -3.57
N ASP A 116 9.54 -28.58 -4.35
CA ASP A 116 8.74 -29.23 -5.39
C ASP A 116 8.43 -28.31 -6.56
N GLY A 117 9.14 -27.20 -6.67
CA GLY A 117 8.94 -26.26 -7.78
C GLY A 117 7.66 -25.44 -7.76
N THR A 118 6.89 -25.52 -6.69
CA THR A 118 5.81 -24.55 -6.48
C THR A 118 6.60 -23.32 -6.08
N PHE A 119 5.98 -22.16 -5.99
CA PHE A 119 6.66 -21.01 -5.42
C PHE A 119 5.74 -20.52 -4.36
N ASP A 120 6.14 -20.65 -3.12
CA ASP A 120 5.28 -20.32 -2.01
C ASP A 120 6.07 -19.41 -1.13
N ILE A 121 6.37 -18.23 -1.68
CA ILE A 121 7.26 -17.27 -1.10
C ILE A 121 6.72 -16.73 0.23
N ASN A 122 5.41 -16.57 0.32
CA ASN A 122 4.83 -16.18 1.58
C ASN A 122 5.18 -17.21 2.67
N PHE A 123 5.04 -18.50 2.34
CA PHE A 123 5.36 -19.57 3.30
C PHE A 123 6.86 -19.60 3.55
N GLY A 124 7.66 -19.42 2.48
CA GLY A 124 9.10 -19.41 2.61
C GLY A 124 9.62 -18.33 3.54
N LEU A 125 9.05 -17.15 3.45
CA LEU A 125 9.56 -16.03 4.21
C LEU A 125 9.21 -16.24 5.67
N ARG A 126 8.00 -16.75 5.90
CA ARG A 126 7.56 -17.13 7.26
C ARG A 126 8.45 -18.22 7.88
N GLN A 127 8.71 -19.28 7.13
CA GLN A 127 9.69 -20.31 7.55
C GLN A 127 11.08 -19.76 7.78
N ALA A 128 11.55 -18.90 6.88
CA ALA A 128 12.85 -18.31 7.05
C ALA A 128 12.96 -17.50 8.36
N ARG A 129 11.92 -16.71 8.63
CA ARG A 129 11.93 -15.85 9.81
C ARG A 129 11.85 -16.72 11.07
N SER A 130 11.02 -17.75 11.02
CA SER A 130 10.80 -18.57 12.19
C SER A 130 12.08 -19.30 12.57
N LEU A 131 12.79 -19.81 11.56
CA LEU A 131 14.04 -20.49 11.82
C LEU A 131 15.06 -19.55 12.41
N LEU A 132 15.20 -18.36 11.82
CA LEU A 132 16.12 -17.35 12.33
C LEU A 132 15.79 -16.95 13.78
N LEU A 133 14.51 -16.74 14.07
CA LEU A 133 14.12 -16.35 15.42
C LEU A 133 14.45 -17.48 16.42
N SER A 134 14.12 -18.73 16.07
CA SER A 134 14.43 -19.85 16.95
C SER A 134 15.95 -19.92 17.21
N LEU A 135 16.75 -19.84 16.15
CA LEU A 135 18.20 -19.87 16.26
C LEU A 135 18.70 -18.82 17.21
N ASN A 136 18.35 -17.56 16.97
CA ASN A 136 18.78 -16.52 17.86
C ASN A 136 18.28 -16.80 19.27
N ASN A 137 17.09 -17.38 19.40
CA ASN A 137 16.52 -17.64 20.72
C ASN A 137 17.26 -18.68 21.50
N MET A 138 17.93 -19.62 20.83
CA MET A 138 18.74 -20.64 21.50
C MET A 138 20.22 -20.22 21.68
N GLY A 139 20.58 -18.98 21.32
CA GLY A 139 21.94 -18.46 21.48
C GLY A 139 22.84 -18.53 20.25
N MET A 140 22.29 -18.98 19.13
CA MET A 140 23.08 -19.10 17.90
C MET A 140 22.78 -17.92 16.99
N PRO A 141 23.74 -16.99 16.85
CA PRO A 141 23.54 -15.91 15.88
C PRO A 141 23.64 -16.44 14.48
N ALA A 142 23.07 -15.68 13.55
CA ALA A 142 22.88 -16.15 12.19
C ALA A 142 23.44 -15.16 11.19
N SER A 143 23.82 -15.70 10.04
CA SER A 143 24.38 -14.95 8.94
C SER A 143 23.67 -15.40 7.69
N THR A 144 23.62 -14.57 6.65
CA THR A 144 22.96 -14.94 5.42
C THR A 144 23.44 -14.08 4.28
N GLU A 145 23.13 -14.48 3.05
CA GLU A 145 23.41 -13.64 1.90
C GLU A 145 22.12 -13.02 1.48
N PHE A 146 22.16 -11.70 1.36
CA PHE A 146 21.06 -10.94 0.82
C PHE A 146 21.19 -10.81 -0.70
N LEU A 147 20.25 -11.42 -1.39
CA LEU A 147 20.18 -11.46 -2.84
C LEU A 147 19.39 -10.32 -3.47
N ASP A 148 18.29 -9.93 -2.86
CA ASP A 148 17.54 -8.85 -3.44
C ASP A 148 17.35 -7.74 -2.44
N MET A 149 16.61 -6.73 -2.86
CA MET A 149 16.42 -5.56 -2.07
C MET A 149 15.19 -5.62 -1.21
N ILE A 150 14.38 -6.67 -1.33
CA ILE A 150 13.10 -6.73 -0.64
C ILE A 150 13.05 -7.73 0.53
N THR A 151 13.52 -8.96 0.31
CA THR A 151 13.53 -9.96 1.37
C THR A 151 14.17 -9.47 2.70
N PRO A 152 15.23 -8.65 2.66
CA PRO A 152 15.81 -8.24 3.93
C PRO A 152 14.86 -7.61 4.93
N GLN A 153 13.82 -6.92 4.46
CA GLN A 153 12.85 -6.34 5.38
C GLN A 153 12.11 -7.41 6.22
N TYR A 154 12.12 -8.66 5.77
CA TYR A 154 11.42 -9.75 6.47
C TYR A 154 12.20 -10.39 7.60
N TYR A 155 13.53 -10.26 7.59
CA TYR A 155 14.32 -10.91 8.65
C TYR A 155 15.69 -10.35 8.93
N ALA A 156 16.03 -9.14 8.42
CA ALA A 156 17.39 -8.59 8.61
C ALA A 156 17.67 -8.26 10.06
N ASP A 157 16.60 -7.94 10.76
CA ASP A 157 16.69 -7.71 12.18
C ASP A 157 17.20 -8.92 12.97
N LEU A 158 17.14 -10.11 12.38
CA LEU A 158 17.65 -11.33 13.06
C LEU A 158 19.03 -11.80 12.56
N ILE A 159 19.72 -10.95 11.79
CA ILE A 159 20.95 -11.34 11.13
C ILE A 159 22.11 -10.57 11.73
N SER A 160 23.18 -11.27 12.03
CA SER A 160 24.32 -10.68 12.70
C SER A 160 25.48 -10.39 11.74
N TRP A 161 25.40 -10.92 10.53
CA TRP A 161 26.43 -10.71 9.55
C TRP A 161 25.86 -11.10 8.22
N GLY A 162 26.15 -10.30 7.20
CA GLY A 162 25.59 -10.50 5.90
C GLY A 162 26.68 -10.59 4.87
N ALA A 163 26.37 -11.28 3.79
CA ALA A 163 27.25 -11.39 2.69
C ALA A 163 26.59 -10.83 1.46
N ILE A 164 27.41 -10.28 0.59
CA ILE A 164 27.03 -9.97 -0.75
C ILE A 164 27.91 -10.88 -1.58
N GLY A 165 27.28 -11.72 -2.37
CA GLY A 165 28.00 -12.72 -3.13
C GLY A 165 28.90 -12.19 -4.23
N ALA A 166 29.75 -13.09 -4.71
CA ALA A 166 30.67 -12.82 -5.75
C ALA A 166 29.99 -12.25 -7.00
N ARG A 167 28.77 -12.71 -7.27
CA ARG A 167 28.03 -12.31 -8.45
C ARG A 167 27.34 -10.97 -8.35
N THR A 168 27.38 -10.34 -7.19
CA THR A 168 26.69 -9.10 -6.98
C THR A 168 27.52 -8.07 -6.28
N THR A 169 28.75 -8.38 -5.96
CA THR A 169 29.62 -7.43 -5.26
C THR A 169 29.82 -6.17 -6.11
N GLU A 170 29.84 -6.33 -7.44
CA GLU A 170 30.07 -5.22 -8.34
C GLU A 170 28.78 -4.47 -8.63
N SER A 171 27.62 -5.04 -8.27
CA SER A 171 26.32 -4.41 -8.51
C SER A 171 26.07 -3.22 -7.59
N GLN A 172 25.79 -2.07 -8.20
CA GLN A 172 25.58 -0.85 -7.45
C GLN A 172 24.43 -0.96 -6.46
N VAL A 173 23.27 -1.50 -6.83
CA VAL A 173 22.14 -1.56 -5.91
C VAL A 173 22.42 -2.51 -4.74
N HIS A 174 23.30 -3.49 -4.94
CA HIS A 174 23.70 -4.33 -3.81
C HIS A 174 24.65 -3.61 -2.88
N ARG A 175 25.50 -2.76 -3.45
CA ARG A 175 26.32 -1.92 -2.60
C ARG A 175 25.49 -0.91 -1.83
N GLU A 176 24.47 -0.37 -2.48
CA GLU A 176 23.56 0.54 -1.80
C GLU A 176 22.86 -0.19 -0.67
N LEU A 177 22.28 -1.35 -0.96
CA LEU A 177 21.63 -2.16 0.07
C LEU A 177 22.56 -2.33 1.28
N ALA A 178 23.79 -2.74 1.02
CA ALA A 178 24.76 -2.96 2.08
C ALA A 178 24.94 -1.71 2.93
N SER A 179 24.92 -0.55 2.26
CA SER A 179 25.09 0.72 2.94
C SER A 179 24.01 1.05 3.95
N GLY A 180 22.88 0.35 3.89
CA GLY A 180 21.81 0.54 4.85
C GLY A 180 21.52 -0.67 5.73
N LEU A 181 22.29 -1.74 5.57
CA LEU A 181 22.08 -2.93 6.41
C LEU A 181 22.60 -2.71 7.82
N SER A 182 21.84 -3.15 8.80
CA SER A 182 22.22 -2.99 10.19
C SER A 182 23.44 -3.83 10.64
N CYS A 183 23.76 -4.88 9.87
CA CYS A 183 24.81 -5.80 10.25
C CYS A 183 26.06 -5.51 9.46
N PRO A 184 27.22 -5.90 9.98
CA PRO A 184 28.42 -5.88 9.21
C PRO A 184 28.16 -6.65 7.95
N VAL A 185 28.94 -6.39 6.92
CA VAL A 185 28.74 -7.08 5.63
C VAL A 185 30.07 -7.45 5.03
N GLY A 186 30.15 -8.68 4.51
CA GLY A 186 31.28 -9.14 3.75
C GLY A 186 31.02 -9.14 2.25
N PHE A 187 31.99 -8.63 1.49
CA PHE A 187 31.90 -8.59 0.05
C PHE A 187 32.88 -9.56 -0.56
N LYS A 188 32.39 -10.50 -1.37
CA LYS A 188 33.27 -11.45 -2.00
C LYS A 188 33.98 -10.88 -3.23
N ASN A 189 35.25 -11.27 -3.42
CA ASN A 189 35.90 -11.05 -4.71
C ASN A 189 35.12 -11.73 -5.82
N GLY A 190 35.33 -11.25 -7.04
CA GLY A 190 34.56 -11.71 -8.20
C GLY A 190 34.81 -13.16 -8.56
N THR A 191 33.92 -13.74 -9.37
CA THR A 191 34.01 -15.16 -9.68
C THR A 191 35.31 -15.55 -10.39
N ASP A 192 35.97 -14.62 -11.08
CA ASP A 192 37.28 -14.88 -11.70
C ASP A 192 38.45 -14.30 -10.90
N GLY A 193 38.18 -13.84 -9.67
CA GLY A 193 39.23 -13.50 -8.71
C GLY A 193 39.53 -12.02 -8.54
N ASN A 194 38.73 -11.18 -9.17
CA ASN A 194 38.95 -9.75 -9.09
C ASN A 194 38.70 -9.24 -7.67
N LEU A 195 39.75 -8.82 -7.00
CA LEU A 195 39.62 -8.22 -5.67
C LEU A 195 39.12 -6.78 -5.64
N LYS A 196 39.50 -5.98 -6.65
CA LYS A 196 39.18 -4.54 -6.66
C LYS A 196 37.69 -4.24 -6.53
N ILE A 197 36.85 -5.08 -7.12
CA ILE A 197 35.42 -4.86 -7.00
C ILE A 197 34.92 -4.93 -5.56
N ALA A 198 35.58 -5.74 -4.74
CA ALA A 198 35.19 -5.91 -3.35
C ALA A 198 35.71 -4.75 -2.51
N ILE A 199 36.93 -4.32 -2.80
CA ILE A 199 37.48 -3.11 -2.20
C ILE A 199 36.62 -1.88 -2.54
N ASP A 200 36.31 -1.67 -3.80
CA ASP A 200 35.40 -0.57 -4.20
C ASP A 200 34.08 -0.67 -3.44
N ALA A 201 33.51 -1.88 -3.37
CA ALA A 201 32.22 -2.08 -2.71
C ALA A 201 32.22 -1.58 -1.29
N ILE A 202 33.30 -1.82 -0.57
CA ILE A 202 33.40 -1.37 0.81
C ILE A 202 33.41 0.14 0.80
N GLY A 203 34.12 0.71 -0.17
CA GLY A 203 34.11 2.15 -0.36
C GLY A 203 32.70 2.65 -0.48
N ALA A 204 32.01 2.16 -1.51
CA ALA A 204 30.64 2.56 -1.78
C ALA A 204 29.74 2.31 -0.57
N ALA A 205 29.83 1.12 0.00
CA ALA A 205 28.89 0.74 1.05
C ALA A 205 29.03 1.59 2.31
N SER A 206 30.23 2.13 2.53
CA SER A 206 30.49 2.98 3.68
C SER A 206 29.84 4.37 3.59
N HIS A 207 29.47 4.82 2.39
CA HIS A 207 28.84 6.15 2.19
C HIS A 207 27.32 6.03 2.18
N SER A 208 26.65 7.16 2.38
CA SER A 208 25.21 7.29 2.27
C SER A 208 24.72 7.14 0.81
N HIS A 209 23.60 6.42 0.63
CA HIS A 209 22.99 6.27 -0.69
C HIS A 209 21.47 6.47 -0.62
N HIS A 210 20.85 6.65 -1.79
CA HIS A 210 19.39 6.62 -1.91
C HIS A 210 19.01 5.43 -2.76
N PHE A 211 18.28 4.46 -2.21
CA PHE A 211 17.81 3.37 -3.06
C PHE A 211 16.34 3.11 -2.82
N LEU A 212 15.75 2.43 -3.79
CA LEU A 212 14.33 2.27 -3.83
C LEU A 212 14.09 0.89 -3.27
N SER A 213 13.13 0.81 -2.36
CA SER A 213 12.81 -0.44 -1.75
C SER A 213 11.40 -0.38 -1.21
N VAL A 214 11.11 -1.21 -0.23
CA VAL A 214 9.77 -1.36 0.25
C VAL A 214 9.79 -1.06 1.72
N THR A 215 8.79 -0.33 2.21
CA THR A 215 8.62 -0.15 3.67
C THR A 215 8.24 -1.47 4.38
N LYS A 216 8.26 -1.48 5.70
CA LYS A 216 7.80 -2.67 6.44
C LYS A 216 6.36 -2.96 6.10
N ALA A 217 5.62 -1.95 5.68
CA ALA A 217 4.25 -2.14 5.28
C ALA A 217 4.05 -2.65 3.85
N GLY A 218 5.15 -2.92 3.15
CA GLY A 218 5.05 -3.41 1.80
C GLY A 218 4.84 -2.36 0.70
N HIS A 219 5.10 -1.09 0.99
CA HIS A 219 4.94 -0.04 -0.02
C HIS A 219 6.29 0.51 -0.47
N SER A 220 6.40 0.84 -1.75
CA SER A 220 7.69 1.28 -2.27
C SER A 220 8.01 2.63 -1.66
N ALA A 221 9.29 2.85 -1.41
CA ALA A 221 9.73 4.04 -0.76
C ALA A 221 11.18 4.31 -1.13
N ILE A 222 11.64 5.50 -0.78
CA ILE A 222 13.01 5.88 -1.00
C ILE A 222 13.73 5.71 0.32
N VAL A 223 14.77 4.87 0.34
CA VAL A 223 15.50 4.68 1.56
C VAL A 223 16.80 5.47 1.47
N HIS A 224 17.00 6.36 2.44
CA HIS A 224 18.21 7.12 2.56
C HIS A 224 19.07 6.46 3.63
N THR A 225 20.19 5.88 3.22
CA THR A 225 21.05 5.12 4.12
C THR A 225 22.10 6.02 4.75
N GLY A 226 22.64 5.57 5.88
CA GLY A 226 23.66 6.29 6.62
C GLY A 226 25.07 5.81 6.34
N GLY A 227 25.22 4.75 5.57
CA GLY A 227 26.53 4.19 5.29
C GLY A 227 26.79 3.06 6.28
N ASN A 228 27.57 2.08 5.83
CA ASN A 228 27.93 0.93 6.65
C ASN A 228 29.43 0.91 6.92
N PRO A 229 29.83 1.25 8.15
CA PRO A 229 31.25 1.33 8.42
C PRO A 229 31.93 -0.01 8.68
N ASP A 230 31.16 -1.11 8.65
CA ASP A 230 31.68 -2.40 9.10
C ASP A 230 31.67 -3.42 7.99
N CYS A 231 32.13 -3.01 6.82
CA CYS A 231 32.25 -3.89 5.70
C CYS A 231 33.65 -4.36 5.51
N HIS A 232 33.81 -5.51 4.87
CA HIS A 232 35.10 -6.06 4.61
C HIS A 232 35.09 -7.02 3.42
N VAL A 233 36.28 -7.46 3.06
CA VAL A 233 36.51 -8.30 1.91
C VAL A 233 36.49 -9.77 2.33
N ILE A 234 36.07 -10.64 1.42
CA ILE A 234 36.12 -12.08 1.61
C ILE A 234 36.85 -12.66 0.43
N LEU A 235 37.93 -13.39 0.68
CA LEU A 235 38.69 -14.04 -0.38
C LEU A 235 38.09 -15.41 -0.53
N ARG A 236 37.53 -15.67 -1.70
CA ARG A 236 36.87 -16.91 -2.02
C ARG A 236 37.41 -17.59 -3.27
N GLY A 237 38.58 -17.17 -3.73
CA GLY A 237 39.21 -17.78 -4.88
C GLY A 237 38.77 -17.21 -6.22
N GLY A 238 39.59 -17.47 -7.23
CA GLY A 238 39.35 -16.97 -8.57
C GLY A 238 39.51 -18.10 -9.55
N LYS A 239 40.24 -17.82 -10.64
CA LYS A 239 40.72 -18.86 -11.53
C LYS A 239 41.65 -19.76 -10.70
N GLU A 240 42.39 -19.13 -9.79
CA GLU A 240 43.20 -19.85 -8.80
C GLU A 240 42.69 -19.52 -7.40
N PRO A 241 42.98 -20.40 -6.42
CA PRO A 241 42.70 -20.08 -5.03
C PRO A 241 43.50 -18.88 -4.55
N ASN A 242 42.94 -18.11 -3.62
CA ASN A 242 43.58 -16.90 -3.11
C ASN A 242 43.56 -16.82 -1.61
N TYR A 243 43.76 -17.96 -0.94
CA TYR A 243 43.77 -18.01 0.52
C TYR A 243 45.18 -17.91 1.18
N ASP A 244 46.26 -18.15 0.43
CA ASP A 244 47.59 -18.20 1.04
C ASP A 244 48.12 -16.83 1.51
N ALA A 245 49.23 -16.86 2.25
CA ALA A 245 49.83 -15.66 2.88
C ALA A 245 50.14 -14.54 1.91
N GLU A 246 50.63 -14.90 0.72
CA GLU A 246 51.06 -13.91 -0.28
C GLU A 246 49.82 -13.22 -0.90
N HIS A 247 48.75 -13.98 -1.16
CA HIS A 247 47.46 -13.38 -1.55
C HIS A 247 46.89 -12.49 -0.45
N VAL A 248 46.91 -12.97 0.78
CA VAL A 248 46.41 -12.18 1.90
C VAL A 248 47.18 -10.87 1.99
N SER A 249 48.50 -10.98 1.96
CA SER A 249 49.37 -9.81 2.07
C SER A 249 49.20 -8.81 0.92
N GLU A 250 49.05 -9.31 -0.30
CA GLU A 250 48.74 -8.46 -1.44
C GLU A 250 47.36 -7.82 -1.28
N ALA A 251 46.40 -8.58 -0.78
CA ALA A 251 45.08 -8.03 -0.52
C ALA A 251 45.15 -6.93 0.53
N ALA A 252 45.88 -7.19 1.61
CA ALA A 252 46.01 -6.20 2.67
C ALA A 252 46.64 -4.88 2.20
N GLU A 253 47.64 -4.98 1.33
CA GLU A 253 48.29 -3.77 0.78
C GLU A 253 47.24 -2.94 0.03
N GLN A 254 46.58 -3.56 -0.96
CA GLN A 254 45.52 -2.92 -1.76
C GLN A 254 44.44 -2.27 -0.91
N LEU A 255 44.05 -2.95 0.17
CA LEU A 255 43.01 -2.42 1.05
C LEU A 255 43.49 -1.15 1.74
N ARG A 256 44.66 -1.22 2.35
CA ARG A 256 45.28 -0.05 2.93
C ARG A 256 45.40 1.06 1.88
N ALA A 257 45.78 0.67 0.66
CA ALA A 257 45.97 1.64 -0.43
C ALA A 257 44.70 2.41 -0.72
N ALA A 258 43.54 1.74 -0.59
CA ALA A 258 42.27 2.39 -0.82
C ALA A 258 41.69 3.06 0.45
N GLY A 259 42.45 3.05 1.54
CA GLY A 259 42.01 3.67 2.79
C GLY A 259 40.92 2.93 3.56
N VAL A 260 40.80 1.62 3.32
CA VAL A 260 39.80 0.81 4.01
C VAL A 260 40.47 -0.26 4.84
N THR A 261 39.67 -0.91 5.69
CA THR A 261 40.16 -1.94 6.60
C THR A 261 40.90 -3.06 5.87
N ASP A 262 42.07 -3.41 6.42
CA ASP A 262 42.92 -4.46 5.86
C ASP A 262 42.73 -5.80 6.57
N LYS A 263 41.66 -5.89 7.37
CA LYS A 263 41.26 -7.14 7.99
C LYS A 263 40.20 -7.78 7.09
N LEU A 264 40.46 -9.03 6.74
CA LEU A 264 39.65 -9.71 5.75
C LEU A 264 39.26 -11.11 6.19
N MET A 265 38.41 -11.76 5.41
CA MET A 265 37.88 -13.07 5.71
C MET A 265 38.27 -13.97 4.57
N ILE A 266 38.50 -15.25 4.87
CA ILE A 266 38.91 -16.21 3.89
C ILE A 266 37.89 -17.33 3.86
N ASP A 267 37.37 -17.61 2.68
CA ASP A 267 36.38 -18.63 2.51
C ASP A 267 37.13 -19.91 2.17
N CYS A 268 36.99 -20.92 3.03
CA CYS A 268 37.64 -22.20 2.78
C CYS A 268 37.01 -22.98 1.65
N SER A 269 35.82 -22.57 1.19
CA SER A 269 35.03 -23.35 0.23
C SER A 269 35.06 -22.71 -1.18
N HIS A 270 34.03 -23.02 -1.97
CA HIS A 270 33.88 -22.53 -3.33
C HIS A 270 35.16 -22.62 -4.16
N ALA A 271 35.68 -21.51 -4.69
CA ALA A 271 36.83 -21.57 -5.58
C ALA A 271 38.15 -21.67 -4.84
N ASN A 272 38.12 -21.52 -3.51
CA ASN A 272 39.31 -21.77 -2.71
C ASN A 272 39.57 -23.28 -2.48
N SER A 273 38.51 -24.09 -2.47
CA SER A 273 38.66 -25.54 -2.37
C SER A 273 38.58 -26.18 -3.75
N ARG A 274 38.37 -25.34 -4.76
CA ARG A 274 38.08 -25.78 -6.14
C ARG A 274 36.86 -26.71 -6.14
N LYS A 275 35.89 -26.39 -5.28
CA LYS A 275 34.62 -27.13 -5.22
C LYS A 275 34.77 -28.60 -4.73
N ASP A 276 35.88 -28.89 -4.06
CA ASP A 276 36.11 -30.18 -3.46
C ASP A 276 36.05 -29.97 -1.97
N TYR A 277 34.96 -30.42 -1.34
CA TYR A 277 34.70 -30.13 0.07
C TYR A 277 35.74 -30.66 1.03
N THR A 278 36.39 -31.76 0.69
CA THR A 278 37.49 -32.26 1.50
C THR A 278 38.69 -31.28 1.54
N ARG A 279 38.79 -30.37 0.58
CA ARG A 279 39.90 -29.38 0.58
C ARG A 279 39.73 -28.25 1.56
N GLN A 280 38.51 -28.05 2.06
CA GLN A 280 38.25 -27.03 3.04
C GLN A 280 39.16 -27.20 4.24
N MET A 281 39.39 -28.44 4.64
CA MET A 281 40.29 -28.69 5.77
C MET A 281 41.74 -28.27 5.44
N GLU A 282 42.19 -28.56 4.23
CA GLU A 282 43.51 -28.10 3.76
C GLU A 282 43.67 -26.59 3.85
N VAL A 283 42.62 -25.85 3.46
CA VAL A 283 42.67 -24.40 3.47
C VAL A 283 42.75 -23.94 4.91
N ALA A 284 41.98 -24.60 5.78
CA ALA A 284 41.95 -24.23 7.21
C ALA A 284 43.28 -24.51 7.87
N GLN A 285 43.90 -25.61 7.45
CA GLN A 285 45.30 -25.90 7.82
C GLN A 285 46.23 -24.78 7.40
N ASP A 286 46.09 -24.28 6.17
CA ASP A 286 46.96 -23.20 5.69
C ASP A 286 46.74 -21.91 6.48
N ILE A 287 45.48 -21.61 6.79
CA ILE A 287 45.11 -20.47 7.61
C ILE A 287 45.68 -20.64 9.00
N ALA A 288 45.52 -21.84 9.56
CA ALA A 288 46.13 -22.17 10.86
C ALA A 288 47.60 -21.81 10.84
N ALA A 289 48.29 -22.29 9.83
CA ALA A 289 49.70 -22.00 9.66
C ALA A 289 49.99 -20.49 9.55
N GLN A 290 49.12 -19.72 8.90
CA GLN A 290 49.34 -18.26 8.82
C GLN A 290 49.20 -17.59 10.19
N LEU A 291 48.25 -18.05 10.98
CA LEU A 291 47.96 -17.46 12.28
C LEU A 291 49.10 -17.72 13.24
N GLU A 292 49.69 -18.90 13.15
CA GLU A 292 50.83 -19.25 13.97
C GLU A 292 52.06 -18.39 13.65
N GLN A 293 52.31 -18.12 12.36
CA GLN A 293 53.45 -17.30 11.95
C GLN A 293 53.19 -15.81 12.21
N ASP A 294 52.07 -15.29 11.71
CA ASP A 294 51.68 -13.90 11.95
C ASP A 294 50.17 -13.71 11.69
N GLY A 295 49.78 -13.71 10.41
CA GLY A 295 48.38 -13.63 10.01
C GLY A 295 47.55 -12.50 10.63
N GLY A 296 48.16 -11.35 10.88
CA GLY A 296 47.45 -10.21 11.47
C GLY A 296 46.30 -9.62 10.64
N ASN A 297 46.29 -9.90 9.35
CA ASN A 297 45.23 -9.39 8.48
C ASN A 297 44.00 -10.28 8.42
N ILE A 298 44.09 -11.49 8.99
CA ILE A 298 42.94 -12.40 8.94
C ILE A 298 42.00 -12.12 10.12
N MET A 299 40.74 -11.84 9.82
CA MET A 299 39.74 -11.63 10.88
C MET A 299 38.61 -12.66 10.87
N GLY A 300 38.59 -13.54 9.87
CA GLY A 300 37.53 -14.53 9.77
C GLY A 300 37.69 -15.55 8.67
N VAL A 301 36.89 -16.61 8.76
CA VAL A 301 36.89 -17.68 7.80
C VAL A 301 35.47 -18.16 7.61
N MET A 302 35.23 -18.78 6.45
CA MET A 302 33.92 -19.28 6.09
C MET A 302 34.11 -20.74 5.75
N VAL A 303 33.18 -21.57 6.19
CA VAL A 303 33.25 -22.98 6.01
C VAL A 303 31.87 -23.51 5.69
N GLU A 304 31.79 -24.37 4.69
CA GLU A 304 30.50 -25.00 4.36
C GLU A 304 30.46 -26.36 5.01
N SER A 305 29.57 -26.49 5.98
CA SER A 305 29.53 -27.62 6.88
C SER A 305 28.09 -28.01 7.16
N HIS A 306 27.83 -29.32 7.26
CA HIS A 306 26.49 -29.80 7.59
C HIS A 306 26.59 -31.02 8.54
N LEU A 307 25.50 -31.72 8.77
CA LEU A 307 25.50 -32.81 9.74
C LEU A 307 26.20 -33.97 9.10
N VAL A 308 25.90 -34.17 7.82
CA VAL A 308 26.44 -35.25 7.01
C VAL A 308 27.11 -34.65 5.79
N GLU A 309 28.19 -35.29 5.36
CA GLU A 309 29.07 -34.75 4.33
C GLU A 309 28.55 -34.95 2.91
N GLY A 310 29.17 -34.21 1.99
CA GLY A 310 28.89 -34.33 0.56
C GLY A 310 27.65 -33.58 0.17
N ARG A 311 26.97 -34.06 -0.87
CA ARG A 311 25.77 -33.42 -1.39
C ARG A 311 24.90 -34.45 -2.09
N GLN A 312 23.67 -34.07 -2.41
CA GLN A 312 22.72 -34.93 -3.12
C GLN A 312 21.85 -34.06 -4.02
N ASP A 313 21.38 -34.60 -5.13
CA ASP A 313 20.49 -33.86 -6.01
C ASP A 313 19.10 -33.68 -5.42
N LYS A 314 18.58 -34.70 -4.75
CA LYS A 314 17.27 -34.63 -4.08
C LYS A 314 17.44 -34.69 -2.58
N PRO A 315 16.53 -34.09 -1.82
CA PRO A 315 16.65 -34.04 -0.37
C PRO A 315 16.15 -35.35 0.27
N GLU A 316 16.91 -36.42 0.02
CA GLU A 316 16.54 -37.78 0.38
C GLU A 316 17.16 -38.12 1.75
N VAL A 317 18.42 -37.77 1.91
CA VAL A 317 19.10 -37.93 3.18
C VAL A 317 19.00 -36.67 4.08
N TYR A 318 18.70 -36.91 5.35
CA TYR A 318 18.62 -35.88 6.38
C TYR A 318 19.97 -35.25 6.65
N GLY A 319 19.96 -33.93 6.79
CA GLY A 319 21.15 -33.17 7.18
C GLY A 319 22.29 -33.20 6.19
N LYS A 320 21.96 -33.42 4.92
CA LYS A 320 22.95 -33.47 3.84
C LYS A 320 22.57 -32.44 2.77
N SER A 321 23.53 -31.61 2.38
CA SER A 321 23.32 -30.51 1.42
C SER A 321 22.77 -30.94 0.05
N ILE A 322 21.85 -30.15 -0.48
CA ILE A 322 21.40 -30.31 -1.87
C ILE A 322 21.95 -29.21 -2.80
N THR A 323 22.78 -28.31 -2.25
CA THR A 323 23.54 -27.39 -3.08
C THR A 323 25.01 -27.80 -3.04
N ASP A 324 25.94 -26.93 -2.65
CA ASP A 324 27.38 -27.30 -2.61
C ASP A 324 27.63 -28.36 -1.54
N ALA A 325 28.64 -29.17 -1.77
CA ALA A 325 28.98 -30.26 -0.89
C ALA A 325 29.62 -29.71 0.36
N CYS A 326 29.19 -30.19 1.51
CA CYS A 326 29.72 -29.68 2.75
C CYS A 326 30.53 -30.76 3.41
N ILE A 327 31.40 -30.35 4.33
CA ILE A 327 32.03 -31.28 5.24
C ILE A 327 30.97 -31.71 6.24
N GLY A 328 31.19 -32.88 6.81
CA GLY A 328 30.28 -33.44 7.79
C GLY A 328 30.64 -32.94 9.17
N TRP A 329 29.86 -33.34 10.15
CA TRP A 329 30.04 -32.89 11.51
C TRP A 329 31.41 -33.32 12.12
N GLY A 330 31.82 -34.56 11.90
CA GLY A 330 33.14 -35.02 12.37
C GLY A 330 34.24 -34.07 11.95
N ALA A 331 34.39 -33.88 10.64
CA ALA A 331 35.39 -32.95 10.07
C ALA A 331 35.25 -31.52 10.64
N THR A 332 34.01 -31.11 10.87
CA THR A 332 33.72 -29.79 11.43
C THR A 332 34.33 -29.60 12.79
N GLU A 333 34.16 -30.58 13.67
CA GLU A 333 34.86 -30.58 14.98
C GLU A 333 36.37 -30.50 14.86
N GLU A 334 36.93 -31.26 13.92
CA GLU A 334 38.36 -31.19 13.63
C GLU A 334 38.77 -29.77 13.26
N LEU A 335 38.06 -29.21 12.28
CA LEU A 335 38.41 -27.93 11.72
C LEU A 335 38.35 -26.86 12.77
N LEU A 336 37.27 -26.81 13.53
CA LEU A 336 37.12 -25.73 14.51
C LEU A 336 38.16 -25.86 15.59
N ALA A 337 38.51 -27.09 15.98
CA ALA A 337 39.55 -27.29 16.98
C ALA A 337 40.90 -26.80 16.46
N LEU A 338 41.16 -27.07 15.18
CA LEU A 338 42.39 -26.60 14.56
C LEU A 338 42.49 -25.07 14.61
N LEU A 339 41.44 -24.40 14.14
CA LEU A 339 41.45 -22.93 14.09
C LEU A 339 41.51 -22.31 15.49
N ALA A 340 40.77 -22.88 16.44
CA ALA A 340 40.84 -22.44 17.83
C ALA A 340 42.27 -22.54 18.38
N GLY A 341 42.86 -23.71 18.24
CA GLY A 341 44.22 -23.95 18.72
C GLY A 341 45.18 -22.95 18.12
N ALA A 342 45.09 -22.75 16.80
CA ALA A 342 45.99 -21.80 16.11
C ALA A 342 45.80 -20.37 16.58
N ASN A 343 44.56 -19.89 16.65
CA ASN A 343 44.33 -18.48 16.99
C ASN A 343 44.62 -18.14 18.45
N LYS A 344 44.50 -19.11 19.35
CA LYS A 344 44.87 -18.91 20.75
C LYS A 344 46.31 -18.40 20.84
N LYS A 345 47.17 -19.03 20.03
CA LYS A 345 48.60 -18.69 19.94
C LYS A 345 48.85 -17.34 19.25
N ARG A 346 47.97 -16.91 18.34
CA ARG A 346 48.10 -15.58 17.79
C ARG A 346 47.72 -14.56 18.87
N MET A 347 46.61 -14.81 19.55
CA MET A 347 46.11 -13.87 20.57
C MET A 347 47.04 -13.71 21.79
N ALA A 348 47.89 -14.69 22.06
CA ALA A 348 48.90 -14.57 23.11
C ALA A 348 50.05 -13.63 22.69
N ARG A 349 50.47 -13.74 21.43
CA ARG A 349 51.55 -12.89 20.87
C ARG A 349 51.11 -11.43 20.74
N ASP B 8 16.97 -2.78 14.08
CA ASP B 8 16.19 -2.49 12.84
C ASP B 8 16.39 -1.05 12.33
N ASP B 9 16.86 -0.92 11.09
CA ASP B 9 17.10 0.39 10.47
C ASP B 9 18.08 1.30 11.25
N ILE B 10 19.09 0.68 11.88
CA ILE B 10 20.14 1.41 12.57
C ILE B 10 20.89 2.34 11.60
N LYS B 11 21.25 1.84 10.41
CA LYS B 11 22.00 2.63 9.41
C LYS B 11 21.12 3.25 8.31
N ILE B 12 19.84 3.50 8.63
CA ILE B 12 18.95 4.23 7.73
C ILE B 12 18.76 5.65 8.27
N LYS B 13 19.05 6.65 7.43
CA LYS B 13 18.83 8.05 7.81
C LYS B 13 17.36 8.42 7.63
N GLU B 14 16.75 7.99 6.53
CA GLU B 14 15.36 8.36 6.28
C GLU B 14 14.70 7.44 5.27
N VAL B 15 13.41 7.25 5.45
CA VAL B 15 12.58 6.56 4.47
C VAL B 15 11.62 7.62 3.96
N LYS B 16 11.57 7.84 2.64
CA LYS B 16 10.81 8.96 2.07
C LYS B 16 9.68 8.51 1.15
N GLU B 17 8.70 9.41 1.05
CA GLU B 17 7.52 9.21 0.21
C GLU B 17 7.95 8.95 -1.24
N LEU B 18 7.42 7.89 -1.86
CA LEU B 18 7.64 7.61 -3.25
C LEU B 18 6.31 7.48 -3.97
N LEU B 19 6.05 8.35 -4.95
CA LEU B 19 4.81 8.23 -5.73
C LEU B 19 4.88 6.94 -6.49
N PRO B 20 3.76 6.22 -6.57
CA PRO B 20 3.80 4.97 -7.32
C PRO B 20 3.73 5.23 -8.81
N PRO B 21 4.12 4.22 -9.61
CA PRO B 21 4.08 4.35 -11.06
C PRO B 21 2.76 4.87 -11.59
N ILE B 22 1.65 4.43 -11.02
CA ILE B 22 0.35 4.90 -11.50
C ILE B 22 0.14 6.42 -11.44
N ALA B 23 0.80 7.10 -10.51
CA ALA B 23 0.67 8.55 -10.49
C ALA B 23 1.31 9.13 -11.76
N HIS B 24 2.48 8.60 -12.13
CA HIS B 24 3.16 9.06 -13.33
C HIS B 24 2.37 8.65 -14.57
N LEU B 25 1.86 7.43 -14.60
CA LEU B 25 1.12 6.93 -15.75
C LEU B 25 -0.20 7.68 -15.97
N TYR B 26 -0.74 8.24 -14.88
CA TYR B 26 -1.97 9.03 -14.96
C TYR B 26 -1.75 10.40 -15.59
N GLU B 27 -0.64 11.05 -15.26
CA GLU B 27 -0.27 12.35 -15.83
C GLU B 27 0.30 12.28 -17.23
N LEU B 28 0.98 11.18 -17.52
CA LEU B 28 1.66 11.00 -18.78
C LEU B 28 1.35 9.61 -19.30
N PRO B 29 0.09 9.37 -19.69
CA PRO B 29 -0.26 8.10 -20.30
C PRO B 29 0.40 7.92 -21.64
N ILE B 30 0.80 6.70 -21.97
CA ILE B 30 1.36 6.43 -23.28
C ILE B 30 0.30 6.70 -24.35
N SER B 31 0.71 7.29 -25.47
CA SER B 31 -0.18 7.64 -26.57
C SER B 31 -0.24 6.51 -27.60
N LYS B 32 -1.29 6.52 -28.42
CA LYS B 32 -1.41 5.60 -29.56
C LYS B 32 -0.09 5.50 -30.34
N GLU B 33 0.48 6.66 -30.65
CA GLU B 33 1.66 6.75 -31.53
C GLU B 33 2.87 6.17 -30.84
N ALA B 34 3.05 6.55 -29.57
CA ALA B 34 4.14 6.00 -28.76
C ALA B 34 4.03 4.49 -28.60
N SER B 35 2.83 4.00 -28.32
CA SER B 35 2.61 2.55 -28.20
C SER B 35 2.94 1.80 -29.47
N GLY B 36 2.46 2.33 -30.60
CA GLY B 36 2.72 1.73 -31.91
C GLY B 36 4.20 1.69 -32.24
N LEU B 37 4.92 2.75 -31.89
CA LEU B 37 6.35 2.87 -32.20
C LEU B 37 7.17 1.92 -31.36
N VAL B 38 6.89 1.91 -30.06
CA VAL B 38 7.51 0.94 -29.16
C VAL B 38 7.19 -0.48 -29.62
N HIS B 39 5.92 -0.74 -29.90
CA HIS B 39 5.51 -2.08 -30.27
C HIS B 39 6.28 -2.60 -31.48
N ARG B 40 6.39 -1.79 -32.53
CA ARG B 40 7.05 -2.30 -33.73
C ARG B 40 8.59 -2.21 -33.66
N THR B 41 9.14 -1.22 -32.96
CA THR B 41 10.60 -1.15 -32.78
C THR B 41 11.06 -2.39 -32.04
N ARG B 42 10.26 -2.82 -31.07
CA ARG B 42 10.55 -4.07 -30.39
C ARG B 42 10.51 -5.25 -31.37
N GLN B 43 9.45 -5.35 -32.18
CA GLN B 43 9.39 -6.40 -33.20
C GLN B 43 10.58 -6.37 -34.16
N GLU B 44 10.87 -5.19 -34.69
CA GLU B 44 11.99 -4.99 -35.59
C GLU B 44 13.33 -5.41 -34.98
N ILE B 45 13.56 -5.04 -33.72
CA ILE B 45 14.77 -5.45 -33.03
C ILE B 45 14.77 -6.96 -32.79
N SER B 46 13.61 -7.51 -32.45
CA SER B 46 13.49 -8.95 -32.28
C SER B 46 13.90 -9.67 -33.56
N ASP B 47 13.48 -9.13 -34.69
CA ASP B 47 13.83 -9.70 -35.99
C ASP B 47 15.34 -9.65 -36.22
N LEU B 48 15.96 -8.58 -35.77
CA LEU B 48 17.39 -8.44 -35.86
C LEU B 48 18.12 -9.47 -35.00
N VAL B 49 17.62 -9.68 -33.79
CA VAL B 49 18.22 -10.62 -32.84
C VAL B 49 18.18 -12.05 -33.33
N HIS B 50 17.10 -12.41 -34.02
CA HIS B 50 16.89 -13.77 -34.50
C HIS B 50 17.33 -14.00 -35.96
N GLY B 51 17.93 -12.99 -36.58
CA GLY B 51 18.46 -13.10 -37.93
C GLY B 51 17.42 -13.16 -39.03
N ARG B 52 16.25 -12.56 -38.79
CA ARG B 52 15.18 -12.46 -39.78
C ARG B 52 15.19 -11.12 -40.55
N ASP B 53 16.12 -10.25 -40.18
CA ASP B 53 16.35 -9.00 -40.88
C ASP B 53 17.80 -8.61 -40.67
N LYS B 54 18.43 -8.06 -41.69
CA LYS B 54 19.87 -7.87 -41.68
C LYS B 54 20.27 -6.41 -41.50
N ARG B 55 19.32 -5.55 -41.14
CA ARG B 55 19.68 -4.19 -40.76
C ARG B 55 20.52 -4.22 -39.49
N LEU B 56 21.15 -3.10 -39.20
CA LEU B 56 22.04 -2.97 -38.07
C LEU B 56 21.34 -2.13 -37.03
N LEU B 57 21.25 -2.65 -35.81
CA LEU B 57 20.72 -1.89 -34.70
C LEU B 57 21.78 -0.91 -34.20
N VAL B 58 21.41 0.36 -34.08
CA VAL B 58 22.36 1.34 -33.62
C VAL B 58 21.80 2.01 -32.37
N ILE B 59 22.37 1.66 -31.24
CA ILE B 59 22.03 2.32 -29.99
C ILE B 59 22.99 3.46 -29.86
N ILE B 60 22.49 4.67 -30.02
CA ILE B 60 23.38 5.83 -30.11
C ILE B 60 22.80 7.03 -29.41
N GLY B 61 23.63 7.73 -28.66
CA GLY B 61 23.17 8.88 -27.89
C GLY B 61 24.13 9.15 -26.75
N PRO B 62 23.81 10.15 -25.92
CA PRO B 62 24.65 10.54 -24.78
C PRO B 62 25.00 9.38 -23.86
N CYS B 63 26.13 9.46 -23.18
CA CYS B 63 26.44 8.47 -22.14
C CYS B 63 25.30 8.47 -21.13
N SER B 64 24.91 9.68 -20.72
CA SER B 64 23.81 9.89 -19.80
C SER B 64 23.04 11.14 -20.19
N ILE B 65 21.77 11.16 -19.80
CA ILE B 65 20.91 12.31 -20.03
C ILE B 65 20.92 13.16 -18.77
N HIS B 66 21.44 14.38 -18.87
CA HIS B 66 21.39 15.32 -17.77
C HIS B 66 20.54 16.55 -18.06
N ASP B 67 20.07 16.68 -19.30
CA ASP B 67 19.34 17.88 -19.73
C ASP B 67 18.35 17.49 -20.82
N PRO B 68 17.07 17.34 -20.46
CA PRO B 68 16.04 16.92 -21.42
C PRO B 68 15.94 17.78 -22.70
N LYS B 69 16.29 19.06 -22.60
CA LYS B 69 16.19 19.99 -23.71
C LYS B 69 17.19 19.64 -24.80
N ALA B 70 18.45 19.55 -24.41
CA ALA B 70 19.49 18.97 -25.25
C ALA B 70 19.16 17.59 -25.81
N ALA B 71 18.54 16.74 -25.00
CA ALA B 71 18.23 15.39 -25.45
C ALA B 71 17.25 15.45 -26.59
N LEU B 72 16.19 16.22 -26.41
CA LEU B 72 15.18 16.42 -27.47
C LEU B 72 15.75 17.07 -28.73
N GLU B 73 16.70 18.00 -28.57
CA GLU B 73 17.41 18.60 -29.70
C GLU B 73 18.21 17.55 -30.44
N TYR B 74 19.00 16.80 -29.67
CA TYR B 74 19.83 15.73 -30.21
C TYR B 74 18.96 14.75 -30.97
N ALA B 75 17.80 14.45 -30.40
CA ALA B 75 16.86 13.49 -31.00
C ALA B 75 16.37 14.01 -32.34
N GLU B 76 16.11 15.29 -32.39
CA GLU B 76 15.57 15.93 -33.59
C GLU B 76 16.54 15.87 -34.78
N ARG B 77 17.82 16.04 -34.49
CA ARG B 77 18.86 15.73 -35.46
C ARG B 77 18.98 14.21 -35.72
N LEU B 78 18.94 13.39 -34.66
CA LEU B 78 19.13 11.94 -34.84
C LEU B 78 17.98 11.33 -35.63
N LEU B 79 16.79 11.89 -35.47
CA LEU B 79 15.63 11.44 -36.22
C LEU B 79 15.84 11.55 -37.74
N LYS B 80 16.41 12.67 -38.19
CA LYS B 80 16.65 12.86 -39.62
C LYS B 80 17.49 11.72 -40.16
N LEU B 81 18.53 11.34 -39.40
CA LEU B 81 19.44 10.29 -39.85
C LEU B 81 18.80 8.91 -39.78
N ARG B 82 17.98 8.68 -38.73
CA ARG B 82 17.18 7.44 -38.54
C ARG B 82 16.33 7.14 -39.77
N LYS B 83 15.61 8.17 -40.21
CA LYS B 83 14.76 8.08 -41.40
C LYS B 83 15.61 7.90 -42.65
N GLN B 84 16.66 8.71 -42.78
CA GLN B 84 17.54 8.64 -43.94
C GLN B 84 18.16 7.27 -44.12
N TYR B 85 18.60 6.62 -43.03
CA TYR B 85 19.25 5.30 -43.14
C TYR B 85 18.33 4.11 -42.80
N GLU B 86 17.02 4.32 -42.81
CA GLU B 86 16.06 3.34 -42.30
C GLU B 86 16.17 1.96 -42.95
N ASN B 87 16.69 1.90 -44.18
CA ASN B 87 16.83 0.60 -44.85
C ASN B 87 18.07 -0.19 -44.44
N GLU B 88 19.09 0.54 -43.94
CA GLU B 88 20.38 -0.06 -43.54
C GLU B 88 20.52 -0.22 -42.02
N LEU B 89 20.02 0.79 -41.32
CA LEU B 89 20.17 0.89 -39.89
C LEU B 89 18.83 1.18 -39.23
N LEU B 90 18.62 0.52 -38.09
CA LEU B 90 17.53 0.80 -37.18
C LEU B 90 18.13 1.59 -36.03
N ILE B 91 17.92 2.89 -36.06
CA ILE B 91 18.51 3.81 -35.10
C ILE B 91 17.58 4.03 -33.92
N VAL B 92 18.12 3.83 -32.73
CA VAL B 92 17.38 3.98 -31.50
C VAL B 92 18.26 4.77 -30.55
N MET B 93 17.73 5.84 -29.99
CA MET B 93 18.52 6.72 -29.18
C MET B 93 18.81 6.11 -27.81
N ARG B 94 20.03 6.36 -27.32
CA ARG B 94 20.44 6.04 -25.95
C ARG B 94 19.79 7.04 -25.03
N VAL B 95 19.00 6.57 -24.10
CA VAL B 95 18.41 7.45 -23.09
C VAL B 95 18.67 6.82 -21.72
N TYR B 96 19.94 6.88 -21.32
CA TYR B 96 20.40 6.36 -20.04
C TYR B 96 20.35 7.52 -19.08
N PHE B 97 19.87 7.27 -17.87
CA PHE B 97 19.70 8.34 -16.90
C PHE B 97 20.84 8.44 -15.92
N GLU B 98 21.63 7.36 -15.81
CA GLU B 98 22.75 7.31 -14.88
C GLU B 98 23.86 6.45 -15.46
N LYS B 99 25.12 6.83 -15.24
CA LYS B 99 26.26 5.92 -15.40
C LYS B 99 26.70 5.43 -13.99
N PRO B 100 26.53 4.10 -13.69
CA PRO B 100 27.00 3.57 -12.39
C PRO B 100 28.46 3.87 -12.10
N ARG B 101 28.75 4.24 -10.85
CA ARG B 101 30.07 4.72 -10.44
C ARG B 101 30.42 4.20 -9.06
N THR B 102 31.61 3.65 -8.92
CA THR B 102 32.05 3.09 -7.63
C THR B 102 32.28 4.25 -6.64
N THR B 103 32.78 5.37 -7.15
CA THR B 103 33.08 6.57 -6.36
C THR B 103 31.95 7.62 -6.41
N VAL B 104 32.07 8.64 -5.56
CA VAL B 104 31.11 9.74 -5.48
C VAL B 104 31.12 10.62 -6.74
N GLY B 105 30.03 11.36 -6.92
CA GLY B 105 29.81 12.16 -8.14
C GLY B 105 28.33 12.17 -8.51
N TRP B 106 28.00 12.78 -9.64
CA TRP B 106 26.60 12.93 -10.06
C TRP B 106 25.94 11.57 -10.21
N LYS B 107 24.77 11.40 -9.58
CA LYS B 107 24.16 10.09 -9.45
C LYS B 107 23.06 9.80 -10.51
N GLY B 108 22.97 10.62 -11.55
CA GLY B 108 21.99 10.41 -12.62
C GLY B 108 20.77 11.33 -12.54
N LEU B 109 19.98 11.35 -13.61
CA LEU B 109 18.85 12.28 -13.73
C LEU B 109 17.66 11.89 -12.85
N ILE B 110 17.46 10.59 -12.71
CA ILE B 110 16.42 10.07 -11.84
C ILE B 110 16.69 10.39 -10.37
N ASN B 111 17.91 10.12 -9.93
CA ASN B 111 18.32 10.43 -8.58
C ASN B 111 18.46 11.90 -8.28
N ASP B 112 19.01 12.63 -9.25
CA ASP B 112 19.49 13.97 -9.00
C ASP B 112 19.12 14.83 -10.19
N PRO B 113 17.82 15.01 -10.43
CA PRO B 113 17.37 15.75 -11.60
C PRO B 113 17.79 17.22 -11.63
N HIS B 114 18.10 17.78 -10.46
CA HIS B 114 18.47 19.21 -10.36
C HIS B 114 19.98 19.44 -10.46
N LEU B 115 20.76 18.36 -10.54
CA LEU B 115 22.22 18.42 -10.72
C LEU B 115 22.92 19.21 -9.60
N ASP B 116 22.44 19.04 -8.37
CA ASP B 116 22.95 19.81 -7.24
C ASP B 116 23.14 18.99 -5.97
N GLY B 117 22.97 17.67 -6.04
CA GLY B 117 23.15 16.82 -4.88
C GLY B 117 21.95 16.69 -3.97
N THR B 118 20.87 17.43 -4.23
CA THR B 118 19.58 17.08 -3.66
C THR B 118 19.15 15.83 -4.38
N PHE B 119 18.34 15.03 -3.70
CA PHE B 119 17.72 13.91 -4.34
C PHE B 119 16.27 14.29 -4.49
N ASP B 120 15.76 14.13 -5.69
CA ASP B 120 14.36 14.39 -5.93
C ASP B 120 13.90 13.37 -6.92
N ILE B 121 13.77 12.14 -6.43
CA ILE B 121 13.52 11.00 -7.26
C ILE B 121 12.14 11.04 -7.91
N ASN B 122 11.16 11.58 -7.21
CA ASN B 122 9.82 11.72 -7.75
C ASN B 122 9.85 12.61 -9.01
N PHE B 123 10.54 13.76 -8.89
CA PHE B 123 10.72 14.68 -10.01
C PHE B 123 11.52 13.98 -11.08
N GLY B 124 12.55 13.25 -10.67
CA GLY B 124 13.41 12.59 -11.63
C GLY B 124 12.71 11.56 -12.47
N LEU B 125 11.83 10.78 -11.84
CA LEU B 125 11.11 9.73 -12.54
C LEU B 125 10.07 10.37 -13.48
N ARG B 126 9.48 11.46 -13.03
CA ARG B 126 8.56 12.22 -13.86
C ARG B 126 9.26 12.79 -15.10
N GLN B 127 10.42 13.42 -14.89
CA GLN B 127 11.24 13.95 -16.01
C GLN B 127 11.62 12.82 -16.94
N ALA B 128 12.01 11.70 -16.38
CA ALA B 128 12.43 10.59 -17.22
C ALA B 128 11.29 10.09 -18.09
N ARG B 129 10.13 9.92 -17.49
CA ARG B 129 8.97 9.46 -18.24
C ARG B 129 8.54 10.51 -19.28
N SER B 130 8.62 11.79 -18.94
CA SER B 130 8.15 12.86 -19.84
C SER B 130 9.07 12.95 -21.06
N LEU B 131 10.37 12.90 -20.81
CA LEU B 131 11.35 12.89 -21.90
C LEU B 131 11.10 11.72 -22.83
N LEU B 132 10.84 10.54 -22.24
CA LEU B 132 10.71 9.32 -23.02
C LEU B 132 9.46 9.33 -23.86
N LEU B 133 8.37 9.81 -23.26
CA LEU B 133 7.10 9.98 -23.96
C LEU B 133 7.25 10.99 -25.13
N SER B 134 7.89 12.12 -24.88
CA SER B 134 8.08 13.11 -25.95
C SER B 134 8.94 12.54 -27.08
N LEU B 135 9.94 11.74 -26.72
CA LEU B 135 10.84 11.16 -27.71
C LEU B 135 10.09 10.20 -28.62
N ASN B 136 9.29 9.35 -28.01
CA ASN B 136 8.49 8.42 -28.78
C ASN B 136 7.43 9.11 -29.60
N ASN B 137 6.85 10.18 -29.07
CA ASN B 137 5.83 10.96 -29.82
C ASN B 137 6.34 11.63 -31.10
N MET B 138 7.61 12.05 -31.09
CA MET B 138 8.21 12.67 -32.26
C MET B 138 8.74 11.64 -33.24
N GLY B 139 8.73 10.36 -32.87
CA GLY B 139 9.17 9.26 -33.76
C GLY B 139 10.55 8.65 -33.47
N MET B 140 11.19 9.09 -32.39
CA MET B 140 12.47 8.52 -31.94
C MET B 140 12.26 7.46 -30.83
N PRO B 141 12.44 6.17 -31.16
CA PRO B 141 12.35 5.18 -30.06
C PRO B 141 13.53 5.32 -29.10
N ALA B 142 13.40 4.73 -27.91
CA ALA B 142 14.37 4.92 -26.85
C ALA B 142 14.85 3.62 -26.25
N SER B 143 16.10 3.65 -25.79
CA SER B 143 16.72 2.52 -25.16
C SER B 143 17.24 3.03 -23.84
N THR B 144 17.42 2.15 -22.85
CA THR B 144 17.97 2.55 -21.55
C THR B 144 18.58 1.38 -20.81
N GLU B 145 19.26 1.65 -19.71
CA GLU B 145 19.77 0.61 -18.86
C GLU B 145 18.92 0.60 -17.60
N PHE B 146 18.41 -0.58 -17.29
CA PHE B 146 17.68 -0.79 -16.06
C PHE B 146 18.63 -1.25 -14.95
N LEU B 147 18.79 -0.38 -13.96
CA LEU B 147 19.70 -0.63 -12.85
C LEU B 147 19.06 -1.32 -11.67
N ASP B 148 17.79 -1.05 -11.40
CA ASP B 148 17.12 -1.72 -10.29
C ASP B 148 15.81 -2.32 -10.72
N MET B 149 15.13 -2.98 -9.78
CA MET B 149 13.92 -3.72 -10.09
C MET B 149 12.65 -2.91 -9.91
N ILE B 150 12.77 -1.68 -9.44
CA ILE B 150 11.62 -0.80 -9.22
C ILE B 150 11.39 0.25 -10.31
N THR B 151 12.44 0.97 -10.71
CA THR B 151 12.29 2.05 -11.67
C THR B 151 11.65 1.64 -13.00
N PRO B 152 11.88 0.41 -13.48
CA PRO B 152 11.22 0.03 -14.73
C PRO B 152 9.73 0.21 -14.81
N GLN B 153 9.01 0.02 -13.71
CA GLN B 153 7.57 0.18 -13.70
C GLN B 153 7.11 1.59 -14.05
N TYR B 154 8.01 2.55 -13.93
CA TYR B 154 7.68 3.92 -14.19
C TYR B 154 7.82 4.30 -15.67
N TYR B 155 8.65 3.61 -16.44
CA TYR B 155 8.72 3.91 -17.88
C TYR B 155 9.08 2.79 -18.87
N ALA B 156 9.10 1.54 -18.43
CA ALA B 156 9.48 0.46 -19.33
C ALA B 156 8.55 0.36 -20.53
N ASP B 157 7.34 0.85 -20.38
CA ASP B 157 6.36 0.85 -21.47
C ASP B 157 6.80 1.73 -22.66
N LEU B 158 7.72 2.67 -22.41
CA LEU B 158 8.24 3.58 -23.41
C LEU B 158 9.61 3.17 -23.96
N ILE B 159 10.06 1.95 -23.66
CA ILE B 159 11.42 1.54 -23.98
C ILE B 159 11.40 0.41 -24.97
N SER B 160 12.24 0.53 -25.98
CA SER B 160 12.23 -0.38 -27.12
C SER B 160 13.35 -1.37 -27.08
N TRP B 161 14.39 -1.04 -26.32
CA TRP B 161 15.51 -1.94 -26.09
C TRP B 161 16.13 -1.64 -24.74
N GLY B 162 16.55 -2.67 -24.02
CA GLY B 162 17.06 -2.49 -22.66
C GLY B 162 18.45 -3.05 -22.52
N ALA B 163 19.27 -2.45 -21.67
CA ALA B 163 20.56 -3.05 -21.39
C ALA B 163 20.61 -3.48 -19.95
N ILE B 164 21.29 -4.59 -19.72
CA ILE B 164 21.84 -4.90 -18.40
C ILE B 164 23.32 -4.64 -18.47
N GLY B 165 23.81 -3.76 -17.61
CA GLY B 165 25.21 -3.40 -17.57
C GLY B 165 26.21 -4.49 -17.21
N ALA B 166 27.46 -4.26 -17.59
CA ALA B 166 28.56 -5.15 -17.30
C ALA B 166 28.64 -5.55 -15.82
N ARG B 167 28.26 -4.61 -14.95
CA ARG B 167 28.36 -4.77 -13.53
C ARG B 167 27.26 -5.63 -12.90
N THR B 168 26.20 -5.91 -13.67
CA THR B 168 25.04 -6.58 -13.16
C THR B 168 24.62 -7.74 -14.05
N THR B 169 25.41 -8.05 -15.07
CA THR B 169 25.08 -9.13 -15.99
C THR B 169 25.08 -10.51 -15.28
N GLU B 170 26.03 -10.66 -14.36
CA GLU B 170 26.14 -11.85 -13.49
C GLU B 170 25.11 -11.88 -12.35
N SER B 171 24.43 -10.78 -12.07
CA SER B 171 23.50 -10.72 -10.93
C SER B 171 22.18 -11.44 -11.21
N GLN B 172 21.85 -12.43 -10.36
CA GLN B 172 20.64 -13.22 -10.55
C GLN B 172 19.37 -12.42 -10.64
N VAL B 173 19.21 -11.46 -9.76
CA VAL B 173 17.99 -10.71 -9.76
C VAL B 173 17.90 -9.85 -11.05
N HIS B 174 19.03 -9.44 -11.62
CA HIS B 174 18.99 -8.65 -12.87
C HIS B 174 18.61 -9.51 -14.05
N ARG B 175 19.03 -10.76 -14.00
CA ARG B 175 18.60 -11.70 -15.00
C ARG B 175 17.10 -11.96 -14.90
N GLU B 176 16.58 -12.04 -13.69
CA GLU B 176 15.16 -12.32 -13.49
C GLU B 176 14.34 -11.15 -13.97
N LEU B 177 14.80 -9.95 -13.64
CA LEU B 177 14.23 -8.74 -14.21
C LEU B 177 14.17 -8.85 -15.72
N ALA B 178 15.29 -9.18 -16.35
CA ALA B 178 15.28 -9.21 -17.83
C ALA B 178 14.25 -10.23 -18.36
N SER B 179 14.03 -11.31 -17.61
CA SER B 179 13.07 -12.34 -18.00
C SER B 179 11.66 -11.82 -18.09
N GLY B 180 11.39 -10.71 -17.39
CA GLY B 180 10.07 -10.08 -17.44
C GLY B 180 9.96 -8.78 -18.24
N LEU B 181 11.07 -8.31 -18.80
CA LEU B 181 11.06 -7.02 -19.54
C LEU B 181 10.38 -7.15 -20.91
N SER B 182 9.44 -6.27 -21.21
CA SER B 182 8.69 -6.38 -22.43
C SER B 182 9.56 -6.17 -23.69
N CYS B 183 10.73 -5.58 -23.51
CA CYS B 183 11.59 -5.21 -24.62
C CYS B 183 12.73 -6.20 -24.77
N PRO B 184 13.33 -6.26 -25.96
CA PRO B 184 14.57 -7.00 -26.06
C PRO B 184 15.65 -6.44 -25.12
N VAL B 185 16.61 -7.28 -24.73
CA VAL B 185 17.62 -6.91 -23.74
C VAL B 185 19.00 -7.35 -24.19
N GLY B 186 19.97 -6.45 -24.01
CA GLY B 186 21.38 -6.73 -24.30
C GLY B 186 22.16 -6.93 -23.01
N PHE B 187 22.93 -8.02 -22.92
CA PHE B 187 23.76 -8.26 -21.76
C PHE B 187 25.22 -8.05 -22.11
N LYS B 188 25.90 -7.18 -21.38
CA LYS B 188 27.29 -6.92 -21.68
C LYS B 188 28.18 -7.99 -21.06
N ASN B 189 29.31 -8.26 -21.68
CA ASN B 189 30.34 -9.06 -21.02
C ASN B 189 30.89 -8.29 -19.84
N GLY B 190 31.56 -9.00 -18.95
CA GLY B 190 31.99 -8.43 -17.67
C GLY B 190 33.12 -7.43 -17.81
N THR B 191 33.33 -6.65 -16.76
CA THR B 191 34.26 -5.54 -16.81
C THR B 191 35.71 -5.97 -17.04
N ASP B 192 36.06 -7.23 -16.77
CA ASP B 192 37.37 -7.77 -17.17
C ASP B 192 37.29 -8.65 -18.45
N GLY B 193 36.20 -8.58 -19.21
CA GLY B 193 36.09 -9.26 -20.49
C GLY B 193 35.43 -10.63 -20.53
N ASN B 194 34.90 -11.10 -19.40
CA ASN B 194 34.29 -12.43 -19.34
C ASN B 194 33.00 -12.42 -20.13
N LEU B 195 32.91 -13.29 -21.14
CA LEU B 195 31.73 -13.41 -22.00
C LEU B 195 30.72 -14.47 -21.54
N LYS B 196 31.21 -15.55 -20.94
CA LYS B 196 30.35 -16.62 -20.39
C LYS B 196 29.19 -16.09 -19.57
N ILE B 197 29.46 -15.11 -18.70
CA ILE B 197 28.41 -14.58 -17.83
C ILE B 197 27.26 -13.97 -18.61
N ALA B 198 27.53 -13.43 -19.79
CA ALA B 198 26.49 -12.84 -20.61
C ALA B 198 25.71 -13.92 -21.36
N ILE B 199 26.42 -14.95 -21.78
CA ILE B 199 25.77 -16.10 -22.43
C ILE B 199 24.86 -16.80 -21.42
N ASP B 200 25.40 -17.08 -20.24
CA ASP B 200 24.62 -17.57 -19.13
C ASP B 200 23.40 -16.71 -18.90
N ALA B 201 23.61 -15.39 -18.88
CA ALA B 201 22.53 -14.46 -18.57
C ALA B 201 21.41 -14.58 -19.59
N ILE B 202 21.76 -14.73 -20.86
CA ILE B 202 20.73 -14.92 -21.87
C ILE B 202 19.92 -16.18 -21.62
N GLY B 203 20.61 -17.26 -21.27
CA GLY B 203 19.95 -18.52 -21.00
C GLY B 203 18.95 -18.37 -19.86
N ALA B 204 19.43 -17.87 -18.73
CA ALA B 204 18.58 -17.58 -17.59
C ALA B 204 17.39 -16.64 -17.95
N ALA B 205 17.68 -15.56 -18.65
CA ALA B 205 16.65 -14.57 -18.96
C ALA B 205 15.55 -15.10 -19.85
N SER B 206 15.86 -16.11 -20.66
CA SER B 206 14.84 -16.72 -21.52
C SER B 206 13.85 -17.62 -20.76
N HIS B 207 14.10 -17.92 -19.49
CA HIS B 207 13.22 -18.81 -18.71
C HIS B 207 12.32 -18.00 -17.78
N SER B 208 11.20 -18.59 -17.40
CA SER B 208 10.33 -18.00 -16.39
C SER B 208 11.05 -17.90 -15.02
N HIS B 209 10.80 -16.82 -14.29
CA HIS B 209 11.32 -16.67 -12.94
C HIS B 209 10.26 -16.07 -12.07
N HIS B 210 10.44 -16.18 -10.74
CA HIS B 210 9.63 -15.47 -9.75
C HIS B 210 10.56 -14.50 -9.03
N PHE B 211 10.32 -13.19 -9.17
CA PHE B 211 11.07 -12.21 -8.41
C PHE B 211 10.16 -11.22 -7.65
N LEU B 212 10.73 -10.52 -6.69
CA LEU B 212 9.94 -9.66 -5.83
C LEU B 212 10.11 -8.26 -6.35
N SER B 213 8.99 -7.58 -6.52
CA SER B 213 9.04 -6.23 -7.00
C SER B 213 7.81 -5.46 -6.57
N VAL B 214 7.44 -4.47 -7.34
CA VAL B 214 6.41 -3.58 -6.94
C VAL B 214 5.39 -3.50 -8.06
N THR B 215 4.11 -3.47 -7.71
CA THR B 215 3.05 -3.29 -8.70
C THR B 215 3.04 -1.86 -9.19
N LYS B 216 2.29 -1.60 -10.25
CA LYS B 216 2.11 -0.25 -10.72
C LYS B 216 1.62 0.65 -9.59
N ALA B 217 0.92 0.06 -8.64
CA ALA B 217 0.35 0.81 -7.53
C ALA B 217 1.32 1.03 -6.38
N GLY B 218 2.54 0.55 -6.51
CA GLY B 218 3.56 0.78 -5.49
C GLY B 218 3.56 -0.20 -4.34
N HIS B 219 2.90 -1.34 -4.51
CA HIS B 219 2.83 -2.38 -3.47
C HIS B 219 3.69 -3.57 -3.81
N SER B 220 4.43 -4.09 -2.83
CA SER B 220 5.31 -5.24 -3.07
C SER B 220 4.50 -6.45 -3.50
N ALA B 221 5.05 -7.22 -4.42
CA ALA B 221 4.35 -8.34 -5.00
C ALA B 221 5.33 -9.35 -5.54
N ILE B 222 4.80 -10.53 -5.87
CA ILE B 222 5.59 -11.58 -6.50
C ILE B 222 5.28 -11.55 -7.98
N VAL B 223 6.29 -11.33 -8.80
CA VAL B 223 6.07 -11.29 -10.24
C VAL B 223 6.58 -12.58 -10.86
N HIS B 224 5.68 -13.22 -11.59
CA HIS B 224 5.97 -14.46 -12.27
C HIS B 224 6.13 -14.08 -13.75
N THR B 225 7.35 -14.23 -14.27
CA THR B 225 7.67 -13.88 -15.63
C THR B 225 7.55 -15.06 -16.59
N GLY B 226 7.36 -14.71 -17.87
CA GLY B 226 7.20 -15.69 -18.95
C GLY B 226 8.50 -16.02 -19.66
N GLY B 227 9.56 -15.26 -19.41
CA GLY B 227 10.83 -15.46 -20.11
C GLY B 227 10.98 -14.48 -21.25
N ASN B 228 12.21 -14.08 -21.52
CA ASN B 228 12.56 -13.12 -22.60
C ASN B 228 13.33 -13.76 -23.73
N PRO B 229 12.67 -14.04 -24.86
CA PRO B 229 13.38 -14.73 -25.95
C PRO B 229 14.30 -13.83 -26.77
N ASP B 230 14.22 -12.52 -26.56
CA ASP B 230 14.89 -11.56 -27.40
C ASP B 230 16.08 -10.95 -26.69
N CYS B 231 16.86 -11.80 -26.03
CA CYS B 231 18.10 -11.34 -25.42
C CYS B 231 19.31 -11.65 -26.29
N HIS B 232 20.37 -10.88 -26.10
CA HIS B 232 21.61 -11.08 -26.83
C HIS B 232 22.76 -10.48 -26.04
N VAL B 233 23.98 -10.71 -26.52
CA VAL B 233 25.16 -10.21 -25.83
C VAL B 233 25.67 -8.93 -26.48
N ILE B 234 26.49 -8.21 -25.71
CA ILE B 234 27.14 -7.01 -26.16
C ILE B 234 28.62 -7.14 -25.85
N LEU B 235 29.46 -7.03 -26.88
CA LEU B 235 30.90 -7.04 -26.69
C LEU B 235 31.33 -5.61 -26.37
N ARG B 236 31.81 -5.39 -25.15
CA ARG B 236 32.25 -4.06 -24.68
C ARG B 236 33.68 -4.06 -24.16
N GLY B 237 34.48 -5.03 -24.58
CA GLY B 237 35.87 -5.10 -24.18
C GLY B 237 36.07 -5.53 -22.74
N GLY B 238 37.31 -5.84 -22.42
CA GLY B 238 37.70 -6.27 -21.08
C GLY B 238 39.01 -5.63 -20.71
N LYS B 239 39.97 -6.43 -20.27
CA LYS B 239 41.35 -5.98 -20.09
C LYS B 239 41.94 -5.54 -21.45
N GLU B 240 41.52 -6.24 -22.52
CA GLU B 240 41.81 -5.86 -23.90
C GLU B 240 40.48 -5.67 -24.65
N PRO B 241 40.49 -4.93 -25.77
CA PRO B 241 39.30 -4.82 -26.61
C PRO B 241 38.90 -6.12 -27.28
N ASN B 242 37.59 -6.31 -27.48
CA ASN B 242 37.06 -7.53 -28.08
C ASN B 242 36.09 -7.28 -29.25
N TYR B 243 36.35 -6.27 -30.06
CA TYR B 243 35.48 -5.93 -31.18
C TYR B 243 35.81 -6.58 -32.51
N ASP B 244 37.07 -6.99 -32.71
CA ASP B 244 37.52 -7.45 -34.05
C ASP B 244 36.83 -8.76 -34.52
N ALA B 245 37.08 -9.10 -35.77
CA ALA B 245 36.48 -10.27 -36.43
C ALA B 245 36.78 -11.61 -35.75
N GLU B 246 37.97 -11.74 -35.16
CA GLU B 246 38.35 -12.97 -34.45
C GLU B 246 37.53 -13.13 -33.18
N HIS B 247 37.46 -12.06 -32.39
CA HIS B 247 36.64 -12.07 -31.17
C HIS B 247 35.17 -12.30 -31.51
N VAL B 248 34.68 -11.63 -32.55
CA VAL B 248 33.31 -11.84 -32.98
C VAL B 248 33.09 -13.30 -33.32
N SER B 249 34.04 -13.87 -34.05
CA SER B 249 33.91 -15.25 -34.48
C SER B 249 33.92 -16.24 -33.33
N GLU B 250 34.77 -15.97 -32.33
CA GLU B 250 34.89 -16.82 -31.15
C GLU B 250 33.67 -16.65 -30.26
N ALA B 251 33.13 -15.43 -30.20
CA ALA B 251 31.89 -15.19 -29.48
C ALA B 251 30.74 -15.97 -30.09
N ALA B 252 30.62 -15.92 -31.40
CA ALA B 252 29.52 -16.57 -32.11
C ALA B 252 29.59 -18.09 -31.95
N GLU B 253 30.79 -18.64 -32.01
CA GLU B 253 31.00 -20.08 -31.70
C GLU B 253 30.48 -20.40 -30.29
N GLN B 254 30.83 -19.57 -29.32
CA GLN B 254 30.36 -19.82 -27.94
C GLN B 254 28.85 -19.74 -27.81
N LEU B 255 28.24 -18.79 -28.52
CA LEU B 255 26.80 -18.58 -28.42
C LEU B 255 26.04 -19.74 -29.01
N ARG B 256 26.47 -20.16 -30.21
CA ARG B 256 25.91 -21.34 -30.87
C ARG B 256 26.10 -22.59 -30.04
N ALA B 257 27.27 -22.73 -29.39
CA ALA B 257 27.52 -23.86 -28.50
C ALA B 257 26.52 -23.91 -27.34
N ALA B 258 26.13 -22.74 -26.84
CA ALA B 258 25.14 -22.67 -25.75
C ALA B 258 23.68 -22.68 -26.23
N GLY B 259 23.43 -22.78 -27.53
CA GLY B 259 22.06 -22.87 -28.05
C GLY B 259 21.33 -21.55 -28.05
N VAL B 260 22.07 -20.45 -28.00
CA VAL B 260 21.47 -19.09 -28.02
C VAL B 260 21.85 -18.37 -29.30
N THR B 261 21.11 -17.31 -29.63
CA THR B 261 21.37 -16.50 -30.80
C THR B 261 22.84 -16.10 -30.87
N ASP B 262 23.42 -16.26 -32.06
CA ASP B 262 24.81 -15.87 -32.31
C ASP B 262 24.87 -14.50 -33.00
N LYS B 263 23.75 -13.79 -33.02
CA LYS B 263 23.69 -12.40 -33.46
C LYS B 263 23.96 -11.52 -32.22
N LEU B 264 24.97 -10.64 -32.33
CA LEU B 264 25.46 -9.90 -31.17
C LEU B 264 25.66 -8.41 -31.50
N MET B 265 25.94 -7.63 -30.47
CA MET B 265 26.09 -6.20 -30.61
C MET B 265 27.49 -5.89 -30.15
N ILE B 266 28.09 -4.85 -30.74
CA ILE B 266 29.44 -4.42 -30.39
C ILE B 266 29.39 -2.98 -29.89
N ASP B 267 29.91 -2.77 -28.68
CA ASP B 267 29.96 -1.43 -28.13
C ASP B 267 31.24 -0.77 -28.67
N CYS B 268 31.08 0.38 -29.32
CA CYS B 268 32.22 1.14 -29.83
C CYS B 268 32.93 1.98 -28.75
N SER B 269 32.27 2.17 -27.60
CA SER B 269 32.81 2.98 -26.50
C SER B 269 33.35 2.14 -25.34
N HIS B 270 33.50 2.78 -24.19
CA HIS B 270 33.91 2.16 -22.93
C HIS B 270 35.26 1.44 -23.02
N ALA B 271 35.33 0.13 -22.72
CA ALA B 271 36.60 -0.59 -22.75
C ALA B 271 37.10 -0.87 -24.17
N ASN B 272 36.19 -0.96 -25.14
CA ASN B 272 36.58 -1.21 -26.54
C ASN B 272 37.32 -0.03 -27.19
N SER B 273 37.04 1.18 -26.73
CA SER B 273 37.75 2.38 -27.16
C SER B 273 38.89 2.74 -26.20
N ARG B 274 39.10 1.93 -25.18
CA ARG B 274 40.08 2.21 -24.11
C ARG B 274 39.71 3.49 -23.34
N LYS B 275 38.42 3.78 -23.27
CA LYS B 275 37.89 5.00 -22.64
C LYS B 275 38.46 6.28 -23.29
N ASP B 276 38.74 6.24 -24.59
CA ASP B 276 39.10 7.43 -25.37
C ASP B 276 38.04 7.59 -26.47
N TYR B 277 37.23 8.63 -26.36
CA TYR B 277 36.09 8.80 -27.28
C TYR B 277 36.48 8.87 -28.74
N THR B 278 37.68 9.38 -29.02
CA THR B 278 38.24 9.41 -30.37
C THR B 278 38.27 8.02 -31.03
N ARG B 279 38.54 6.98 -30.25
CA ARG B 279 38.71 5.63 -30.77
C ARG B 279 37.41 4.91 -31.20
N GLN B 280 36.25 5.43 -30.79
CA GLN B 280 34.96 4.88 -31.23
C GLN B 280 34.91 4.73 -32.74
N MET B 281 35.39 5.74 -33.44
CA MET B 281 35.40 5.71 -34.90
C MET B 281 36.31 4.60 -35.42
N GLU B 282 37.45 4.38 -34.78
CA GLU B 282 38.34 3.26 -35.16
C GLU B 282 37.61 1.91 -35.04
N VAL B 283 36.85 1.73 -33.95
CA VAL B 283 36.06 0.52 -33.74
C VAL B 283 35.02 0.41 -34.84
N ALA B 284 34.34 1.53 -35.13
CA ALA B 284 33.29 1.56 -36.16
C ALA B 284 33.86 1.18 -37.51
N GLN B 285 35.01 1.77 -37.84
CA GLN B 285 35.72 1.41 -39.05
C GLN B 285 35.98 -0.08 -39.08
N ASP B 286 36.56 -0.58 -38.00
CA ASP B 286 36.78 -2.02 -37.92
C ASP B 286 35.47 -2.81 -38.17
N ILE B 287 34.38 -2.36 -37.57
CA ILE B 287 33.09 -3.02 -37.74
C ILE B 287 32.62 -2.92 -39.20
N ALA B 288 32.70 -1.72 -39.78
CA ALA B 288 32.40 -1.51 -41.19
C ALA B 288 33.18 -2.50 -42.08
N ALA B 289 34.49 -2.61 -41.83
CA ALA B 289 35.34 -3.57 -42.57
C ALA B 289 34.85 -5.03 -42.43
N GLN B 290 34.40 -5.42 -41.24
CA GLN B 290 33.82 -6.75 -41.07
C GLN B 290 32.54 -6.91 -41.88
N LEU B 291 31.75 -5.85 -41.98
CA LEU B 291 30.47 -5.93 -42.67
C LEU B 291 30.64 -6.15 -44.17
N GLU B 292 31.74 -5.65 -44.72
CA GLU B 292 32.02 -5.84 -46.15
C GLU B 292 32.49 -7.28 -46.41
N GLN B 293 33.40 -7.79 -45.56
CA GLN B 293 34.01 -9.12 -45.73
C GLN B 293 33.02 -10.26 -45.47
N ASP B 294 32.26 -10.16 -44.39
CA ASP B 294 31.22 -11.13 -44.05
C ASP B 294 30.36 -10.52 -42.95
N GLY B 295 30.76 -10.71 -41.69
CA GLY B 295 30.12 -10.04 -40.55
C GLY B 295 28.65 -10.33 -40.34
N GLY B 296 28.22 -11.54 -40.71
CA GLY B 296 26.84 -11.99 -40.49
C GLY B 296 26.43 -12.17 -39.03
N ASN B 297 27.40 -12.24 -38.10
CA ASN B 297 27.05 -12.33 -36.68
C ASN B 297 26.80 -10.98 -36.00
N ILE B 298 27.04 -9.86 -36.68
CA ILE B 298 26.83 -8.54 -36.06
C ILE B 298 25.42 -8.02 -36.34
N MET B 299 24.63 -7.84 -35.28
CA MET B 299 23.27 -7.31 -35.44
C MET B 299 23.10 -5.91 -34.91
N GLY B 300 24.11 -5.39 -34.22
CA GLY B 300 23.99 -4.09 -33.56
C GLY B 300 25.33 -3.50 -33.18
N VAL B 301 25.33 -2.18 -33.04
CA VAL B 301 26.48 -1.44 -32.49
C VAL B 301 25.98 -0.42 -31.47
N MET B 302 26.88 0.03 -30.61
CA MET B 302 26.57 0.98 -29.57
C MET B 302 27.55 2.15 -29.67
N VAL B 303 27.05 3.37 -29.54
CA VAL B 303 27.86 4.55 -29.75
C VAL B 303 27.50 5.64 -28.76
N GLU B 304 28.52 6.15 -28.07
CA GLU B 304 28.32 7.25 -27.13
C GLU B 304 28.55 8.58 -27.85
N SER B 305 27.45 9.33 -28.02
CA SER B 305 27.38 10.45 -28.95
C SER B 305 26.56 11.58 -28.38
N HIS B 306 26.95 12.81 -28.68
CA HIS B 306 26.22 13.99 -28.23
C HIS B 306 26.35 15.13 -29.26
N LEU B 307 25.73 16.27 -28.97
CA LEU B 307 25.79 17.41 -29.86
C LEU B 307 27.22 17.90 -29.93
N VAL B 308 27.91 17.84 -28.79
CA VAL B 308 29.26 18.35 -28.63
C VAL B 308 30.16 17.26 -28.02
N GLU B 309 31.42 17.25 -28.46
CA GLU B 309 32.38 16.18 -28.14
C GLU B 309 32.90 16.23 -26.71
N GLY B 310 33.64 15.20 -26.31
CA GLY B 310 34.28 15.21 -25.00
C GLY B 310 33.34 15.19 -23.79
N ARG B 311 33.83 15.78 -22.71
CA ARG B 311 33.26 15.63 -21.37
C ARG B 311 33.52 16.87 -20.50
N GLN B 312 32.68 17.07 -19.50
CA GLN B 312 32.92 18.09 -18.46
C GLN B 312 32.53 17.62 -17.06
N ASP B 313 33.16 18.20 -16.04
CA ASP B 313 32.88 17.84 -14.65
C ASP B 313 31.58 18.47 -14.18
N LYS B 314 31.33 19.71 -14.60
CA LYS B 314 30.07 20.41 -14.29
C LYS B 314 29.30 20.66 -15.59
N PRO B 315 27.97 20.75 -15.51
CA PRO B 315 27.16 20.94 -16.71
C PRO B 315 27.17 22.38 -17.21
N GLU B 316 28.34 22.88 -17.61
CA GLU B 316 28.49 24.28 -18.03
C GLU B 316 28.13 24.46 -19.51
N VAL B 317 28.76 23.66 -20.37
CA VAL B 317 28.51 23.70 -21.80
C VAL B 317 27.28 22.87 -22.21
N TYR B 318 26.37 23.49 -22.96
CA TYR B 318 25.19 22.81 -23.55
C TYR B 318 25.58 21.56 -24.35
N GLY B 319 24.74 20.53 -24.31
CA GLY B 319 24.94 19.35 -25.16
C GLY B 319 26.30 18.64 -25.09
N LYS B 320 26.93 18.67 -23.92
CA LYS B 320 28.20 17.98 -23.70
C LYS B 320 28.12 17.08 -22.47
N SER B 321 28.41 15.79 -22.65
CA SER B 321 28.31 14.81 -21.57
C SER B 321 29.03 15.25 -20.31
N ILE B 322 28.47 14.88 -19.16
CA ILE B 322 29.13 15.03 -17.86
C ILE B 322 29.55 13.69 -17.25
N THR B 323 29.42 12.62 -18.02
CA THR B 323 29.83 11.28 -17.57
C THR B 323 30.94 10.79 -18.51
N ASP B 324 30.76 9.68 -19.23
CA ASP B 324 31.76 9.26 -20.23
C ASP B 324 31.79 10.25 -21.39
N ALA B 325 32.98 10.40 -21.98
CA ALA B 325 33.22 11.36 -23.05
C ALA B 325 32.57 10.87 -24.36
N CYS B 326 31.95 11.79 -25.09
CA CYS B 326 31.21 11.42 -26.29
C CYS B 326 31.77 12.09 -27.52
N ILE B 327 31.53 11.45 -28.66
CA ILE B 327 31.79 12.07 -29.92
C ILE B 327 30.71 13.10 -30.12
N GLY B 328 31.02 14.10 -30.94
CA GLY B 328 30.17 15.29 -31.11
C GLY B 328 29.34 15.02 -32.33
N TRP B 329 28.52 16.00 -32.70
CA TRP B 329 27.53 15.73 -33.74
C TRP B 329 28.23 15.41 -35.03
N GLY B 330 29.25 16.19 -35.37
CA GLY B 330 30.01 15.90 -36.57
C GLY B 330 30.19 14.36 -36.58
N ALA B 331 31.20 14.00 -35.72
CA ALA B 331 31.76 12.66 -35.77
C ALA B 331 30.67 11.58 -35.79
N THR B 332 29.49 11.94 -35.27
CA THR B 332 28.30 11.10 -35.41
C THR B 332 27.78 11.01 -36.86
N GLU B 333 27.67 12.13 -37.60
CA GLU B 333 27.30 12.06 -39.04
C GLU B 333 28.23 11.13 -39.80
N GLU B 334 29.53 11.22 -39.51
CA GLU B 334 30.52 10.34 -40.14
C GLU B 334 30.33 8.85 -39.75
N LEU B 335 30.34 8.59 -38.45
CA LEU B 335 30.16 7.20 -37.99
C LEU B 335 28.91 6.52 -38.54
N LEU B 336 27.82 7.28 -38.60
CA LEU B 336 26.58 6.71 -39.07
C LEU B 336 26.54 6.46 -40.54
N ALA B 337 27.04 7.42 -41.34
CA ALA B 337 27.18 7.19 -42.76
C ALA B 337 28.05 5.94 -42.91
N LEU B 338 29.20 5.95 -42.26
CA LEU B 338 30.17 4.89 -42.45
C LEU B 338 29.49 3.54 -42.22
N LEU B 339 28.70 3.43 -41.15
CA LEU B 339 28.02 2.17 -40.90
C LEU B 339 26.92 1.88 -41.91
N ALA B 340 26.17 2.91 -42.29
CA ALA B 340 25.13 2.77 -43.32
C ALA B 340 25.71 2.26 -44.64
N GLY B 341 26.77 2.91 -45.12
CA GLY B 341 27.39 2.55 -46.39
C GLY B 341 27.80 1.08 -46.39
N ALA B 342 28.51 0.71 -45.33
CA ALA B 342 29.03 -0.64 -45.18
C ALA B 342 27.92 -1.71 -45.12
N ASN B 343 26.82 -1.44 -44.42
CA ASN B 343 25.74 -2.42 -44.33
C ASN B 343 24.80 -2.49 -45.56
N LYS B 344 24.69 -1.39 -46.31
CA LYS B 344 24.00 -1.44 -47.64
C LYS B 344 24.57 -2.55 -48.51
N LYS B 345 25.90 -2.67 -48.47
CA LYS B 345 26.61 -3.75 -49.14
C LYS B 345 26.30 -5.13 -48.56
N ARG B 346 26.29 -5.25 -47.23
CA ARG B 346 25.92 -6.51 -46.58
C ARG B 346 24.58 -7.00 -47.12
N MET B 347 23.57 -6.15 -46.99
CA MET B 347 22.19 -6.49 -47.34
C MET B 347 21.91 -6.76 -48.84
N ALA B 348 22.85 -6.40 -49.71
CA ALA B 348 22.78 -6.84 -51.11
C ALA B 348 23.36 -8.25 -51.30
N ARG B 349 24.51 -8.49 -50.68
CA ARG B 349 25.28 -9.72 -50.87
C ARG B 349 25.05 -10.72 -49.74
N PRO C 6 0.36 25.98 8.61
CA PRO C 6 -0.04 24.57 8.78
C PRO C 6 -1.55 24.35 8.59
N THR C 7 -1.91 23.38 7.74
CA THR C 7 -3.34 23.06 7.48
C THR C 7 -3.69 21.58 7.51
N ASP C 8 -2.69 20.73 7.69
CA ASP C 8 -2.86 19.29 7.56
C ASP C 8 -2.67 18.56 8.90
N ASP C 9 -3.62 17.71 9.24
CA ASP C 9 -3.54 16.82 10.40
C ASP C 9 -3.25 17.57 11.71
N ILE C 10 -3.85 18.75 11.84
CA ILE C 10 -3.64 19.64 13.00
C ILE C 10 -4.14 18.97 14.27
N LYS C 11 -5.31 18.35 14.19
CA LYS C 11 -5.97 17.72 15.33
C LYS C 11 -5.80 16.19 15.33
N ILE C 12 -4.69 15.69 14.77
CA ILE C 12 -4.38 14.25 14.74
C ILE C 12 -3.22 13.99 15.68
N LYS C 13 -3.40 13.09 16.65
CA LYS C 13 -2.33 12.74 17.61
C LYS C 13 -1.32 11.76 17.00
N GLU C 14 -1.82 10.75 16.30
CA GLU C 14 -0.96 9.71 15.73
C GLU C 14 -1.66 8.91 14.64
N VAL C 15 -0.87 8.47 13.67
CA VAL C 15 -1.31 7.49 12.68
C VAL C 15 -0.51 6.22 12.94
N LYS C 16 -1.19 5.12 13.26
CA LYS C 16 -0.51 3.87 13.66
C LYS C 16 -0.72 2.74 12.65
N GLU C 17 0.24 1.82 12.66
CA GLU C 17 0.30 0.64 11.79
C GLU C 17 -0.92 -0.23 11.92
N LEU C 18 -1.52 -0.56 10.78
CA LEU C 18 -2.67 -1.41 10.75
C LEU C 18 -2.35 -2.55 9.82
N LEU C 19 -2.31 -3.78 10.38
CA LEU C 19 -2.13 -4.96 9.55
C LEU C 19 -3.33 -5.04 8.65
N PRO C 20 -3.12 -5.39 7.37
CA PRO C 20 -4.22 -5.54 6.41
C PRO C 20 -4.97 -6.87 6.57
N PRO C 21 -6.20 -6.96 6.04
CA PRO C 21 -6.97 -8.17 6.16
C PRO C 21 -6.20 -9.41 5.78
N ILE C 22 -5.43 -9.37 4.70
CA ILE C 22 -4.71 -10.59 4.26
C ILE C 22 -3.82 -11.17 5.32
N ALA C 23 -3.26 -10.34 6.18
CA ALA C 23 -2.45 -10.86 7.27
C ALA C 23 -3.30 -11.77 8.19
N HIS C 24 -4.54 -11.36 8.48
CA HIS C 24 -5.40 -12.16 9.35
C HIS C 24 -5.96 -13.35 8.58
N LEU C 25 -6.31 -13.12 7.32
CA LEU C 25 -6.79 -14.20 6.49
C LEU C 25 -5.77 -15.30 6.26
N TYR C 26 -4.49 -14.96 6.34
CA TYR C 26 -3.41 -15.92 6.15
C TYR C 26 -3.22 -16.76 7.41
N GLU C 27 -3.31 -16.13 8.59
CA GLU C 27 -3.22 -16.88 9.84
C GLU C 27 -4.49 -17.68 10.13
N LEU C 28 -5.65 -17.16 9.73
CA LEU C 28 -6.92 -17.78 10.07
C LEU C 28 -7.75 -17.90 8.80
N PRO C 29 -7.31 -18.76 7.87
CA PRO C 29 -8.09 -18.92 6.66
C PRO C 29 -9.42 -19.55 6.98
N ILE C 30 -10.44 -19.24 6.20
CA ILE C 30 -11.74 -19.84 6.39
C ILE C 30 -11.63 -21.33 6.10
N SER C 31 -12.26 -22.18 6.92
CA SER C 31 -12.23 -23.62 6.68
C SER C 31 -13.32 -24.03 5.66
N LYS C 32 -13.23 -25.26 5.16
CA LYS C 32 -14.29 -25.87 4.35
C LYS C 32 -15.64 -25.82 5.04
N GLU C 33 -15.65 -26.19 6.31
CA GLU C 33 -16.90 -26.31 7.07
C GLU C 33 -17.47 -24.92 7.33
N ALA C 34 -16.62 -23.98 7.71
CA ALA C 34 -17.10 -22.63 7.96
C ALA C 34 -17.68 -22.05 6.68
N SER C 35 -17.02 -22.27 5.54
CA SER C 35 -17.53 -21.76 4.27
C SER C 35 -18.89 -22.30 3.95
N GLY C 36 -19.04 -23.61 4.03
CA GLY C 36 -20.32 -24.28 3.79
C GLY C 36 -21.41 -23.74 4.70
N LEU C 37 -21.10 -23.54 5.97
CA LEU C 37 -22.07 -23.05 6.92
C LEU C 37 -22.47 -21.60 6.66
N VAL C 38 -21.48 -20.76 6.41
CA VAL C 38 -21.77 -19.36 6.04
C VAL C 38 -22.64 -19.32 4.77
N HIS C 39 -22.23 -20.08 3.77
CA HIS C 39 -22.94 -20.09 2.51
C HIS C 39 -24.39 -20.48 2.67
N ARG C 40 -24.58 -21.60 3.33
CA ARG C 40 -25.90 -22.19 3.51
C ARG C 40 -26.82 -21.32 4.36
N THR C 41 -26.29 -20.83 5.48
CA THR C 41 -27.05 -19.93 6.35
C THR C 41 -27.48 -18.62 5.66
N ARG C 42 -26.59 -18.04 4.87
CA ARG C 42 -26.96 -16.88 4.08
C ARG C 42 -28.13 -17.21 3.15
N GLN C 43 -28.05 -18.35 2.47
CA GLN C 43 -29.17 -18.79 1.63
C GLN C 43 -30.46 -18.97 2.41
N GLU C 44 -30.36 -19.73 3.51
CA GLU C 44 -31.50 -20.02 4.36
C GLU C 44 -32.14 -18.73 4.85
N ILE C 45 -31.32 -17.73 5.18
CA ILE C 45 -31.86 -16.44 5.60
C ILE C 45 -32.54 -15.71 4.45
N SER C 46 -31.93 -15.77 3.29
CA SER C 46 -32.52 -15.15 2.11
C SER C 46 -33.91 -15.72 1.82
N ASP C 47 -34.06 -17.03 1.96
CA ASP C 47 -35.33 -17.69 1.76
C ASP C 47 -36.40 -17.15 2.74
N LEU C 48 -35.98 -16.72 3.93
CA LEU C 48 -36.90 -16.14 4.91
C LEU C 48 -37.27 -14.72 4.55
N VAL C 49 -36.26 -13.92 4.19
CA VAL C 49 -36.46 -12.57 3.72
C VAL C 49 -37.47 -12.52 2.55
N HIS C 50 -37.44 -13.51 1.67
CA HIS C 50 -38.27 -13.47 0.44
C HIS C 50 -39.46 -14.39 0.50
N GLY C 51 -39.72 -14.98 1.67
CA GLY C 51 -40.94 -15.73 1.95
C GLY C 51 -41.04 -17.09 1.31
N ARG C 52 -39.91 -17.75 1.10
CA ARG C 52 -39.88 -19.09 0.54
C ARG C 52 -39.87 -20.11 1.64
N ASP C 53 -39.49 -19.69 2.84
CA ASP C 53 -39.47 -20.56 4.00
C ASP C 53 -40.04 -19.78 5.19
N LYS C 54 -40.76 -20.48 6.06
CA LYS C 54 -41.54 -19.82 7.09
C LYS C 54 -40.94 -20.00 8.48
N ARG C 55 -39.73 -20.55 8.55
CA ARG C 55 -39.00 -20.58 9.81
C ARG C 55 -38.69 -19.16 10.28
N LEU C 56 -38.49 -19.03 11.58
CA LEU C 56 -38.22 -17.75 12.18
C LEU C 56 -36.71 -17.61 12.46
N LEU C 57 -36.08 -16.65 11.80
CA LEU C 57 -34.69 -16.33 12.07
C LEU C 57 -34.61 -15.80 13.50
N VAL C 58 -33.73 -16.34 14.31
CA VAL C 58 -33.54 -15.81 15.65
C VAL C 58 -32.10 -15.35 15.78
N ILE C 59 -31.91 -14.05 15.83
CA ILE C 59 -30.59 -13.47 16.10
C ILE C 59 -30.52 -13.26 17.60
N ILE C 60 -29.72 -14.08 18.26
CA ILE C 60 -29.73 -14.15 19.72
C ILE C 60 -28.32 -14.31 20.28
N GLY C 61 -28.05 -13.60 21.34
CA GLY C 61 -26.76 -13.73 21.99
C GLY C 61 -26.44 -12.45 22.71
N PRO C 62 -25.20 -12.33 23.16
CA PRO C 62 -24.82 -11.17 23.96
C PRO C 62 -25.10 -9.83 23.32
N CYS C 63 -25.35 -8.79 24.12
CA CYS C 63 -25.43 -7.44 23.52
C CYS C 63 -24.11 -7.17 22.80
N SER C 64 -23.01 -7.44 23.49
CA SER C 64 -21.66 -7.32 22.94
C SER C 64 -20.78 -8.46 23.43
N ILE C 65 -19.76 -8.81 22.66
CA ILE C 65 -18.79 -9.81 23.07
C ILE C 65 -17.62 -9.12 23.77
N HIS C 66 -17.37 -9.43 25.02
CA HIS C 66 -16.16 -8.93 25.69
C HIS C 66 -15.21 -10.05 26.14
N ASP C 67 -15.60 -11.30 25.92
CA ASP C 67 -14.86 -12.45 26.42
C ASP C 67 -15.15 -13.63 25.51
N PRO C 68 -14.16 -14.03 24.71
CA PRO C 68 -14.33 -15.12 23.77
C PRO C 68 -14.58 -16.46 24.40
N LYS C 69 -13.97 -16.74 25.55
CA LYS C 69 -14.22 -18.00 26.24
C LYS C 69 -15.71 -18.15 26.53
N ALA C 70 -16.28 -17.10 27.12
CA ALA C 70 -17.69 -17.06 27.46
C ALA C 70 -18.53 -17.19 26.22
N ALA C 71 -18.12 -16.47 25.17
CA ALA C 71 -18.86 -16.50 23.93
C ALA C 71 -18.90 -17.91 23.40
N LEU C 72 -17.78 -18.61 23.45
CA LEU C 72 -17.76 -20.00 23.01
C LEU C 72 -18.64 -20.91 23.84
N GLU C 73 -18.57 -20.78 25.17
CA GLU C 73 -19.43 -21.61 26.02
C GLU C 73 -20.91 -21.34 25.71
N TYR C 74 -21.28 -20.07 25.61
CA TYR C 74 -22.63 -19.66 25.19
C TYR C 74 -23.04 -20.33 23.88
N ALA C 75 -22.16 -20.28 22.89
CA ALA C 75 -22.39 -20.92 21.60
C ALA C 75 -22.68 -22.42 21.76
N GLU C 76 -21.93 -23.10 22.61
CA GLU C 76 -22.09 -24.55 22.84
C GLU C 76 -23.51 -24.91 23.30
N ARG C 77 -24.01 -24.19 24.28
CA ARG C 77 -25.38 -24.35 24.74
C ARG C 77 -26.38 -23.91 23.68
N LEU C 78 -26.09 -22.80 22.97
CA LEU C 78 -27.03 -22.29 22.01
C LEU C 78 -27.15 -23.30 20.92
N LEU C 79 -26.02 -23.94 20.60
CA LEU C 79 -25.98 -24.90 19.50
C LEU C 79 -27.03 -25.99 19.65
N LYS C 80 -27.20 -26.49 20.87
CA LYS C 80 -28.12 -27.59 21.12
C LYS C 80 -29.55 -27.17 20.77
N LEU C 81 -29.89 -25.93 21.13
CA LEU C 81 -31.21 -25.41 20.85
C LEU C 81 -31.37 -25.07 19.38
N ARG C 82 -30.29 -24.63 18.72
CA ARG C 82 -30.30 -24.42 17.27
C ARG C 82 -30.73 -25.70 16.56
N LYS C 83 -30.17 -26.81 16.98
CA LYS C 83 -30.45 -28.10 16.36
C LYS C 83 -31.87 -28.53 16.72
N GLN C 84 -32.19 -28.40 18.00
CA GLN C 84 -33.46 -28.87 18.51
C GLN C 84 -34.63 -28.24 17.78
N TYR C 85 -34.51 -26.93 17.48
CA TYR C 85 -35.59 -26.20 16.86
C TYR C 85 -35.37 -25.92 15.37
N GLU C 86 -34.48 -26.67 14.72
CA GLU C 86 -34.08 -26.35 13.34
C GLU C 86 -35.21 -26.39 12.28
N ASN C 87 -36.35 -27.01 12.61
CA ASN C 87 -37.50 -27.03 11.70
C ASN C 87 -38.46 -25.89 11.91
N GLU C 88 -38.32 -25.19 13.04
CA GLU C 88 -39.16 -24.05 13.34
C GLU C 88 -38.38 -22.75 13.32
N LEU C 89 -37.17 -22.81 13.85
CA LEU C 89 -36.35 -21.64 14.03
C LEU C 89 -35.01 -21.83 13.33
N LEU C 90 -34.53 -20.75 12.73
CA LEU C 90 -33.18 -20.69 12.23
C LEU C 90 -32.40 -19.80 13.17
N ILE C 91 -31.63 -20.44 14.05
CA ILE C 91 -30.94 -19.74 15.14
C ILE C 91 -29.53 -19.39 14.71
N VAL C 92 -29.20 -18.09 14.86
CA VAL C 92 -27.89 -17.55 14.51
C VAL C 92 -27.44 -16.76 15.70
N MET C 93 -26.18 -16.86 16.09
CA MET C 93 -25.71 -16.16 17.26
C MET C 93 -25.37 -14.69 17.03
N ARG C 94 -25.74 -13.83 17.97
CA ARG C 94 -25.25 -12.45 18.00
C ARG C 94 -23.81 -12.42 18.40
N VAL C 95 -22.95 -11.96 17.49
CA VAL C 95 -21.53 -11.75 17.78
C VAL C 95 -21.15 -10.30 17.46
N TYR C 96 -21.63 -9.37 18.28
CA TYR C 96 -21.38 -7.94 18.10
C TYR C 96 -20.17 -7.57 18.93
N PHE C 97 -19.27 -6.77 18.36
CA PHE C 97 -18.03 -6.47 19.06
C PHE C 97 -18.08 -5.18 19.88
N GLU C 98 -18.91 -4.24 19.44
CA GLU C 98 -19.06 -2.94 20.10
C GLU C 98 -20.54 -2.51 20.09
N LYS C 99 -21.00 -1.93 21.20
CA LYS C 99 -22.24 -1.14 21.24
C LYS C 99 -21.90 0.34 21.05
N PRO C 100 -22.20 0.92 19.86
CA PRO C 100 -21.95 2.37 19.67
C PRO C 100 -22.62 3.21 20.76
N ARG C 101 -21.92 4.27 21.18
CA ARG C 101 -22.30 5.02 22.34
C ARG C 101 -21.94 6.49 22.19
N THR C 102 -22.86 7.37 22.56
CA THR C 102 -22.60 8.81 22.58
C THR C 102 -21.54 9.10 23.66
N THR C 103 -21.73 8.50 24.84
CA THR C 103 -20.87 8.72 26.00
C THR C 103 -19.56 7.93 25.94
N VAL C 104 -18.68 8.23 26.90
CA VAL C 104 -17.40 7.52 27.07
C VAL C 104 -17.60 6.25 27.90
N GLY C 105 -16.66 5.31 27.76
CA GLY C 105 -16.79 3.94 28.32
C GLY C 105 -16.06 2.92 27.45
N TRP C 106 -16.31 1.63 27.68
CA TRP C 106 -15.63 0.55 26.93
C TRP C 106 -16.04 0.52 25.47
N LYS C 107 -15.04 0.51 24.58
CA LYS C 107 -15.28 0.81 23.16
C LYS C 107 -15.42 -0.42 22.26
N GLY C 108 -15.75 -1.59 22.82
CA GLY C 108 -15.88 -2.85 22.05
C GLY C 108 -14.62 -3.71 22.03
N LEU C 109 -14.70 -4.94 21.54
CA LEU C 109 -13.56 -5.87 21.60
C LEU C 109 -12.49 -5.57 20.54
N ILE C 110 -12.94 -5.12 19.38
CA ILE C 110 -12.04 -4.75 18.31
C ILE C 110 -11.17 -3.56 18.73
N ASN C 111 -11.80 -2.50 19.19
CA ASN C 111 -11.06 -1.36 19.69
C ASN C 111 -10.25 -1.64 20.95
N ASP C 112 -10.88 -2.27 21.93
CA ASP C 112 -10.29 -2.44 23.24
C ASP C 112 -10.38 -3.90 23.70
N PRO C 113 -9.62 -4.79 23.03
CA PRO C 113 -9.71 -6.21 23.37
C PRO C 113 -9.25 -6.50 24.77
N HIS C 114 -8.35 -5.67 25.31
CA HIS C 114 -7.80 -5.92 26.63
C HIS C 114 -8.68 -5.39 27.76
N LEU C 115 -9.74 -4.65 27.44
CA LEU C 115 -10.68 -4.14 28.44
C LEU C 115 -9.95 -3.25 29.46
N ASP C 116 -9.03 -2.43 29.00
CA ASP C 116 -8.25 -1.56 29.91
C ASP C 116 -8.07 -0.14 29.40
N GLY C 117 -8.83 0.25 28.38
CA GLY C 117 -8.67 1.57 27.75
C GLY C 117 -7.49 1.75 26.82
N THR C 118 -6.65 0.72 26.64
CA THR C 118 -5.58 0.79 25.64
C THR C 118 -6.31 0.60 24.34
N PHE C 119 -5.66 0.90 23.22
CA PHE C 119 -6.22 0.54 21.94
C PHE C 119 -5.26 -0.48 21.37
N ASP C 120 -5.81 -1.60 20.91
CA ASP C 120 -5.04 -2.68 20.29
C ASP C 120 -5.91 -3.33 19.22
N ILE C 121 -6.14 -2.56 18.17
CA ILE C 121 -7.08 -2.91 17.11
C ILE C 121 -6.57 -4.08 16.29
N ASN C 122 -5.26 -4.15 16.08
CA ASN C 122 -4.67 -5.32 15.44
C ASN C 122 -4.99 -6.60 16.21
N PHE C 123 -4.78 -6.59 17.52
CA PHE C 123 -5.13 -7.74 18.38
C PHE C 123 -6.65 -7.96 18.36
N GLY C 124 -7.40 -6.87 18.50
CA GLY C 124 -8.85 -6.94 18.45
C GLY C 124 -9.40 -7.59 17.18
N LEU C 125 -8.87 -7.18 16.04
CA LEU C 125 -9.34 -7.74 14.79
C LEU C 125 -8.97 -9.20 14.70
N ARG C 126 -7.78 -9.56 15.18
CA ARG C 126 -7.36 -10.95 15.19
C ARG C 126 -8.25 -11.80 16.11
N GLN C 127 -8.53 -11.31 17.30
CA GLN C 127 -9.46 -11.99 18.21
C GLN C 127 -10.85 -12.14 17.61
N ALA C 128 -11.33 -11.08 16.98
CA ALA C 128 -12.68 -11.12 16.43
C ALA C 128 -12.79 -12.21 15.37
N ARG C 129 -11.83 -12.24 14.47
CA ARG C 129 -11.83 -13.27 13.44
C ARG C 129 -11.63 -14.67 14.03
N SER C 130 -10.76 -14.79 15.02
CA SER C 130 -10.49 -16.11 15.63
C SER C 130 -11.76 -16.69 16.22
N LEU C 131 -12.49 -15.86 16.96
CA LEU C 131 -13.76 -16.25 17.55
C LEU C 131 -14.75 -16.62 16.47
N LEU C 132 -14.88 -15.78 15.45
CA LEU C 132 -15.85 -16.07 14.39
C LEU C 132 -15.54 -17.39 13.66
N LEU C 133 -14.27 -17.64 13.41
CA LEU C 133 -13.87 -18.90 12.78
C LEU C 133 -14.18 -20.12 13.69
N SER C 134 -13.92 -20.02 14.99
CA SER C 134 -14.26 -21.12 15.92
C SER C 134 -15.77 -21.37 16.00
N LEU C 135 -16.55 -20.29 16.12
CA LEU C 135 -17.99 -20.44 16.17
C LEU C 135 -18.54 -21.19 14.98
N ASN C 136 -18.17 -20.75 13.78
CA ASN C 136 -18.58 -21.43 12.56
C ASN C 136 -18.10 -22.84 12.51
N ASN C 137 -16.89 -23.08 12.98
CA ASN C 137 -16.36 -24.43 12.95
C ASN C 137 -17.12 -25.41 13.85
N MET C 138 -17.69 -24.93 14.94
CA MET C 138 -18.44 -25.80 15.82
C MET C 138 -19.91 -25.95 15.38
N GLY C 139 -20.31 -25.18 14.36
CA GLY C 139 -21.65 -25.31 13.76
C GLY C 139 -22.55 -24.14 14.05
N MET C 140 -22.02 -23.10 14.69
CA MET C 140 -22.82 -21.95 15.05
C MET C 140 -22.54 -20.79 14.08
N PRO C 141 -23.51 -20.47 13.23
CA PRO C 141 -23.34 -19.28 12.39
C PRO C 141 -23.38 -18.02 13.21
N ALA C 142 -22.85 -16.95 12.63
CA ALA C 142 -22.65 -15.70 13.35
C ALA C 142 -23.25 -14.49 12.64
N SER C 143 -23.67 -13.51 13.44
CA SER C 143 -24.19 -12.26 12.92
C SER C 143 -23.45 -11.13 13.62
N THR C 144 -23.45 -9.94 13.01
CA THR C 144 -22.77 -8.80 13.64
C THR C 144 -23.23 -7.48 13.07
N GLU C 145 -22.94 -6.39 13.79
CA GLU C 145 -23.17 -5.05 13.26
C GLU C 145 -21.89 -4.51 12.63
N PHE C 146 -21.97 -4.14 11.36
CA PHE C 146 -20.86 -3.48 10.70
C PHE C 146 -20.98 -1.98 10.94
N LEU C 147 -20.01 -1.44 11.67
CA LEU C 147 -20.03 -0.04 12.04
C LEU C 147 -19.26 0.83 11.06
N ASP C 148 -18.15 0.34 10.53
CA ASP C 148 -17.41 1.15 9.54
C ASP C 148 -17.22 0.44 8.21
N MET C 149 -16.51 1.10 7.30
CA MET C 149 -16.32 0.60 5.95
C MET C 149 -15.10 -0.29 5.80
N ILE C 150 -14.24 -0.33 6.82
CA ILE C 150 -12.97 -1.02 6.75
C ILE C 150 -12.91 -2.35 7.51
N THR C 151 -13.44 -2.42 8.73
CA THR C 151 -13.44 -3.69 9.48
C THR C 151 -14.08 -4.89 8.77
N PRO C 152 -15.17 -4.70 8.00
CA PRO C 152 -15.76 -5.87 7.31
C PRO C 152 -14.80 -6.72 6.45
N GLN C 153 -13.78 -6.10 5.85
CA GLN C 153 -12.79 -6.89 5.10
C GLN C 153 -12.06 -7.92 5.97
N TYR C 154 -12.03 -7.72 7.26
CA TYR C 154 -11.29 -8.62 8.14
C TYR C 154 -12.07 -9.87 8.51
N TYR C 155 -13.39 -9.84 8.42
CA TYR C 155 -14.18 -11.04 8.82
C TYR C 155 -15.58 -11.22 8.27
N ALA C 156 -15.95 -10.44 7.28
CA ALA C 156 -17.29 -10.53 6.70
C ALA C 156 -17.53 -11.91 6.13
N ASP C 157 -16.46 -12.58 5.72
CA ASP C 157 -16.53 -13.91 5.16
C ASP C 157 -17.05 -14.96 6.15
N LEU C 158 -17.04 -14.60 7.44
CA LEU C 158 -17.50 -15.48 8.51
C LEU C 158 -18.89 -15.07 9.03
N ILE C 159 -19.53 -14.10 8.37
CA ILE C 159 -20.77 -13.51 8.88
C ILE C 159 -21.95 -13.90 7.99
N SER C 160 -22.99 -14.45 8.60
CA SER C 160 -24.13 -14.98 7.87
C SER C 160 -25.28 -13.99 7.80
N TRP C 161 -25.28 -13.00 8.70
CA TRP C 161 -26.28 -11.96 8.71
C TRP C 161 -25.67 -10.73 9.33
N GLY C 162 -25.98 -9.56 8.78
CA GLY C 162 -25.35 -8.33 9.23
C GLY C 162 -26.39 -7.29 9.56
N ALA C 163 -26.05 -6.40 10.48
CA ALA C 163 -26.96 -5.36 10.85
C ALA C 163 -26.30 -4.03 10.58
N ILE C 164 -27.13 -3.09 10.15
CA ILE C 164 -26.79 -1.69 10.15
C ILE C 164 -27.66 -1.05 11.22
N GLY C 165 -26.99 -0.47 12.22
CA GLY C 165 -27.68 0.11 13.38
C GLY C 165 -28.57 1.30 13.11
N ALA C 166 -29.40 1.64 14.09
CA ALA C 166 -30.37 2.72 13.98
C ALA C 166 -29.70 4.05 13.72
N ARG C 167 -28.47 4.16 14.15
CA ARG C 167 -27.69 5.39 14.08
CA ARG C 167 -27.72 5.40 14.07
C ARG C 167 -27.04 5.59 12.72
N THR C 168 -27.10 4.57 11.87
CA THR C 168 -26.40 4.60 10.59
C THR C 168 -27.27 4.14 9.43
N THR C 169 -28.50 3.74 9.70
CA THR C 169 -29.38 3.28 8.65
C THR C 169 -29.59 4.41 7.61
N GLU C 170 -29.63 5.67 8.08
CA GLU C 170 -29.85 6.82 7.23
C GLU C 170 -28.54 7.27 6.54
N SER C 171 -27.39 6.74 6.96
CA SER C 171 -26.09 7.13 6.41
C SER C 171 -25.87 6.52 5.02
N GLN C 172 -25.59 7.36 4.03
CA GLN C 172 -25.45 6.89 2.65
C GLN C 172 -24.30 5.93 2.52
N VAL C 173 -23.21 6.19 3.20
CA VAL C 173 -22.07 5.32 3.05
C VAL C 173 -22.35 3.95 3.66
N HIS C 174 -23.27 3.86 4.62
CA HIS C 174 -23.57 2.55 5.22
C HIS C 174 -24.50 1.78 4.35
N ARG C 175 -25.40 2.48 3.70
CA ARG C 175 -26.23 1.85 2.67
C ARG C 175 -25.39 1.32 1.53
N GLU C 176 -24.33 2.04 1.18
CA GLU C 176 -23.47 1.63 0.07
C GLU C 176 -22.72 0.41 0.49
N LEU C 177 -22.19 0.44 1.71
CA LEU C 177 -21.56 -0.74 2.30
C LEU C 177 -22.49 -1.93 2.23
N ALA C 178 -23.72 -1.77 2.69
CA ALA C 178 -24.67 -2.89 2.67
C ALA C 178 -24.82 -3.46 1.25
N SER C 179 -24.84 -2.57 0.25
CA SER C 179 -25.05 -2.96 -1.14
C SER C 179 -23.98 -3.88 -1.67
N GLY C 180 -22.83 -3.95 -1.00
CA GLY C 180 -21.77 -4.89 -1.36
C GLY C 180 -21.49 -6.00 -0.36
N LEU C 181 -22.29 -6.13 0.69
CA LEU C 181 -22.03 -7.17 1.69
C LEU C 181 -22.55 -8.53 1.20
N SER C 182 -21.77 -9.58 1.37
CA SER C 182 -22.16 -10.89 0.85
C SER C 182 -23.32 -11.52 1.62
N CYS C 183 -23.63 -10.98 2.78
CA CYS C 183 -24.68 -11.53 3.62
C CYS C 183 -25.96 -10.69 3.56
N PRO C 184 -27.12 -11.30 3.87
CA PRO C 184 -28.32 -10.50 4.09
C PRO C 184 -28.05 -9.46 5.15
N VAL C 185 -28.79 -8.37 5.11
CA VAL C 185 -28.55 -7.28 6.01
C VAL C 185 -29.88 -6.75 6.49
N GLY C 186 -29.96 -6.48 7.79
CA GLY C 186 -31.15 -5.86 8.38
C GLY C 186 -30.83 -4.44 8.75
N PHE C 187 -31.78 -3.56 8.42
CA PHE C 187 -31.69 -2.15 8.72
C PHE C 187 -32.69 -1.81 9.79
N LYS C 188 -32.24 -1.16 10.85
CA LYS C 188 -33.10 -0.77 11.92
C LYS C 188 -33.75 0.58 11.65
N ASN C 189 -35.00 0.71 12.10
CA ASN C 189 -35.65 1.99 12.16
C ASN C 189 -34.88 2.92 13.09
N GLY C 190 -35.07 4.22 12.92
CA GLY C 190 -34.21 5.20 13.56
C GLY C 190 -34.53 5.33 15.04
N THR C 191 -33.62 5.96 15.77
CA THR C 191 -33.69 5.96 17.23
C THR C 191 -34.91 6.66 17.83
N ASP C 192 -35.63 7.46 17.04
CA ASP C 192 -36.94 7.99 17.44
C ASP C 192 -38.13 7.26 16.78
N GLY C 193 -37.87 6.14 16.11
CA GLY C 193 -38.94 5.32 15.51
C GLY C 193 -39.30 5.62 14.07
N ASN C 194 -38.46 6.38 13.36
CA ASN C 194 -38.63 6.58 11.92
C ASN C 194 -38.38 5.29 11.16
N LEU C 195 -39.42 4.77 10.49
CA LEU C 195 -39.33 3.57 9.67
C LEU C 195 -38.92 3.86 8.24
N LYS C 196 -39.25 5.04 7.75
CA LYS C 196 -38.99 5.35 6.34
C LYS C 196 -37.52 5.25 5.96
N ILE C 197 -36.63 5.63 6.87
CA ILE C 197 -35.20 5.59 6.60
C ILE C 197 -34.72 4.17 6.37
N ALA C 198 -35.38 3.21 7.01
CA ALA C 198 -34.99 1.81 6.87
C ALA C 198 -35.52 1.26 5.56
N ILE C 199 -36.75 1.63 5.22
CA ILE C 199 -37.32 1.24 3.93
C ILE C 199 -36.49 1.88 2.81
N ASP C 200 -36.21 3.17 2.92
CA ASP C 200 -35.32 3.86 1.99
C ASP C 200 -34.00 3.11 1.88
N ALA C 201 -33.44 2.70 3.02
CA ALA C 201 -32.12 2.02 3.02
C ALA C 201 -32.15 0.70 2.27
N ILE C 202 -33.27 0.00 2.34
CA ILE C 202 -33.37 -1.27 1.65
C ILE C 202 -33.37 -1.02 0.17
N GLY C 203 -34.11 0.01 -0.24
CA GLY C 203 -34.12 0.46 -1.63
C GLY C 203 -32.74 0.79 -2.14
N ALA C 204 -32.04 1.61 -1.38
CA ALA C 204 -30.70 2.03 -1.75
C ALA C 204 -29.73 0.87 -1.84
N ALA C 205 -29.76 -0.01 -0.83
CA ALA C 205 -28.81 -1.10 -0.74
C ALA C 205 -29.02 -2.12 -1.86
N SER C 206 -30.23 -2.18 -2.40
CA SER C 206 -30.51 -3.15 -3.46
C SER C 206 -29.87 -2.77 -4.80
N HIS C 207 -29.51 -1.50 -4.96
CA HIS C 207 -28.85 -1.03 -6.18
C HIS C 207 -27.33 -1.11 -6.10
N SER C 208 -26.71 -1.06 -7.26
CA SER C 208 -25.27 -0.96 -7.40
C SER C 208 -24.81 0.42 -6.98
N HIS C 209 -23.65 0.47 -6.30
CA HIS C 209 -23.02 1.73 -5.86
C HIS C 209 -21.53 1.66 -6.12
N HIS C 210 -20.87 2.83 -6.23
CA HIS C 210 -19.41 2.94 -6.17
C HIS C 210 -18.98 3.65 -4.89
N PHE C 211 -18.41 2.93 -3.92
CA PHE C 211 -17.85 3.58 -2.71
C PHE C 211 -16.34 3.35 -2.58
N LEU C 212 -15.73 4.03 -1.64
CA LEU C 212 -14.29 3.98 -1.49
C LEU C 212 -14.04 3.13 -0.29
N SER C 213 -13.19 2.12 -0.45
CA SER C 213 -12.81 1.33 0.70
C SER C 213 -11.40 0.84 0.53
N VAL C 214 -11.13 -0.32 1.10
CA VAL C 214 -9.81 -0.85 1.17
C VAL C 214 -9.87 -2.28 0.66
N THR C 215 -8.87 -2.65 -0.13
CA THR C 215 -8.72 -4.02 -0.59
C THR C 215 -8.28 -4.93 0.57
N LYS C 216 -8.25 -6.23 0.30
CA LYS C 216 -7.81 -7.18 1.30
C LYS C 216 -6.37 -6.84 1.68
N ALA C 217 -5.63 -6.31 0.72
CA ALA C 217 -4.26 -5.95 0.97
C ALA C 217 -4.08 -4.61 1.68
N GLY C 218 -5.15 -3.95 2.08
CA GLY C 218 -5.03 -2.72 2.87
C GLY C 218 -4.81 -1.43 2.05
N HIS C 219 -5.04 -1.50 0.74
CA HIS C 219 -4.89 -0.30 -0.13
C HIS C 219 -6.23 0.29 -0.55
N SER C 220 -6.32 1.61 -0.59
CA SER C 220 -7.59 2.23 -0.93
C SER C 220 -7.91 1.91 -2.40
N ALA C 221 -9.21 1.78 -2.67
CA ALA C 221 -9.71 1.37 -3.95
C ALA C 221 -11.16 1.78 -4.08
N ILE C 222 -11.63 1.73 -5.31
CA ILE C 222 -13.03 2.01 -5.62
C ILE C 222 -13.75 0.69 -5.69
N VAL C 223 -14.78 0.48 -4.89
CA VAL C 223 -15.49 -0.76 -5.01
C VAL C 223 -16.79 -0.49 -5.71
N HIS C 224 -16.95 -1.13 -6.87
CA HIS C 224 -18.23 -1.17 -7.55
C HIS C 224 -19.05 -2.37 -7.05
N THR C 225 -20.15 -2.14 -6.36
CA THR C 225 -20.95 -3.22 -5.81
C THR C 225 -22.06 -3.59 -6.75
N GLY C 226 -22.59 -4.80 -6.57
CA GLY C 226 -23.64 -5.32 -7.45
C GLY C 226 -25.05 -5.16 -6.90
N GLY C 227 -25.17 -4.63 -5.68
CA GLY C 227 -26.47 -4.54 -4.99
C GLY C 227 -26.78 -5.76 -4.13
N ASN C 228 -27.48 -5.54 -3.02
CA ASN C 228 -27.84 -6.63 -2.11
C ASN C 228 -29.33 -6.86 -2.16
N PRO C 229 -29.79 -8.01 -2.68
CA PRO C 229 -31.23 -8.25 -2.77
C PRO C 229 -31.87 -8.82 -1.51
N ASP C 230 -31.07 -9.04 -0.47
CA ASP C 230 -31.54 -9.74 0.72
C ASP C 230 -31.52 -8.86 1.94
N CYS C 231 -32.01 -7.63 1.82
CA CYS C 231 -32.10 -6.75 2.96
C CYS C 231 -33.53 -6.68 3.45
N HIS C 232 -33.67 -6.22 4.68
CA HIS C 232 -34.98 -6.14 5.30
C HIS C 232 -34.90 -5.20 6.48
N VAL C 233 -36.07 -4.83 7.02
CA VAL C 233 -36.08 -3.91 8.14
C VAL C 233 -36.18 -4.63 9.48
N ILE C 234 -35.79 -3.90 10.52
CA ILE C 234 -35.85 -4.38 11.84
C ILE C 234 -36.62 -3.36 12.66
N LEU C 235 -37.66 -3.83 13.35
CA LEU C 235 -38.45 -2.97 14.21
C LEU C 235 -37.84 -3.03 15.60
N ARG C 236 -37.28 -1.92 16.06
CA ARG C 236 -36.57 -1.86 17.33
C ARG C 236 -37.08 -0.77 18.23
N GLY C 237 -38.30 -0.30 17.99
CA GLY C 237 -38.92 0.72 18.84
C GLY C 237 -38.47 2.13 18.51
N GLY C 238 -39.16 3.09 19.13
CA GLY C 238 -38.86 4.51 18.93
C GLY C 238 -39.12 5.35 20.17
N LYS C 239 -39.94 6.38 20.01
CA LYS C 239 -40.47 7.13 21.13
C LYS C 239 -41.48 6.22 21.83
N GLU C 240 -42.08 5.34 21.03
CA GLU C 240 -42.94 4.28 21.50
C GLU C 240 -42.36 2.97 21.00
N PRO C 241 -42.66 1.83 21.69
CA PRO C 241 -42.41 0.50 21.12
C PRO C 241 -43.19 0.31 19.83
N ASN C 242 -42.70 -0.60 18.97
CA ASN C 242 -43.33 -0.84 17.67
C ASN C 242 -43.32 -2.30 17.26
N TYR C 243 -43.47 -3.20 18.23
CA TYR C 243 -43.44 -4.64 18.00
C TYR C 243 -44.80 -5.30 17.78
N ASP C 244 -45.88 -4.61 18.16
CA ASP C 244 -47.23 -5.20 18.06
C ASP C 244 -47.74 -5.33 16.64
N ALA C 245 -48.84 -6.07 16.52
CA ALA C 245 -49.44 -6.43 15.24
C ALA C 245 -49.76 -5.23 14.38
N GLU C 246 -50.22 -4.16 15.03
CA GLU C 246 -50.68 -2.96 14.33
C GLU C 246 -49.48 -2.25 13.72
N HIS C 247 -48.41 -2.11 14.49
CA HIS C 247 -47.14 -1.59 13.96
C HIS C 247 -46.58 -2.49 12.87
N VAL C 248 -46.59 -3.80 13.11
CA VAL C 248 -46.19 -4.77 12.08
C VAL C 248 -47.03 -4.61 10.83
N SER C 249 -48.34 -4.56 10.99
CA SER C 249 -49.25 -4.42 9.86
C SER C 249 -49.05 -3.11 9.09
N GLU C 250 -48.77 -2.03 9.81
CA GLU C 250 -48.51 -0.73 9.18
C GLU C 250 -47.12 -0.71 8.52
N ALA C 251 -46.17 -1.40 9.13
CA ALA C 251 -44.83 -1.51 8.55
C ALA C 251 -44.89 -2.27 7.24
N ALA C 252 -45.68 -3.34 7.20
CA ALA C 252 -45.79 -4.18 6.00
C ALA C 252 -46.48 -3.44 4.86
N GLU C 253 -47.51 -2.65 5.18
CA GLU C 253 -48.16 -1.81 4.17
C GLU C 253 -47.11 -0.91 3.51
N GLN C 254 -46.36 -0.15 4.31
CA GLN C 254 -45.34 0.79 3.79
C GLN C 254 -44.29 0.08 2.95
N LEU C 255 -43.92 -1.14 3.35
CA LEU C 255 -42.91 -1.92 2.63
C LEU C 255 -43.40 -2.33 1.24
N ARG C 256 -44.56 -2.96 1.17
CA ARG C 256 -45.20 -3.22 -0.14
C ARG C 256 -45.33 -1.96 -1.00
N ALA C 257 -45.65 -0.83 -0.36
CA ALA C 257 -45.81 0.45 -1.06
C ALA C 257 -44.52 0.97 -1.67
N ALA C 258 -43.38 0.60 -1.07
CA ALA C 258 -42.10 0.91 -1.68
C ALA C 258 -41.60 -0.22 -2.58
N GLY C 259 -42.40 -1.27 -2.75
CA GLY C 259 -42.02 -2.38 -3.64
C GLY C 259 -40.86 -3.21 -3.12
N VAL C 260 -40.63 -3.19 -1.81
CA VAL C 260 -39.61 -4.03 -1.18
C VAL C 260 -40.27 -5.09 -0.29
N THR C 261 -39.47 -6.05 0.18
CA THR C 261 -39.99 -7.19 0.90
C THR C 261 -40.76 -6.73 2.12
N ASP C 262 -41.88 -7.40 2.37
CA ASP C 262 -42.76 -7.08 3.49
C ASP C 262 -42.58 -8.08 4.65
N LYS C 263 -41.47 -8.81 4.62
CA LYS C 263 -41.09 -9.68 5.69
C LYS C 263 -40.03 -8.95 6.50
N LEU C 264 -40.26 -8.82 7.80
CA LEU C 264 -39.44 -7.98 8.65
C LEU C 264 -39.01 -8.69 9.92
N MET C 265 -38.12 -8.06 10.66
CA MET C 265 -37.61 -8.66 11.85
C MET C 265 -38.04 -7.81 13.02
N ILE C 266 -38.26 -8.41 14.18
CA ILE C 266 -38.64 -7.66 15.39
C ILE C 266 -37.60 -7.82 16.47
N ASP C 267 -37.02 -6.71 16.91
CA ASP C 267 -36.07 -6.70 17.99
C ASP C 267 -36.86 -6.69 19.29
N CYS C 268 -36.68 -7.72 20.13
CA CYS C 268 -37.33 -7.77 21.43
C CYS C 268 -36.64 -6.91 22.48
N SER C 269 -35.46 -6.38 22.17
CA SER C 269 -34.69 -5.63 23.15
C SER C 269 -34.67 -4.12 22.84
N HIS C 270 -33.67 -3.43 23.40
CA HIS C 270 -33.50 -1.99 23.19
C HIS C 270 -34.78 -1.20 23.46
N ALA C 271 -35.21 -0.37 22.51
CA ALA C 271 -36.37 0.51 22.70
C ALA C 271 -37.73 -0.21 22.65
N ASN C 272 -37.74 -1.49 22.27
CA ASN C 272 -38.95 -2.27 22.34
C ASN C 272 -39.19 -2.87 23.73
N SER C 273 -38.14 -2.98 24.52
CA SER C 273 -38.26 -3.44 25.91
C SER C 273 -38.09 -2.27 26.88
N ARG C 274 -37.83 -1.07 26.36
CA ARG C 274 -37.59 0.07 27.23
C ARG C 274 -36.35 -0.23 28.10
N LYS C 275 -35.35 -0.84 27.46
CA LYS C 275 -34.03 -1.14 28.05
C LYS C 275 -34.07 -2.01 29.31
N ASP C 276 -35.24 -2.63 29.57
CA ASP C 276 -35.51 -3.38 30.80
C ASP C 276 -35.62 -4.85 30.41
N TYR C 277 -34.47 -5.52 30.40
CA TYR C 277 -34.32 -6.83 29.79
C TYR C 277 -35.45 -7.86 30.01
N THR C 278 -36.02 -7.92 31.22
CA THR C 278 -37.14 -8.82 31.49
C THR C 278 -38.23 -8.74 30.41
N ARG C 279 -38.48 -7.52 29.91
CA ARG C 279 -39.60 -7.27 29.00
C ARG C 279 -39.44 -7.90 27.62
N GLN C 280 -38.23 -8.36 27.29
CA GLN C 280 -38.00 -9.11 26.07
C GLN C 280 -38.95 -10.32 25.97
N MET C 281 -39.11 -11.02 27.07
CA MET C 281 -40.05 -12.13 27.12
C MET C 281 -41.49 -11.69 26.80
N GLU C 282 -41.91 -10.55 27.33
CA GLU C 282 -43.22 -9.97 26.96
C GLU C 282 -43.34 -9.74 25.45
N VAL C 283 -42.28 -9.18 24.85
CA VAL C 283 -42.29 -8.91 23.42
C VAL C 283 -42.39 -10.22 22.64
N ALA C 284 -41.56 -11.19 23.02
CA ALA C 284 -41.61 -12.53 22.42
C ALA C 284 -42.99 -13.14 22.57
N GLN C 285 -43.57 -13.00 23.76
CA GLN C 285 -44.94 -13.46 24.00
C GLN C 285 -45.90 -12.81 23.02
N ASP C 286 -45.81 -11.50 22.86
CA ASP C 286 -46.67 -10.82 21.91
C ASP C 286 -46.37 -11.33 20.49
N ILE C 287 -45.10 -11.61 20.19
CA ILE C 287 -44.73 -12.14 18.87
C ILE C 287 -45.30 -13.54 18.67
N ALA C 288 -45.21 -14.37 19.70
CA ALA C 288 -45.82 -15.70 19.66
C ALA C 288 -47.32 -15.61 19.35
N ALA C 289 -47.98 -14.65 19.98
CA ALA C 289 -49.43 -14.47 19.81
C ALA C 289 -49.79 -13.98 18.42
N GLN C 290 -48.91 -13.21 17.78
CA GLN C 290 -49.15 -12.77 16.41
C GLN C 290 -48.96 -13.94 15.46
N LEU C 291 -47.98 -14.79 15.75
CA LEU C 291 -47.70 -15.97 14.94
C LEU C 291 -48.87 -16.96 14.93
N GLU C 292 -49.48 -17.13 16.09
CA GLU C 292 -50.61 -18.04 16.24
C GLU C 292 -51.83 -17.55 15.46
N GLN C 293 -52.16 -16.27 15.59
CA GLN C 293 -53.25 -15.64 14.82
C GLN C 293 -52.96 -15.62 13.30
N ASP C 294 -51.89 -14.95 12.88
CA ASP C 294 -51.52 -14.87 11.47
C ASP C 294 -50.01 -14.60 11.35
N GLY C 295 -49.58 -13.37 11.63
CA GLY C 295 -48.16 -13.01 11.64
C GLY C 295 -47.37 -13.37 10.39
N GLY C 296 -47.97 -13.19 9.21
CA GLY C 296 -47.35 -13.58 7.95
C GLY C 296 -46.11 -12.77 7.58
N ASN C 297 -46.07 -11.53 8.06
CA ASN C 297 -45.01 -10.59 7.75
C ASN C 297 -43.78 -10.70 8.65
N ILE C 298 -43.81 -11.58 9.65
CA ILE C 298 -42.69 -11.71 10.57
C ILE C 298 -41.77 -12.83 10.10
N MET C 299 -40.49 -12.51 9.87
CA MET C 299 -39.49 -13.50 9.43
C MET C 299 -38.33 -13.68 10.38
N GLY C 300 -38.28 -12.86 11.43
CA GLY C 300 -37.23 -12.99 12.42
C GLY C 300 -37.44 -12.16 13.68
N VAL C 301 -36.65 -12.50 14.70
CA VAL C 301 -36.66 -11.79 15.96
C VAL C 301 -35.24 -11.64 16.42
N MET C 302 -35.01 -10.65 17.29
CA MET C 302 -33.71 -10.38 17.82
C MET C 302 -33.81 -10.32 19.32
N VAL C 303 -32.89 -10.98 20.00
CA VAL C 303 -32.93 -11.13 21.43
C VAL C 303 -31.56 -10.96 22.02
N GLU C 304 -31.48 -10.23 23.14
CA GLU C 304 -30.22 -10.00 23.81
C GLU C 304 -30.17 -10.93 25.00
N SER C 305 -29.21 -11.85 24.95
CA SER C 305 -29.19 -13.05 25.76
C SER C 305 -27.78 -13.45 26.13
N HIS C 306 -27.57 -13.88 27.36
CA HIS C 306 -26.25 -14.34 27.82
C HIS C 306 -26.39 -15.51 28.75
N LEU C 307 -25.26 -16.05 29.21
CA LEU C 307 -25.25 -17.12 30.21
C LEU C 307 -25.91 -16.64 31.49
N VAL C 308 -25.56 -15.42 31.90
CA VAL C 308 -26.07 -14.84 33.11
C VAL C 308 -26.75 -13.50 32.82
N GLU C 309 -27.88 -13.30 33.49
CA GLU C 309 -28.76 -12.16 33.23
C GLU C 309 -28.22 -10.81 33.70
N GLY C 310 -28.85 -9.75 33.21
CA GLY C 310 -28.54 -8.39 33.64
C GLY C 310 -27.35 -7.78 32.93
N ARG C 311 -26.69 -6.85 33.63
CA ARG C 311 -25.49 -6.20 33.14
C ARG C 311 -24.58 -5.82 34.29
N GLN C 312 -23.40 -5.31 33.96
CA GLN C 312 -22.45 -4.83 34.94
C GLN C 312 -21.56 -3.74 34.32
N ASP C 313 -21.02 -2.86 35.16
CA ASP C 313 -20.15 -1.80 34.66
C ASP C 313 -18.77 -2.35 34.28
N LYS C 314 -18.18 -3.12 35.19
CA LYS C 314 -16.88 -3.76 34.96
C LYS C 314 -17.07 -5.27 34.76
N PRO C 315 -16.19 -5.92 33.97
CA PRO C 315 -16.35 -7.32 33.59
C PRO C 315 -15.96 -8.28 34.70
N GLU C 316 -16.73 -8.29 35.78
CA GLU C 316 -16.38 -9.06 36.98
C GLU C 316 -17.04 -10.44 37.01
N VAL C 317 -18.33 -10.50 36.67
CA VAL C 317 -19.07 -11.77 36.62
C VAL C 317 -19.02 -12.42 35.22
N TYR C 318 -18.53 -13.66 35.16
CA TYR C 318 -18.45 -14.46 33.94
C TYR C 318 -19.78 -14.50 33.22
N GLY C 319 -19.75 -14.33 31.91
CA GLY C 319 -20.92 -14.52 31.09
C GLY C 319 -22.05 -13.54 31.33
N LYS C 320 -21.75 -12.34 31.83
CA LYS C 320 -22.75 -11.29 32.05
C LYS C 320 -22.38 -10.05 31.25
N SER C 321 -23.36 -9.50 30.54
CA SER C 321 -23.13 -8.36 29.64
C SER C 321 -22.53 -7.16 30.35
N ILE C 322 -21.62 -6.46 29.67
CA ILE C 322 -21.12 -5.19 30.18
C ILE C 322 -21.70 -4.04 29.38
N THR C 323 -22.55 -4.37 28.40
CA THR C 323 -23.33 -3.37 27.69
C THR C 323 -24.82 -3.53 28.08
N ASP C 324 -25.75 -3.61 27.13
CA ASP C 324 -27.17 -3.70 27.48
C ASP C 324 -27.43 -4.96 28.25
N ALA C 325 -28.34 -4.85 29.22
CA ALA C 325 -28.72 -6.00 30.02
C ALA C 325 -29.35 -7.05 29.13
N CYS C 326 -29.02 -8.32 29.39
CA CYS C 326 -29.58 -9.44 28.65
C CYS C 326 -30.37 -10.36 29.56
N ILE C 327 -31.28 -11.13 28.96
CA ILE C 327 -31.85 -12.25 29.66
C ILE C 327 -30.77 -13.32 29.80
N GLY C 328 -30.87 -14.10 30.88
CA GLY C 328 -29.93 -15.17 31.18
C GLY C 328 -30.38 -16.48 30.53
N TRP C 329 -29.63 -17.57 30.78
CA TRP C 329 -29.84 -18.79 30.03
C TRP C 329 -31.24 -19.40 30.24
N GLY C 330 -31.66 -19.52 31.49
CA GLY C 330 -32.98 -20.04 31.75
C GLY C 330 -34.01 -19.40 30.84
N ALA C 331 -34.14 -18.09 30.98
CA ALA C 331 -35.15 -17.34 30.22
C ALA C 331 -34.97 -17.49 28.69
N THR C 332 -33.72 -17.70 28.26
CA THR C 332 -33.42 -17.95 26.87
C THR C 332 -34.07 -19.24 26.36
N GLU C 333 -33.85 -20.35 27.08
CA GLU C 333 -34.58 -21.60 26.78
C GLU C 333 -36.08 -21.39 26.68
N GLU C 334 -36.63 -20.63 27.62
CA GLU C 334 -38.09 -20.42 27.65
C GLU C 334 -38.51 -19.58 26.44
N LEU C 335 -37.80 -18.48 26.21
CA LEU C 335 -38.08 -17.62 25.05
C LEU C 335 -38.00 -18.42 23.75
N LEU C 336 -36.99 -19.27 23.62
CA LEU C 336 -36.86 -20.05 22.41
C LEU C 336 -37.97 -21.11 22.26
N ALA C 337 -38.28 -21.83 23.35
CA ALA C 337 -39.35 -22.81 23.33
C ALA C 337 -40.66 -22.13 22.95
N LEU C 338 -40.89 -20.97 23.56
CA LEU C 338 -42.06 -20.20 23.27
C LEU C 338 -42.13 -19.85 21.79
N LEU C 339 -41.03 -19.36 21.23
CA LEU C 339 -41.06 -19.00 19.82
C LEU C 339 -41.20 -20.22 18.91
N ALA C 340 -40.48 -21.29 19.22
CA ALA C 340 -40.59 -22.53 18.46
C ALA C 340 -42.02 -23.06 18.43
N GLY C 341 -42.61 -23.19 19.61
CA GLY C 341 -43.97 -23.70 19.73
C GLY C 341 -44.95 -22.90 18.88
N ALA C 342 -44.92 -21.58 19.02
CA ALA C 342 -45.79 -20.70 18.24
C ALA C 342 -45.56 -20.83 16.74
N ASN C 343 -44.30 -20.95 16.31
CA ASN C 343 -44.02 -20.95 14.87
C ASN C 343 -44.30 -22.27 14.19
N LYS C 344 -44.17 -23.35 14.94
CA LYS C 344 -44.61 -24.65 14.46
C LYS C 344 -46.07 -24.58 14.00
N LYS C 345 -46.90 -23.89 14.77
CA LYS C 345 -48.33 -23.77 14.46
C LYS C 345 -48.55 -22.89 13.22
N ARG C 346 -47.75 -21.84 13.04
CA ARG C 346 -47.85 -21.00 11.84
C ARG C 346 -47.40 -21.74 10.57
N MET C 347 -46.35 -22.56 10.66
CA MET C 347 -45.88 -23.35 9.51
C MET C 347 -46.88 -24.43 9.10
N ALA C 348 -47.61 -24.99 10.06
CA ALA C 348 -48.60 -26.03 9.78
C ALA C 348 -49.82 -25.52 8.98
N ARG C 349 -50.20 -24.25 9.18
CA ARG C 349 -51.33 -23.64 8.47
C ARG C 349 -51.06 -23.28 6.99
N ALA C 350 -49.88 -23.63 6.46
CA ALA C 350 -49.52 -23.38 5.05
C ALA C 350 -50.60 -23.86 4.08
N HIS D 3 -11.66 -24.89 1.49
CA HIS D 3 -12.69 -23.86 1.79
C HIS D 3 -13.62 -23.60 0.59
N HIS D 4 -14.05 -24.67 -0.07
CA HIS D 4 -14.64 -24.60 -1.41
C HIS D 4 -15.90 -23.71 -1.60
N TYR D 5 -16.86 -23.69 -0.67
CA TYR D 5 -18.07 -22.81 -0.85
C TYR D 5 -17.75 -21.31 -0.78
N PRO D 6 -18.23 -20.54 -1.78
CA PRO D 6 -17.88 -19.12 -1.86
C PRO D 6 -18.56 -18.27 -0.77
N THR D 7 -17.78 -17.35 -0.17
CA THR D 7 -18.28 -16.45 0.89
C THR D 7 -17.76 -15.00 0.75
N ASP D 8 -16.92 -14.76 -0.26
CA ASP D 8 -16.17 -13.51 -0.36
C ASP D 8 -16.51 -12.76 -1.67
N ASP D 9 -16.87 -11.48 -1.51
CA ASP D 9 -17.09 -10.58 -2.63
C ASP D 9 -18.15 -11.11 -3.61
N ILE D 10 -19.17 -11.74 -3.04
CA ILE D 10 -20.26 -12.34 -3.79
C ILE D 10 -20.98 -11.24 -4.57
N LYS D 11 -21.15 -10.09 -3.95
CA LYS D 11 -21.97 -9.02 -4.50
C LYS D 11 -21.12 -7.81 -4.87
N ILE D 12 -19.87 -8.06 -5.24
CA ILE D 12 -18.97 -7.03 -5.71
C ILE D 12 -18.85 -7.23 -7.21
N LYS D 13 -19.03 -6.17 -7.98
CA LYS D 13 -18.86 -6.26 -9.44
C LYS D 13 -17.40 -6.07 -9.82
N GLU D 14 -16.71 -5.15 -9.15
CA GLU D 14 -15.34 -4.85 -9.46
C GLU D 14 -14.74 -3.98 -8.36
N VAL D 15 -13.43 -4.16 -8.14
CA VAL D 15 -12.62 -3.27 -7.31
C VAL D 15 -11.65 -2.57 -8.25
N LYS D 16 -11.65 -1.24 -8.27
CA LYS D 16 -10.82 -0.47 -9.23
C LYS D 16 -9.77 0.40 -8.58
N GLU D 17 -8.79 0.76 -9.40
CA GLU D 17 -7.59 1.50 -8.98
C GLU D 17 -7.94 2.89 -8.51
N LEU D 18 -7.38 3.30 -7.37
CA LEU D 18 -7.59 4.63 -6.83
C LEU D 18 -6.24 5.26 -6.55
N LEU D 19 -5.93 6.36 -7.23
CA LEU D 19 -4.75 7.12 -6.92
C LEU D 19 -4.82 7.60 -5.49
N PRO D 20 -3.69 7.55 -4.78
CA PRO D 20 -3.71 7.99 -3.41
C PRO D 20 -3.64 9.49 -3.30
N PRO D 21 -4.05 10.03 -2.14
CA PRO D 21 -3.95 11.45 -1.91
C PRO D 21 -2.61 12.08 -2.35
N ILE D 22 -1.50 11.42 -2.09
CA ILE D 22 -0.21 12.03 -2.42
C ILE D 22 -0.06 12.32 -3.89
N ALA D 23 -0.71 11.56 -4.75
CA ALA D 23 -0.60 11.82 -6.15
C ALA D 23 -1.23 13.20 -6.47
N HIS D 24 -2.38 13.50 -5.86
CA HIS D 24 -3.05 14.78 -6.06
C HIS D 24 -2.29 15.91 -5.36
N LEU D 25 -1.75 15.61 -4.17
CA LEU D 25 -1.01 16.62 -3.41
C LEU D 25 0.28 17.00 -4.08
N TYR D 26 0.80 16.13 -4.95
CA TYR D 26 2.04 16.39 -5.67
C TYR D 26 1.77 17.32 -6.85
N GLU D 27 0.71 17.05 -7.58
CA GLU D 27 0.29 17.89 -8.71
C GLU D 27 -0.25 19.23 -8.27
N LEU D 28 -0.90 19.26 -7.11
CA LEU D 28 -1.63 20.42 -6.65
C LEU D 28 -1.28 20.72 -5.20
N PRO D 29 0.00 21.01 -4.92
CA PRO D 29 0.38 21.29 -3.54
C PRO D 29 -0.32 22.55 -3.10
N ILE D 30 -0.61 22.64 -1.82
CA ILE D 30 -1.19 23.86 -1.30
C ILE D 30 -0.14 24.96 -1.34
N SER D 31 -0.58 26.17 -1.69
CA SER D 31 0.31 27.30 -1.76
C SER D 31 0.37 28.04 -0.42
N LYS D 32 1.41 28.85 -0.28
CA LYS D 32 1.56 29.74 0.86
C LYS D 32 0.26 30.53 1.10
N GLU D 33 -0.28 31.13 0.04
CA GLU D 33 -1.47 31.99 0.17
C GLU D 33 -2.68 31.18 0.65
N ALA D 34 -2.87 30.02 0.05
CA ALA D 34 -3.98 29.18 0.40
C ALA D 34 -3.87 28.68 1.84
N SER D 35 -2.65 28.32 2.26
CA SER D 35 -2.37 27.91 3.65
C SER D 35 -2.69 29.01 4.62
N GLY D 36 -2.21 30.21 4.31
CA GLY D 36 -2.46 31.36 5.15
C GLY D 36 -3.95 31.60 5.31
N LEU D 37 -4.68 31.52 4.20
CA LEU D 37 -6.11 31.79 4.20
C LEU D 37 -6.88 30.73 4.98
N VAL D 38 -6.52 29.48 4.75
CA VAL D 38 -7.18 28.40 5.46
C VAL D 38 -6.91 28.55 6.95
N HIS D 39 -5.65 28.77 7.28
CA HIS D 39 -5.24 28.85 8.68
C HIS D 39 -6.03 29.91 9.44
N ARG D 40 -6.09 31.12 8.88
CA ARG D 40 -6.70 32.22 9.63
C ARG D 40 -8.22 32.16 9.60
N THR D 41 -8.79 31.67 8.50
CA THR D 41 -10.24 31.52 8.41
C THR D 41 -10.73 30.50 9.44
N ARG D 42 -9.95 29.46 9.69
CA ARG D 42 -10.29 28.50 10.74
C ARG D 42 -10.25 29.14 12.13
N GLN D 43 -9.21 29.93 12.41
CA GLN D 43 -9.09 30.62 13.69
C GLN D 43 -10.21 31.62 13.85
N GLU D 44 -10.49 32.36 12.79
CA GLU D 44 -11.57 33.34 12.78
C GLU D 44 -12.89 32.63 13.08
N ILE D 45 -13.09 31.43 12.54
CA ILE D 45 -14.33 30.68 12.76
C ILE D 45 -14.37 30.13 14.19
N SER D 46 -13.22 29.65 14.67
CA SER D 46 -13.10 29.22 16.07
C SER D 46 -13.49 30.33 17.03
N ASP D 47 -13.07 31.55 16.71
CA ASP D 47 -13.43 32.73 17.48
C ASP D 47 -14.95 32.93 17.52
N LEU D 48 -15.61 32.73 16.39
CA LEU D 48 -17.07 32.85 16.34
C LEU D 48 -17.73 31.74 17.15
N VAL D 49 -17.22 30.52 17.01
CA VAL D 49 -17.77 29.39 17.74
C VAL D 49 -17.70 29.59 19.26
N HIS D 50 -16.61 30.19 19.72
CA HIS D 50 -16.39 30.36 21.15
C HIS D 50 -16.78 31.76 21.65
N GLY D 51 -17.32 32.58 20.74
CA GLY D 51 -17.94 33.85 21.08
C GLY D 51 -16.96 34.98 21.30
N ARG D 52 -15.74 34.86 20.79
CA ARG D 52 -14.70 35.87 20.98
C ARG D 52 -14.83 36.98 19.94
N ASP D 53 -15.60 36.70 18.89
CA ASP D 53 -15.89 37.66 17.84
C ASP D 53 -17.39 37.51 17.52
N LYS D 54 -18.07 38.63 17.26
CA LYS D 54 -19.51 38.60 17.05
C LYS D 54 -19.88 38.81 15.58
N ARG D 55 -18.95 38.61 14.66
CA ARG D 55 -19.31 38.61 13.26
C ARG D 55 -20.19 37.39 13.01
N LEU D 56 -20.87 37.36 11.88
CA LEU D 56 -21.71 36.23 11.52
C LEU D 56 -20.99 35.42 10.45
N LEU D 57 -20.80 34.12 10.68
CA LEU D 57 -20.28 33.21 9.64
C LEU D 57 -21.37 32.99 8.60
N VAL D 58 -21.06 33.20 7.33
CA VAL D 58 -22.04 32.93 6.29
C VAL D 58 -21.48 31.90 5.33
N ILE D 59 -22.02 30.68 5.42
CA ILE D 59 -21.69 29.55 4.54
C ILE D 59 -22.71 29.65 3.42
N ILE D 60 -22.27 30.12 2.25
CA ILE D 60 -23.18 30.44 1.16
C ILE D 60 -22.63 29.98 -0.18
N GLY D 61 -23.48 29.38 -0.99
CA GLY D 61 -23.05 28.89 -2.29
C GLY D 61 -23.99 27.86 -2.84
N PRO D 62 -23.62 27.22 -3.95
CA PRO D 62 -24.53 26.26 -4.53
C PRO D 62 -24.83 25.11 -3.56
N CYS D 63 -25.92 24.39 -3.84
CA CYS D 63 -26.24 23.20 -3.11
C CYS D 63 -25.12 22.19 -3.38
N SER D 64 -24.80 21.99 -4.66
CA SER D 64 -23.67 21.14 -5.05
C SER D 64 -22.95 21.76 -6.24
N ILE D 65 -21.64 21.53 -6.31
CA ILE D 65 -20.82 21.97 -7.43
C ILE D 65 -20.88 20.94 -8.54
N HIS D 66 -21.49 21.27 -9.66
CA HIS D 66 -21.43 20.38 -10.83
C HIS D 66 -20.56 20.90 -11.99
N ASP D 67 -20.12 22.16 -11.90
CA ASP D 67 -19.34 22.81 -12.96
C ASP D 67 -18.32 23.82 -12.39
N PRO D 68 -17.04 23.45 -12.41
CA PRO D 68 -16.05 24.33 -11.79
C PRO D 68 -15.92 25.74 -12.40
N LYS D 69 -16.25 25.91 -13.67
CA LYS D 69 -16.15 27.25 -14.28
C LYS D 69 -17.19 28.18 -13.70
N ALA D 70 -18.43 27.70 -13.61
CA ALA D 70 -19.51 28.46 -12.98
C ALA D 70 -19.19 28.77 -11.52
N ALA D 71 -18.64 27.77 -10.81
CA ALA D 71 -18.25 27.95 -9.42
C ALA D 71 -17.25 29.07 -9.26
N LEU D 72 -16.25 29.11 -10.12
CA LEU D 72 -15.24 30.14 -10.05
C LEU D 72 -15.83 31.50 -10.32
N GLU D 73 -16.67 31.59 -11.34
CA GLU D 73 -17.39 32.84 -11.63
C GLU D 73 -18.26 33.26 -10.45
N TYR D 74 -18.90 32.30 -9.79
CA TYR D 74 -19.69 32.58 -8.60
C TYR D 74 -18.79 33.12 -7.49
N ALA D 75 -17.63 32.53 -7.33
CA ALA D 75 -16.71 32.94 -6.27
C ALA D 75 -16.19 34.37 -6.44
N GLU D 76 -15.88 34.72 -7.69
CA GLU D 76 -15.42 36.07 -8.03
C GLU D 76 -16.47 37.07 -7.56
N ARG D 77 -17.74 36.76 -7.82
CA ARG D 77 -18.83 37.64 -7.38
C ARG D 77 -18.98 37.66 -5.89
N LEU D 78 -18.88 36.49 -5.27
CA LEU D 78 -19.08 36.41 -3.85
C LEU D 78 -17.92 37.09 -3.16
N LEU D 79 -16.74 37.03 -3.78
CA LEU D 79 -15.52 37.61 -3.18
C LEU D 79 -15.64 39.12 -2.94
N LYS D 80 -16.27 39.83 -3.87
CA LYS D 80 -16.51 41.27 -3.72
C LYS D 80 -17.40 41.58 -2.51
N LEU D 81 -18.40 40.74 -2.27
CA LEU D 81 -19.23 40.92 -1.07
C LEU D 81 -18.51 40.44 0.20
N ARG D 82 -17.73 39.38 0.10
CA ARG D 82 -16.89 38.95 1.21
C ARG D 82 -16.02 40.09 1.73
N LYS D 83 -15.36 40.82 0.80
CA LYS D 83 -14.50 41.94 1.16
C LYS D 83 -15.33 43.08 1.72
N GLN D 84 -16.40 43.42 1.01
CA GLN D 84 -17.30 44.51 1.40
C GLN D 84 -17.90 44.36 2.81
N TYR D 85 -18.28 43.15 3.21
CA TYR D 85 -18.94 42.96 4.50
C TYR D 85 -18.01 42.36 5.58
N GLU D 86 -16.71 42.44 5.37
CA GLU D 86 -15.74 41.71 6.21
C GLU D 86 -15.77 42.08 7.71
N ASN D 87 -16.30 43.25 8.04
CA ASN D 87 -16.42 43.68 9.44
C ASN D 87 -17.70 43.18 10.11
N GLU D 88 -18.69 42.82 9.30
CA GLU D 88 -19.98 42.33 9.80
C GLU D 88 -20.11 40.82 9.62
N LEU D 89 -19.69 40.33 8.45
CA LEU D 89 -19.86 38.92 8.08
C LEU D 89 -18.54 38.28 7.75
N LEU D 90 -18.42 37.00 8.04
CA LEU D 90 -17.32 36.19 7.57
C LEU D 90 -17.92 35.28 6.53
N ILE D 91 -17.71 35.62 5.28
CA ILE D 91 -18.27 34.88 4.14
C ILE D 91 -17.30 33.79 3.66
N VAL D 92 -17.81 32.56 3.59
CA VAL D 92 -17.09 31.38 3.14
C VAL D 92 -17.99 30.67 2.13
N MET D 93 -17.42 30.18 1.04
CA MET D 93 -18.25 29.62 -0.03
C MET D 93 -18.59 28.18 0.23
N ARG D 94 -19.82 27.81 -0.10
CA ARG D 94 -20.22 26.41 -0.12
C ARG D 94 -19.59 25.79 -1.32
N VAL D 95 -18.82 24.74 -1.12
CA VAL D 95 -18.23 23.98 -2.21
C VAL D 95 -18.51 22.53 -1.90
N TYR D 96 -19.77 22.13 -2.04
CA TYR D 96 -20.20 20.77 -1.72
C TYR D 96 -20.20 20.03 -3.02
N PHE D 97 -19.63 18.84 -3.04
CA PHE D 97 -19.52 18.10 -4.29
C PHE D 97 -20.72 17.22 -4.64
N GLU D 98 -21.40 16.75 -3.59
CA GLU D 98 -22.41 15.70 -3.71
C GLU D 98 -23.52 15.81 -2.65
N LYS D 99 -24.76 15.89 -3.11
CA LYS D 99 -25.92 15.77 -2.21
C LYS D 99 -26.17 14.28 -1.92
N PRO D 100 -26.13 13.87 -0.63
CA PRO D 100 -26.63 12.51 -0.33
C PRO D 100 -28.09 12.33 -0.76
N ARG D 101 -28.39 11.22 -1.44
CA ARG D 101 -29.70 10.98 -2.03
C ARG D 101 -30.09 9.54 -1.78
N THR D 102 -31.33 9.31 -1.35
CA THR D 102 -31.86 7.94 -1.25
C THR D 102 -32.17 7.46 -2.68
N THR D 103 -32.74 8.36 -3.48
CA THR D 103 -33.07 8.09 -4.88
C THR D 103 -31.81 8.00 -5.77
N VAL D 104 -31.88 7.12 -6.77
CA VAL D 104 -30.88 7.07 -7.83
C VAL D 104 -30.96 8.33 -8.70
N GLY D 105 -29.82 8.70 -9.29
CA GLY D 105 -29.64 9.98 -9.96
C GLY D 105 -28.16 10.36 -9.87
N TRP D 106 -27.84 11.63 -10.12
CA TRP D 106 -26.44 12.09 -10.08
C TRP D 106 -25.83 11.93 -8.69
N LYS D 107 -24.60 11.42 -8.62
CA LYS D 107 -24.01 11.15 -7.31
C LYS D 107 -22.89 12.14 -6.93
N GLY D 108 -22.83 13.28 -7.62
CA GLY D 108 -21.88 14.34 -7.23
C GLY D 108 -20.65 14.38 -8.12
N LEU D 109 -19.82 15.40 -7.89
CA LEU D 109 -18.76 15.74 -8.83
C LEU D 109 -17.59 14.77 -8.66
N ILE D 110 -17.31 14.42 -7.41
CA ILE D 110 -16.28 13.44 -7.12
C ILE D 110 -16.62 12.09 -7.76
N ASN D 111 -17.81 11.58 -7.48
CA ASN D 111 -18.30 10.32 -8.04
C ASN D 111 -18.46 10.26 -9.53
N ASP D 112 -18.98 11.34 -10.09
CA ASP D 112 -19.47 11.34 -11.45
C ASP D 112 -19.15 12.70 -12.06
N PRO D 113 -17.84 12.99 -12.23
CA PRO D 113 -17.44 14.32 -12.69
C PRO D 113 -17.92 14.62 -14.11
N HIS D 114 -18.14 13.57 -14.89
CA HIS D 114 -18.60 13.72 -16.27
C HIS D 114 -20.14 13.78 -16.38
N LEU D 115 -20.85 13.87 -15.26
CA LEU D 115 -22.31 14.02 -15.29
C LEU D 115 -22.99 13.07 -16.29
N ASP D 116 -22.56 11.80 -16.34
CA ASP D 116 -23.07 10.86 -17.35
C ASP D 116 -23.18 9.45 -16.82
N GLY D 117 -23.18 9.30 -15.50
CA GLY D 117 -23.21 7.97 -14.89
C GLY D 117 -22.00 7.05 -15.12
N THR D 118 -20.91 7.57 -15.68
CA THR D 118 -19.62 6.87 -15.57
C THR D 118 -19.18 7.12 -14.14
N PHE D 119 -18.09 6.54 -13.70
CA PHE D 119 -17.60 6.89 -12.38
C PHE D 119 -16.14 7.09 -12.58
N ASP D 120 -15.72 8.33 -12.46
CA ASP D 120 -14.32 8.66 -12.70
C ASP D 120 -13.85 9.41 -11.47
N ILE D 121 -13.76 8.68 -10.36
CA ILE D 121 -13.49 9.26 -9.07
C ILE D 121 -12.10 9.85 -9.05
N ASN D 122 -11.16 9.26 -9.78
CA ASN D 122 -9.82 9.83 -9.85
C ASN D 122 -9.86 11.21 -10.46
N PHE D 123 -10.65 11.39 -11.50
CA PHE D 123 -10.75 12.68 -12.17
C PHE D 123 -11.53 13.61 -11.28
N GLY D 124 -12.62 13.09 -10.70
CA GLY D 124 -13.45 13.84 -9.77
C GLY D 124 -12.67 14.42 -8.61
N LEU D 125 -11.78 13.64 -8.02
CA LEU D 125 -11.03 14.09 -6.87
C LEU D 125 -10.00 15.11 -7.29
N ARG D 126 -9.37 14.88 -8.44
CA ARG D 126 -8.44 15.87 -9.01
C ARG D 126 -9.14 17.21 -9.30
N GLN D 127 -10.34 17.14 -9.85
CA GLN D 127 -11.15 18.32 -10.13
C GLN D 127 -11.58 19.04 -8.86
N ALA D 128 -12.05 18.28 -7.89
CA ALA D 128 -12.38 18.87 -6.62
C ALA D 128 -11.18 19.60 -6.01
N ARG D 129 -10.00 18.98 -6.02
CA ARG D 129 -8.84 19.63 -5.41
C ARG D 129 -8.44 20.90 -6.16
N SER D 130 -8.44 20.81 -7.49
CA SER D 130 -8.09 21.97 -8.32
C SER D 130 -9.00 23.16 -8.06
N LEU D 131 -10.28 22.94 -8.16
CA LEU D 131 -11.24 23.96 -7.78
C LEU D 131 -10.98 24.56 -6.37
N LEU D 132 -10.75 23.71 -5.37
CA LEU D 132 -10.58 24.21 -4.00
C LEU D 132 -9.30 25.02 -3.89
N LEU D 133 -8.25 24.57 -4.56
CA LEU D 133 -7.00 25.32 -4.60
C LEU D 133 -7.16 26.68 -5.33
N SER D 134 -7.83 26.66 -6.49
CA SER D 134 -8.11 27.90 -7.24
C SER D 134 -8.89 28.87 -6.39
N LEU D 135 -9.87 28.36 -5.64
CA LEU D 135 -10.70 29.23 -4.81
C LEU D 135 -9.89 29.88 -3.70
N ASN D 136 -9.16 29.07 -2.95
CA ASN D 136 -8.31 29.61 -1.87
C ASN D 136 -7.27 30.60 -2.42
N ASN D 137 -6.73 30.34 -3.61
CA ASN D 137 -5.72 31.23 -4.20
C ASN D 137 -6.26 32.59 -4.63
N MET D 138 -7.56 32.70 -4.89
CA MET D 138 -8.18 33.96 -5.26
C MET D 138 -8.69 34.73 -4.05
N GLY D 139 -8.63 34.11 -2.87
CA GLY D 139 -9.06 34.74 -1.62
C GLY D 139 -10.42 34.29 -1.11
N MET D 140 -10.97 33.22 -1.70
CA MET D 140 -12.25 32.67 -1.27
C MET D 140 -12.05 31.36 -0.47
N PRO D 141 -12.23 31.43 0.84
CA PRO D 141 -12.15 30.18 1.59
C PRO D 141 -13.37 29.32 1.29
N ALA D 142 -13.22 28.02 1.56
CA ALA D 142 -14.16 27.01 1.12
C ALA D 142 -14.64 26.13 2.25
N SER D 143 -15.86 25.67 2.12
CA SER D 143 -16.49 24.82 3.10
C SER D 143 -17.03 23.64 2.35
N THR D 144 -17.10 22.47 3.00
CA THR D 144 -17.72 21.34 2.32
C THR D 144 -18.37 20.40 3.30
N GLU D 145 -19.11 19.40 2.79
CA GLU D 145 -19.57 18.32 3.65
C GLU D 145 -18.70 17.13 3.44
N PHE D 146 -18.22 16.56 4.53
CA PHE D 146 -17.50 15.30 4.46
C PHE D 146 -18.44 14.12 4.69
N LEU D 147 -18.60 13.31 3.65
CA LEU D 147 -19.51 12.18 3.62
C LEU D 147 -18.83 10.89 3.98
N ASP D 148 -17.66 10.62 3.41
CA ASP D 148 -16.95 9.40 3.82
C ASP D 148 -15.63 9.66 4.51
N MET D 149 -15.01 8.59 4.97
CA MET D 149 -13.81 8.67 5.78
C MET D 149 -12.55 8.80 4.92
N ILE D 150 -12.67 8.65 3.61
CA ILE D 150 -11.50 8.61 2.75
C ILE D 150 -11.25 9.88 1.93
N THR D 151 -12.30 10.46 1.35
CA THR D 151 -12.17 11.64 0.53
C THR D 151 -11.49 12.82 1.26
N PRO D 152 -11.70 13.01 2.56
CA PRO D 152 -11.02 14.16 3.22
C PRO D 152 -9.50 14.22 3.03
N GLN D 153 -8.83 13.09 2.93
CA GLN D 153 -7.39 13.09 2.77
C GLN D 153 -6.96 13.75 1.46
N TYR D 154 -7.88 13.84 0.51
CA TYR D 154 -7.61 14.46 -0.80
C TYR D 154 -7.64 15.99 -0.83
N TYR D 155 -8.35 16.61 0.10
CA TYR D 155 -8.54 18.05 0.06
C TYR D 155 -8.98 18.75 1.37
N ALA D 156 -8.90 18.09 2.53
CA ALA D 156 -9.32 18.75 3.77
C ALA D 156 -8.40 19.91 4.11
N ASP D 157 -7.16 19.82 3.63
CA ASP D 157 -6.19 20.89 3.82
C ASP D 157 -6.59 22.21 3.15
N LEU D 158 -7.61 22.18 2.29
CA LEU D 158 -8.10 23.38 1.62
C LEU D 158 -9.46 23.86 2.13
N ILE D 159 -9.95 23.23 3.21
CA ILE D 159 -11.29 23.47 3.73
C ILE D 159 -11.21 24.25 5.02
N SER D 160 -11.97 25.32 5.10
CA SER D 160 -11.96 26.19 6.28
C SER D 160 -13.09 25.84 7.26
N TRP D 161 -14.11 25.15 6.77
CA TRP D 161 -15.23 24.76 7.59
C TRP D 161 -15.92 23.57 7.00
N GLY D 162 -16.29 22.63 7.86
CA GLY D 162 -16.83 21.37 7.39
C GLY D 162 -18.20 21.13 7.97
N ALA D 163 -18.99 20.34 7.27
CA ALA D 163 -20.30 20.00 7.74
C ALA D 163 -20.41 18.50 7.88
N ILE D 164 -21.13 18.07 8.91
CA ILE D 164 -21.65 16.72 8.97
C ILE D 164 -23.15 16.84 8.79
N GLY D 165 -23.66 16.18 7.76
CA GLY D 165 -25.05 16.26 7.40
C GLY D 165 -26.00 15.63 8.37
N ALA D 166 -27.27 15.91 8.12
CA ALA D 166 -28.36 15.52 9.00
C ALA D 166 -28.45 14.01 9.14
N ARG D 167 -28.19 13.32 8.03
CA ARG D 167 -28.24 11.88 7.94
C ARG D 167 -27.02 11.14 8.56
N THR D 168 -26.00 11.87 8.98
CA THR D 168 -24.79 11.25 9.51
C THR D 168 -24.33 11.85 10.83
N THR D 169 -25.02 12.87 11.31
CA THR D 169 -24.70 13.48 12.59
C THR D 169 -24.76 12.44 13.72
N GLU D 170 -25.69 11.47 13.62
CA GLU D 170 -25.82 10.37 14.62
C GLU D 170 -24.81 9.23 14.44
N SER D 171 -24.14 9.16 13.29
CA SER D 171 -23.19 8.10 12.98
C SER D 171 -21.90 8.31 13.76
N GLN D 172 -21.48 7.26 14.46
CA GLN D 172 -20.31 7.30 15.31
C GLN D 172 -19.01 7.55 14.53
N VAL D 173 -18.86 6.96 13.35
CA VAL D 173 -17.62 7.14 12.61
C VAL D 173 -17.49 8.56 12.10
N HIS D 174 -18.62 9.18 11.79
CA HIS D 174 -18.60 10.55 11.31
C HIS D 174 -18.21 11.50 12.43
N ARG D 175 -18.59 11.16 13.66
CA ARG D 175 -18.22 11.97 14.80
C ARG D 175 -16.73 11.83 15.06
N GLU D 176 -16.24 10.62 14.88
CA GLU D 176 -14.82 10.35 15.08
C GLU D 176 -14.02 11.06 14.01
N LEU D 177 -14.53 11.05 12.77
CA LEU D 177 -13.93 11.82 11.69
C LEU D 177 -13.85 13.30 12.09
N ALA D 178 -14.95 13.85 12.59
CA ALA D 178 -14.96 15.25 12.98
C ALA D 178 -13.92 15.55 14.07
N SER D 179 -13.69 14.58 14.95
CA SER D 179 -12.74 14.74 16.03
C SER D 179 -11.31 14.96 15.55
N GLY D 180 -10.99 14.54 14.33
CA GLY D 180 -9.65 14.70 13.74
C GLY D 180 -9.56 15.64 12.53
N LEU D 181 -10.67 16.27 12.19
CA LEU D 181 -10.69 17.24 11.10
C LEU D 181 -10.01 18.54 11.58
N SER D 182 -9.13 19.08 10.73
CA SER D 182 -8.33 20.26 11.10
C SER D 182 -9.16 21.55 11.17
N CYS D 183 -10.37 21.51 10.62
CA CYS D 183 -11.25 22.66 10.53
C CYS D 183 -12.35 22.59 11.57
N PRO D 184 -12.93 23.73 11.94
CA PRO D 184 -14.15 23.72 12.69
C PRO D 184 -15.21 22.94 11.95
N VAL D 185 -16.17 22.35 12.67
CA VAL D 185 -17.19 21.48 12.10
C VAL D 185 -18.57 21.81 12.67
N GLY D 186 -19.57 21.89 11.78
CA GLY D 186 -20.94 22.05 12.18
C GLY D 186 -21.74 20.76 12.01
N PHE D 187 -22.46 20.35 13.05
CA PHE D 187 -23.33 19.18 13.00
C PHE D 187 -24.76 19.62 12.85
N LYS D 188 -25.45 19.13 11.83
CA LYS D 188 -26.86 19.46 11.64
C LYS D 188 -27.77 18.63 12.51
N ASN D 189 -28.95 19.17 12.85
CA ASN D 189 -29.92 18.35 13.56
C ASN D 189 -30.51 17.32 12.59
N GLY D 190 -31.21 16.34 13.14
CA GLY D 190 -31.60 15.15 12.37
C GLY D 190 -32.69 15.53 11.40
N THR D 191 -33.04 14.64 10.48
CA THR D 191 -33.95 15.04 9.40
C THR D 191 -35.38 15.31 9.89
N ASP D 192 -35.79 14.69 11.00
CA ASP D 192 -37.07 15.00 11.65
C ASP D 192 -37.01 16.05 12.78
N GLY D 193 -35.85 16.69 12.98
CA GLY D 193 -35.70 17.80 13.95
C GLY D 193 -35.00 17.46 15.27
N ASN D 194 -34.58 16.22 15.46
CA ASN D 194 -33.81 15.85 16.64
C ASN D 194 -32.51 16.66 16.77
N LEU D 195 -32.48 17.55 17.76
CA LEU D 195 -31.31 18.38 18.07
C LEU D 195 -30.30 17.69 19.01
N LYS D 196 -30.77 16.79 19.89
CA LYS D 196 -29.91 16.12 20.86
C LYS D 196 -28.76 15.36 20.21
N ILE D 197 -29.00 14.76 19.05
CA ILE D 197 -27.95 14.05 18.35
C ILE D 197 -26.79 14.97 17.95
N ALA D 198 -27.11 16.22 17.57
CA ALA D 198 -26.08 17.17 17.18
C ALA D 198 -25.30 17.65 18.41
N ILE D 199 -26.02 17.79 19.53
CA ILE D 199 -25.40 18.16 20.81
C ILE D 199 -24.49 17.03 21.30
N ASP D 200 -24.94 15.79 21.15
CA ASP D 200 -24.10 14.65 21.50
C ASP D 200 -22.87 14.63 20.58
N ALA D 201 -23.10 14.87 19.30
CA ALA D 201 -22.01 14.84 18.34
C ALA D 201 -20.92 15.84 18.69
N ILE D 202 -21.28 17.05 19.07
CA ILE D 202 -20.28 17.99 19.50
C ILE D 202 -19.49 17.40 20.63
N GLY D 203 -20.21 16.87 21.63
CA GLY D 203 -19.60 16.17 22.77
C GLY D 203 -18.55 15.18 22.31
N ALA D 204 -18.99 14.17 21.57
CA ALA D 204 -18.11 13.11 21.07
C ALA D 204 -16.93 13.66 20.24
N ALA D 205 -17.23 14.57 19.33
CA ALA D 205 -16.19 15.10 18.45
C ALA D 205 -15.09 15.84 19.21
N SER D 206 -15.41 16.38 20.38
CA SER D 206 -14.43 17.13 21.15
C SER D 206 -13.40 16.25 21.84
N HIS D 207 -13.71 14.95 21.97
CA HIS D 207 -12.81 14.02 22.62
C HIS D 207 -11.92 13.33 21.61
N SER D 208 -10.89 12.66 22.10
CA SER D 208 -10.00 11.85 21.29
C SER D 208 -10.64 10.52 20.92
N HIS D 209 -10.38 10.06 19.68
CA HIS D 209 -10.88 8.77 19.20
C HIS D 209 -9.81 8.04 18.42
N HIS D 210 -10.07 6.77 18.14
CA HIS D 210 -9.30 5.96 17.21
C HIS D 210 -10.26 5.52 16.12
N PHE D 211 -10.02 5.91 14.88
CA PHE D 211 -10.82 5.38 13.78
C PHE D 211 -9.92 4.95 12.63
N LEU D 212 -10.48 4.13 11.76
CA LEU D 212 -9.70 3.49 10.72
C LEU D 212 -9.90 4.25 9.44
N SER D 213 -8.81 4.56 8.76
CA SER D 213 -8.90 5.31 7.54
C SER D 213 -7.68 5.00 6.68
N VAL D 214 -7.30 5.95 5.84
CA VAL D 214 -6.24 5.74 4.90
C VAL D 214 -5.18 6.81 5.09
N THR D 215 -3.90 6.43 4.98
CA THR D 215 -2.82 7.41 5.01
C THR D 215 -2.82 8.23 3.73
N LYS D 216 -2.03 9.31 3.69
CA LYS D 216 -1.83 10.08 2.45
C LYS D 216 -1.35 9.20 1.30
N ALA D 217 -0.68 8.10 1.64
CA ALA D 217 -0.17 7.20 0.65
C ALA D 217 -1.16 6.13 0.23
N GLY D 218 -2.41 6.24 0.69
CA GLY D 218 -3.45 5.26 0.31
C GLY D 218 -3.50 3.92 1.05
N HIS D 219 -2.81 3.80 2.20
CA HIS D 219 -2.77 2.54 2.95
C HIS D 219 -3.60 2.66 4.20
N SER D 220 -4.32 1.60 4.55
CA SER D 220 -5.21 1.68 5.70
C SER D 220 -4.36 1.84 6.94
N ALA D 221 -4.87 2.61 7.88
CA ALA D 221 -4.17 2.93 9.09
C ALA D 221 -5.15 3.28 10.20
N ILE D 222 -4.62 3.31 11.40
CA ILE D 222 -5.34 3.68 12.57
C ILE D 222 -5.01 5.14 12.83
N VAL D 223 -6.04 5.96 12.95
CA VAL D 223 -5.80 7.36 13.22
C VAL D 223 -6.29 7.69 14.63
N HIS D 224 -5.35 8.16 15.44
CA HIS D 224 -5.62 8.55 16.79
C HIS D 224 -5.80 10.06 16.76
N THR D 225 -7.02 10.54 17.01
CA THR D 225 -7.33 11.96 16.92
C THR D 225 -7.17 12.70 18.24
N GLY D 226 -6.87 13.98 18.17
CA GLY D 226 -6.80 14.82 19.36
C GLY D 226 -8.13 15.33 19.88
N GLY D 227 -9.18 15.23 19.07
CA GLY D 227 -10.46 15.88 19.39
C GLY D 227 -10.57 17.24 18.72
N ASN D 228 -11.80 17.67 18.49
CA ASN D 228 -12.10 18.92 17.80
C ASN D 228 -12.86 19.90 18.69
N PRO D 229 -12.18 20.96 19.18
CA PRO D 229 -12.82 21.86 20.13
C PRO D 229 -13.71 22.90 19.47
N ASP D 230 -13.74 22.92 18.14
CA ASP D 230 -14.39 23.98 17.40
C ASP D 230 -15.64 23.45 16.67
N CYS D 231 -16.44 22.66 17.38
CA CYS D 231 -17.67 22.13 16.81
C CYS D 231 -18.89 22.86 17.31
N HIS D 232 -19.91 22.90 16.47
CA HIS D 232 -21.15 23.54 16.84
C HIS D 232 -22.30 22.88 16.10
N VAL D 233 -23.50 23.26 16.47
CA VAL D 233 -24.71 22.65 15.95
C VAL D 233 -25.24 23.54 14.83
N ILE D 234 -26.01 22.95 13.91
CA ILE D 234 -26.66 23.71 12.86
C ILE D 234 -28.15 23.40 12.89
N LEU D 235 -28.96 24.42 13.04
CA LEU D 235 -30.42 24.25 13.03
C LEU D 235 -30.88 24.30 11.59
N ARG D 236 -31.39 23.18 11.07
CA ARG D 236 -31.83 23.09 9.68
C ARG D 236 -33.26 22.61 9.53
N GLY D 237 -34.01 22.67 10.63
CA GLY D 237 -35.42 22.26 10.63
C GLY D 237 -35.64 20.76 10.74
N GLY D 238 -36.91 20.39 10.87
CA GLY D 238 -37.34 19.01 11.02
C GLY D 238 -38.70 18.80 10.39
N LYS D 239 -39.64 18.26 11.15
CA LYS D 239 -41.04 18.23 10.73
C LYS D 239 -41.48 19.68 10.56
N GLU D 240 -41.12 20.49 11.55
CA GLU D 240 -41.34 21.92 11.56
C GLU D 240 -40.01 22.66 11.44
N PRO D 241 -40.02 23.87 10.85
CA PRO D 241 -38.84 24.73 10.87
C PRO D 241 -38.36 25.00 12.29
N ASN D 242 -37.07 25.27 12.47
CA ASN D 242 -36.54 25.51 13.82
C ASN D 242 -35.58 26.70 13.89
N TYR D 243 -35.88 27.74 13.12
CA TYR D 243 -34.96 28.87 13.01
C TYR D 243 -35.32 30.03 13.93
N ASP D 244 -36.54 30.06 14.47
CA ASP D 244 -37.01 31.27 15.18
C ASP D 244 -36.38 31.44 16.55
N ALA D 245 -36.66 32.58 17.19
CA ALA D 245 -36.02 32.99 18.43
C ALA D 245 -36.25 32.01 19.57
N GLU D 246 -37.44 31.44 19.64
CA GLU D 246 -37.79 30.46 20.69
C GLU D 246 -37.03 29.14 20.49
N HIS D 247 -36.97 28.66 19.25
CA HIS D 247 -36.17 27.46 18.95
C HIS D 247 -34.72 27.73 19.29
N VAL D 248 -34.25 28.91 18.87
CA VAL D 248 -32.88 29.33 19.13
C VAL D 248 -32.63 29.33 20.63
N SER D 249 -33.50 30.01 21.35
CA SER D 249 -33.39 30.06 22.80
C SER D 249 -33.48 28.70 23.49
N GLU D 250 -34.34 27.82 22.99
CA GLU D 250 -34.46 26.46 23.55
C GLU D 250 -33.23 25.61 23.24
N ALA D 251 -32.63 25.83 22.06
CA ALA D 251 -31.42 25.11 21.67
C ALA D 251 -30.25 25.52 22.55
N ALA D 252 -30.15 26.83 22.77
CA ALA D 252 -29.09 27.40 23.59
C ALA D 252 -29.11 26.86 25.03
N GLU D 253 -30.29 26.73 25.62
CA GLU D 253 -30.41 26.15 26.98
C GLU D 253 -29.92 24.70 26.99
N GLN D 254 -30.28 23.94 25.96
CA GLN D 254 -29.85 22.53 25.85
C GLN D 254 -28.34 22.43 25.69
N LEU D 255 -27.78 23.29 24.87
CA LEU D 255 -26.33 23.35 24.65
C LEU D 255 -25.57 23.69 25.91
N ARG D 256 -25.99 24.74 26.62
CA ARG D 256 -25.40 25.08 27.93
C ARG D 256 -25.55 23.92 28.91
N ALA D 257 -26.76 23.38 29.01
CA ALA D 257 -27.03 22.22 29.86
C ALA D 257 -26.04 21.07 29.60
N ALA D 258 -25.64 20.88 28.35
CA ALA D 258 -24.65 19.86 28.01
C ALA D 258 -23.19 20.31 28.14
N GLY D 259 -22.95 21.53 28.60
CA GLY D 259 -21.60 22.02 28.77
C GLY D 259 -20.83 22.16 27.48
N VAL D 260 -21.54 22.48 26.38
CA VAL D 260 -20.91 22.81 25.09
C VAL D 260 -21.29 24.22 24.66
N THR D 261 -20.63 24.73 23.63
CA THR D 261 -20.89 26.08 23.15
C THR D 261 -22.35 26.29 22.80
N ASP D 262 -22.89 27.42 23.24
CA ASP D 262 -24.28 27.77 22.98
C ASP D 262 -24.40 28.73 21.80
N LYS D 263 -23.33 28.81 21.01
CA LYS D 263 -23.31 29.55 19.76
C LYS D 263 -23.61 28.55 18.66
N LEU D 264 -24.60 28.87 17.82
CA LEU D 264 -25.06 27.95 16.79
C LEU D 264 -25.21 28.65 15.44
N MET D 265 -25.44 27.84 14.40
CA MET D 265 -25.67 28.30 13.05
C MET D 265 -27.06 27.91 12.60
N ILE D 266 -27.65 28.73 11.76
CA ILE D 266 -29.00 28.52 11.26
C ILE D 266 -28.96 28.35 9.74
N ASP D 267 -29.39 27.19 9.29
CA ASP D 267 -29.55 26.95 7.88
C ASP D 267 -30.84 27.62 7.41
N CYS D 268 -30.75 28.56 6.47
CA CYS D 268 -31.92 29.16 5.84
C CYS D 268 -32.59 28.26 4.81
N SER D 269 -31.95 27.17 4.40
CA SER D 269 -32.48 26.34 3.32
C SER D 269 -32.98 25.01 3.86
N HIS D 270 -33.15 24.03 2.97
CA HIS D 270 -33.62 22.68 3.33
C HIS D 270 -34.98 22.69 4.11
N ALA D 271 -35.05 22.03 5.26
CA ALA D 271 -36.32 21.91 5.97
C ALA D 271 -36.78 23.23 6.60
N ASN D 272 -35.83 24.13 6.90
CA ASN D 272 -36.19 25.44 7.43
C ASN D 272 -36.88 26.34 6.40
N SER D 273 -36.70 26.03 5.11
CA SER D 273 -37.39 26.75 4.02
C SER D 273 -38.53 25.91 3.40
N ARG D 274 -38.77 24.72 3.96
CA ARG D 274 -39.76 23.78 3.41
C ARG D 274 -39.37 23.31 2.00
N LYS D 275 -38.06 23.18 1.77
CA LYS D 275 -37.48 22.84 0.46
C LYS D 275 -37.91 23.77 -0.69
N ASP D 276 -38.24 25.02 -0.34
CA ASP D 276 -38.69 26.04 -1.28
C ASP D 276 -37.68 27.19 -1.19
N TYR D 277 -36.94 27.40 -2.29
CA TYR D 277 -35.82 28.33 -2.27
C TYR D 277 -36.17 29.79 -1.95
N THR D 278 -37.28 30.28 -2.51
CA THR D 278 -37.84 31.60 -2.15
C THR D 278 -37.96 31.87 -0.63
N ARG D 279 -38.25 30.84 0.18
CA ARG D 279 -38.43 31.05 1.61
C ARG D 279 -37.12 31.29 2.38
N GLN D 280 -35.98 31.08 1.74
CA GLN D 280 -34.69 31.38 2.39
C GLN D 280 -34.62 32.86 2.84
N MET D 281 -35.10 33.76 2.00
CA MET D 281 -35.13 35.17 2.40
C MET D 281 -36.00 35.37 3.65
N GLU D 282 -37.16 34.71 3.71
CA GLU D 282 -38.00 34.78 4.91
C GLU D 282 -37.20 34.43 6.16
N VAL D 283 -36.47 33.31 6.10
CA VAL D 283 -35.70 32.82 7.24
C VAL D 283 -34.63 33.84 7.66
N ALA D 284 -33.95 34.39 6.66
CA ALA D 284 -32.91 35.40 6.89
C ALA D 284 -33.52 36.66 7.51
N GLN D 285 -34.70 37.03 7.03
CA GLN D 285 -35.42 38.18 7.59
C GLN D 285 -35.70 37.95 9.07
N ASP D 286 -36.16 36.76 9.40
CA ASP D 286 -36.40 36.39 10.79
C ASP D 286 -35.08 36.42 11.57
N ILE D 287 -33.99 35.97 10.96
CA ILE D 287 -32.70 35.99 11.65
C ILE D 287 -32.25 37.43 11.85
N ALA D 288 -32.45 38.26 10.83
CA ALA D 288 -32.12 39.68 10.94
C ALA D 288 -32.88 40.31 12.11
N ALA D 289 -34.18 40.01 12.22
CA ALA D 289 -35.00 40.49 13.34
C ALA D 289 -34.45 40.04 14.70
N GLN D 290 -33.93 38.82 14.77
CA GLN D 290 -33.37 38.32 16.02
C GLN D 290 -32.08 39.05 16.36
N LEU D 291 -31.26 39.32 15.35
CA LEU D 291 -30.00 40.04 15.58
C LEU D 291 -30.20 41.47 16.10
N GLU D 292 -31.28 42.11 15.66
CA GLU D 292 -31.57 43.49 16.07
C GLU D 292 -32.08 43.55 17.51
N GLN D 293 -32.88 42.55 17.89
CA GLN D 293 -33.38 42.42 19.24
C GLN D 293 -32.25 42.03 20.21
N ASP D 294 -31.71 40.83 20.05
CA ASP D 294 -30.60 40.34 20.89
C ASP D 294 -29.79 39.31 20.11
N GLY D 295 -30.32 38.08 20.00
CA GLY D 295 -29.76 37.06 19.13
C GLY D 295 -28.28 36.78 19.35
N GLY D 296 -27.84 36.89 20.60
CA GLY D 296 -26.45 36.65 20.96
C GLY D 296 -25.96 35.24 20.67
N ASN D 297 -26.88 34.27 20.65
CA ASN D 297 -26.54 32.87 20.44
C ASN D 297 -26.26 32.47 18.99
N ILE D 298 -26.60 33.32 18.03
CA ILE D 298 -26.40 33.01 16.62
C ILE D 298 -24.99 33.39 16.21
N MET D 299 -24.22 32.43 15.70
CA MET D 299 -22.87 32.72 15.18
C MET D 299 -22.74 32.55 13.67
N GLY D 300 -23.77 31.99 13.03
CA GLY D 300 -23.70 31.78 11.59
C GLY D 300 -25.01 31.47 10.92
N VAL D 301 -25.02 31.55 9.59
CA VAL D 301 -26.15 31.14 8.77
C VAL D 301 -25.66 30.41 7.52
N MET D 302 -26.56 29.64 6.94
CA MET D 302 -26.29 28.83 5.76
C MET D 302 -27.33 29.17 4.71
N VAL D 303 -26.86 29.40 3.48
CA VAL D 303 -27.71 29.83 2.39
C VAL D 303 -27.34 29.05 1.14
N GLU D 304 -28.34 28.55 0.40
CA GLU D 304 -28.08 27.89 -0.87
C GLU D 304 -28.34 28.88 -1.99
N SER D 305 -27.27 29.25 -2.66
CA SER D 305 -27.22 30.40 -3.56
C SER D 305 -26.38 30.06 -4.78
N HIS D 306 -26.81 30.50 -5.95
CA HIS D 306 -26.09 30.26 -7.21
C HIS D 306 -26.27 31.48 -8.12
N LEU D 307 -25.68 31.45 -9.31
CA LEU D 307 -25.74 32.55 -10.26
C LEU D 307 -27.16 32.78 -10.68
N VAL D 308 -27.82 31.67 -10.98
CA VAL D 308 -29.20 31.65 -11.44
C VAL D 308 -30.06 30.84 -10.45
N GLU D 309 -31.26 31.36 -10.23
CA GLU D 309 -32.20 30.78 -9.27
C GLU D 309 -32.82 29.46 -9.73
N GLY D 310 -33.35 28.72 -8.76
CA GLY D 310 -34.12 27.50 -9.03
C GLY D 310 -33.27 26.26 -9.18
N ARG D 311 -33.79 25.30 -9.94
CA ARG D 311 -33.09 24.05 -10.21
C ARG D 311 -33.46 23.50 -11.59
N GLN D 312 -32.72 22.46 -12.00
CA GLN D 312 -32.98 21.75 -13.25
C GLN D 312 -32.50 20.31 -13.08
N ASP D 313 -33.10 19.40 -13.85
CA ASP D 313 -32.74 17.97 -13.77
C ASP D 313 -31.49 17.70 -14.58
N LYS D 314 -31.41 18.28 -15.79
CA LYS D 314 -30.21 18.18 -16.63
C LYS D 314 -29.37 19.46 -16.53
N PRO D 315 -28.02 19.35 -16.59
CA PRO D 315 -27.15 20.52 -16.50
C PRO D 315 -27.16 21.33 -17.80
N GLU D 316 -28.33 21.87 -18.14
CA GLU D 316 -28.55 22.55 -19.40
C GLU D 316 -28.15 24.03 -19.28
N VAL D 317 -28.66 24.67 -18.24
CA VAL D 317 -28.43 26.08 -17.99
C VAL D 317 -27.23 26.29 -17.08
N TYR D 318 -26.39 27.26 -17.46
CA TYR D 318 -25.16 27.59 -16.74
C TYR D 318 -25.48 28.21 -15.39
N GLY D 319 -24.77 27.75 -14.36
CA GLY D 319 -24.85 28.34 -13.02
C GLY D 319 -26.21 28.21 -12.39
N LYS D 320 -26.91 27.14 -12.75
CA LYS D 320 -28.21 26.80 -12.16
C LYS D 320 -28.14 25.41 -11.55
N SER D 321 -28.58 25.28 -10.30
CA SER D 321 -28.41 24.03 -9.55
C SER D 321 -29.05 22.82 -10.21
N ILE D 322 -28.38 21.68 -10.12
CA ILE D 322 -29.01 20.41 -10.49
C ILE D 322 -29.46 19.58 -9.27
N THR D 323 -29.18 20.08 -8.07
CA THR D 323 -29.66 19.42 -6.83
C THR D 323 -30.73 20.32 -6.20
N ASP D 324 -30.57 20.78 -4.96
CA ASP D 324 -31.61 21.64 -4.35
C ASP D 324 -31.69 22.98 -5.04
N ALA D 325 -32.89 23.52 -5.17
CA ALA D 325 -33.08 24.83 -5.77
C ALA D 325 -32.41 25.92 -4.92
N CYS D 326 -31.72 26.84 -5.59
CA CYS D 326 -31.03 27.92 -4.90
C CYS D 326 -31.67 29.26 -5.26
N ILE D 327 -31.41 30.28 -4.45
CA ILE D 327 -31.75 31.66 -4.83
C ILE D 327 -30.70 32.13 -5.83
N GLY D 328 -31.12 33.02 -6.73
CA GLY D 328 -30.25 33.56 -7.76
C GLY D 328 -29.36 34.64 -7.16
N TRP D 329 -28.57 35.29 -8.02
CA TRP D 329 -27.57 36.22 -7.53
C TRP D 329 -28.20 37.52 -7.00
N GLY D 330 -29.23 38.01 -7.68
CA GLY D 330 -29.95 39.19 -7.19
C GLY D 330 -30.40 39.05 -5.74
N ALA D 331 -31.16 37.99 -5.46
CA ALA D 331 -31.62 37.65 -4.11
C ALA D 331 -30.46 37.49 -3.12
N THR D 332 -29.34 36.96 -3.60
CA THR D 332 -28.16 36.78 -2.74
C THR D 332 -27.57 38.12 -2.24
N GLU D 333 -27.35 39.08 -3.14
CA GLU D 333 -26.93 40.44 -2.74
C GLU D 333 -27.92 41.05 -1.74
N GLU D 334 -29.21 40.81 -1.95
CA GLU D 334 -30.25 41.30 -1.06
C GLU D 334 -30.09 40.67 0.32
N LEU D 335 -30.07 39.36 0.35
CA LEU D 335 -29.99 38.64 1.59
C LEU D 335 -28.74 39.03 2.38
N LEU D 336 -27.61 39.20 1.72
CA LEU D 336 -26.37 39.49 2.44
C LEU D 336 -26.38 40.91 2.97
N ALA D 337 -26.86 41.87 2.18
CA ALA D 337 -27.04 43.25 2.66
C ALA D 337 -27.96 43.26 3.90
N LEU D 338 -29.04 42.50 3.83
CA LEU D 338 -29.94 42.37 4.95
C LEU D 338 -29.21 41.89 6.20
N LEU D 339 -28.43 40.81 6.08
CA LEU D 339 -27.76 40.27 7.23
C LEU D 339 -26.66 41.20 7.75
N ALA D 340 -25.86 41.73 6.83
CA ALA D 340 -24.82 42.70 7.19
C ALA D 340 -25.38 43.84 8.03
N GLY D 341 -26.42 44.49 7.52
CA GLY D 341 -27.03 45.64 8.18
C GLY D 341 -27.52 45.25 9.56
N ALA D 342 -28.21 44.11 9.66
CA ALA D 342 -28.71 43.66 10.94
C ALA D 342 -27.56 43.42 11.91
N ASN D 343 -26.53 42.70 11.47
CA ASN D 343 -25.45 42.37 12.39
C ASN D 343 -24.55 43.54 12.77
N LYS D 344 -24.38 44.51 11.88
CA LYS D 344 -23.69 45.76 12.21
C LYS D 344 -24.24 46.40 13.50
N LYS D 345 -25.56 46.34 13.65
CA LYS D 345 -26.23 46.89 14.83
C LYS D 345 -25.98 46.05 16.08
N ARG D 346 -26.00 44.72 15.94
CA ARG D 346 -25.71 43.88 17.08
C ARG D 346 -24.30 44.18 17.61
N MET D 347 -23.32 44.24 16.70
CA MET D 347 -21.91 44.44 17.08
C MET D 347 -21.65 45.77 17.79
N ALA D 348 -22.42 46.80 17.44
CA ALA D 348 -22.32 48.13 18.05
C ALA D 348 -22.88 48.21 19.48
N ARG D 349 -23.84 47.35 19.80
CA ARG D 349 -24.41 47.29 21.15
C ARG D 349 -23.45 46.63 22.18
N ALA D 350 -22.25 46.24 21.75
CA ALA D 350 -21.23 45.70 22.67
C ALA D 350 -19.84 45.78 22.05
MN MN E . 27.99 -22.78 -1.35
N TRP F . 15.73 -3.09 7.48
CA TRP F . 17.16 -3.23 7.02
C TRP F . 18.09 -3.30 8.21
O TRP F . 19.18 -3.87 8.08
CB TRP F . 17.59 -2.08 6.08
CG TRP F . 16.75 -2.04 4.86
CD1 TRP F . 16.88 -2.81 3.72
CD2 TRP F . 15.61 -1.23 4.67
NE1 TRP F . 15.87 -2.50 2.84
CE2 TRP F . 15.09 -1.53 3.40
CE3 TRP F . 14.98 -0.28 5.45
CZ2 TRP F . 13.96 -0.92 2.91
CZ3 TRP F . 13.85 0.34 4.98
CH2 TRP F . 13.35 0.02 3.71
OXT TRP F . 17.79 -2.76 9.28
MN MN G . 29.09 5.51 -20.83
N TRP H . 6.62 -3.55 -16.49
CA TRP H . 7.84 -4.23 -17.05
C TRP H . 7.79 -4.39 -18.55
O TRP H . 8.83 -4.61 -19.15
CB TRP H . 8.08 -5.61 -16.40
CG TRP H . 8.38 -5.42 -14.96
CD1 TRP H . 9.56 -5.00 -14.39
CD2 TRP H . 7.46 -5.59 -13.89
NE1 TRP H . 9.41 -4.89 -13.04
CE2 TRP H . 8.14 -5.25 -12.70
CE3 TRP H . 6.12 -5.99 -13.82
CZ2 TRP H . 7.53 -5.32 -11.47
CZ3 TRP H . 5.51 -6.04 -12.60
CH2 TRP H . 6.21 -5.71 -11.44
OXT TRP H . 6.74 -4.29 -19.17
MN MN I . -27.80 -4.00 22.74
N TRP J . -15.70 -8.46 1.54
CA TRP J . -17.10 -7.98 1.76
C TRP J . -18.07 -9.14 1.64
O TRP J . -17.78 -10.14 0.99
CB TRP J . -17.47 -6.82 0.77
CG TRP J . -16.62 -5.62 0.97
CD1 TRP J . -16.70 -4.70 2.00
CD2 TRP J . -15.51 -5.23 0.17
NE1 TRP J . -15.71 -3.76 1.86
CE2 TRP J . -14.96 -4.06 0.75
CE3 TRP J . -14.93 -5.75 -0.99
CZ2 TRP J . -13.86 -3.41 0.19
CZ3 TRP J . -13.82 -5.10 -1.53
CH2 TRP J . -13.29 -3.95 -0.94
OXT TRP J . -19.16 -9.09 2.20
MN MN K . -28.70 21.21 -0.49
N TRP L . -6.26 15.04 6.95
CA TRP L . -7.50 15.40 7.70
C TRP L . -7.43 16.85 8.20
O TRP L . -6.34 17.43 8.32
CB TRP L . -7.76 14.43 8.89
CG TRP L . -7.83 12.94 8.46
CD1 TRP L . -8.93 12.28 7.94
CD2 TRP L . -6.77 11.99 8.50
NE1 TRP L . -8.59 10.97 7.67
CE2 TRP L . -7.27 10.77 8.01
CE3 TRP L . -5.43 12.05 8.91
CZ2 TRP L . -6.49 9.63 7.90
CZ3 TRP L . -4.64 10.91 8.81
CH2 TRP L . -5.17 9.71 8.30
OXT TRP L . -8.45 17.50 8.48
#